data_2MZ9
#
_entry.id   2MZ9
#
_cell.length_a   1.000
_cell.length_b   1.000
_cell.length_c   1.000
_cell.angle_alpha   90.00
_cell.angle_beta   90.00
_cell.angle_gamma   90.00
#
_symmetry.space_group_name_H-M   'P 1'
#
loop_
_entity.id
_entity.type
_entity.pdbx_description
1 polymer PpcA
2 non-polymer 'HEME C'
#
_entity_poly.entity_id   1
_entity_poly.type   'polypeptide(L)'
_entity_poly.pdbx_seq_one_letter_code
;ADDIVLKAKNGDVKFPHKAHQKAVPDCKKCHEKGPGKIEGFGKEMAHGKGCKGCHEEMKKGPTKCGECHKK
;
_entity_poly.pdbx_strand_id   A
#
# COMPACT_ATOMS: atom_id res chain seq x y z
N ALA A 1 -12.49 5.39 -3.07
CA ALA A 1 -13.16 6.53 -2.47
C ALA A 1 -12.35 7.01 -1.27
N ASP A 2 -11.08 7.32 -1.52
CA ASP A 2 -10.20 7.79 -0.48
C ASP A 2 -9.60 6.58 0.25
N ASP A 3 -10.44 5.59 0.51
CA ASP A 3 -10.00 4.39 1.19
C ASP A 3 -10.13 3.20 0.25
N ILE A 4 -9.02 2.53 0.02
CA ILE A 4 -9.00 1.37 -0.84
C ILE A 4 -8.93 0.09 0.00
N VAL A 5 -10.03 -0.63 0.01
CA VAL A 5 -10.11 -1.88 0.77
C VAL A 5 -9.49 -3.00 -0.05
N LEU A 6 -8.52 -3.67 0.55
CA LEU A 6 -7.84 -4.77 -0.11
C LEU A 6 -8.32 -6.10 0.50
N LYS A 7 -9.50 -6.52 0.08
CA LYS A 7 -10.08 -7.76 0.57
C LYS A 7 -8.97 -8.79 0.77
N ALA A 8 -8.83 -9.22 2.01
CA ALA A 8 -7.81 -10.20 2.35
C ALA A 8 -8.47 -11.40 3.04
N LYS A 9 -7.87 -12.56 2.83
CA LYS A 9 -8.40 -13.79 3.42
C LYS A 9 -7.96 -13.86 4.89
N ASN A 10 -7.06 -12.97 5.25
CA ASN A 10 -6.57 -12.92 6.62
C ASN A 10 -6.65 -11.48 7.14
N GLY A 11 -7.87 -10.96 7.13
CA GLY A 11 -8.10 -9.61 7.60
C GLY A 11 -7.96 -8.60 6.46
N ASP A 12 -8.91 -7.68 6.39
CA ASP A 12 -8.90 -6.66 5.37
C ASP A 12 -7.85 -5.60 5.70
N VAL A 13 -7.58 -4.74 4.73
CA VAL A 13 -6.60 -3.69 4.92
C VAL A 13 -7.22 -2.34 4.56
N LYS A 14 -7.22 -1.44 5.53
CA LYS A 14 -7.79 -0.12 5.32
C LYS A 14 -6.67 0.85 4.93
N PHE A 15 -6.54 1.06 3.63
CA PHE A 15 -5.53 1.96 3.11
C PHE A 15 -6.17 3.18 2.44
N PRO A 16 -5.82 4.36 2.97
CA PRO A 16 -6.30 5.64 2.49
C PRO A 16 -5.44 6.11 1.34
N HIS A 17 -5.93 5.96 0.11
CA HIS A 17 -5.21 6.36 -1.10
C HIS A 17 -5.13 7.90 -1.16
N LYS A 18 -6.30 8.52 -1.31
CA LYS A 18 -6.37 9.96 -1.39
C LYS A 18 -5.40 10.57 -0.37
N ALA A 19 -5.19 9.83 0.71
CA ALA A 19 -4.29 10.29 1.75
C ALA A 19 -2.84 10.01 1.34
N HIS A 20 -2.62 8.80 0.84
CA HIS A 20 -1.30 8.37 0.38
C HIS A 20 -0.95 9.06 -0.94
N GLN A 21 -1.90 9.84 -1.45
CA GLN A 21 -1.70 10.55 -2.69
C GLN A 21 -0.48 11.48 -2.58
N LYS A 22 -0.07 11.71 -1.34
CA LYS A 22 1.07 12.57 -1.08
C LYS A 22 2.15 11.78 -0.34
N ALA A 23 3.03 12.52 0.33
CA ALA A 23 4.11 11.89 1.07
C ALA A 23 5.05 11.17 0.10
N VAL A 24 4.85 11.46 -1.19
CA VAL A 24 5.67 10.84 -2.22
C VAL A 24 6.27 11.94 -3.10
N PRO A 25 7.55 11.77 -3.43
CA PRO A 25 8.31 12.68 -4.25
C PRO A 25 7.39 13.37 -5.23
N ASP A 26 6.86 12.61 -6.18
CA ASP A 26 5.96 13.18 -7.18
C ASP A 26 5.16 12.05 -7.83
N CYS A 27 4.66 11.15 -6.99
CA CYS A 27 3.88 10.04 -7.47
C CYS A 27 4.69 9.30 -8.53
N LYS A 28 4.17 8.15 -8.95
CA LYS A 28 4.83 7.35 -9.95
C LYS A 28 5.89 6.47 -9.28
N LYS A 29 5.73 6.31 -7.97
CA LYS A 29 6.67 5.49 -7.20
C LYS A 29 6.15 4.06 -7.12
N CYS A 30 4.85 3.94 -6.85
CA CYS A 30 4.22 2.63 -6.74
C CYS A 30 3.77 2.21 -8.15
N HIS A 31 2.97 3.09 -8.76
CA HIS A 31 2.43 2.86 -10.10
C HIS A 31 3.59 2.70 -11.11
N GLU A 32 4.56 3.59 -11.00
CA GLU A 32 5.70 3.55 -11.89
C GLU A 32 5.40 4.30 -13.19
N LYS A 33 4.58 5.32 -13.06
CA LYS A 33 4.21 6.13 -14.21
C LYS A 33 3.09 5.43 -14.97
N GLY A 34 1.87 5.61 -14.49
CA GLY A 34 0.70 5.01 -15.12
C GLY A 34 -0.24 4.44 -14.06
N PRO A 35 -1.47 4.97 -14.06
CA PRO A 35 -2.53 4.57 -13.16
C PRO A 35 -3.08 3.22 -13.58
N GLY A 36 -4.28 2.90 -13.12
CA GLY A 36 -4.89 1.63 -13.45
C GLY A 36 -4.42 0.53 -12.50
N LYS A 37 -4.83 -0.70 -12.81
CA LYS A 37 -4.46 -1.84 -11.99
C LYS A 37 -2.95 -2.02 -12.02
N ILE A 38 -2.37 -2.11 -10.83
CA ILE A 38 -0.93 -2.28 -10.70
C ILE A 38 -0.56 -3.73 -11.02
N GLU A 39 -0.22 -3.96 -12.29
CA GLU A 39 0.14 -5.30 -12.73
C GLU A 39 -0.66 -6.35 -11.98
N GLY A 40 0.02 -7.44 -11.65
CA GLY A 40 -0.62 -8.54 -10.93
C GLY A 40 -0.31 -8.46 -9.44
N PHE A 41 -0.56 -7.30 -8.86
CA PHE A 41 -0.30 -7.09 -7.45
C PHE A 41 -0.60 -8.36 -6.65
N GLY A 42 0.46 -9.06 -6.29
CA GLY A 42 0.31 -10.28 -5.53
C GLY A 42 0.45 -10.01 -4.03
N LYS A 43 0.14 -11.03 -3.24
CA LYS A 43 0.23 -10.92 -1.79
C LYS A 43 1.69 -10.71 -1.39
N GLU A 44 2.57 -11.29 -2.18
CA GLU A 44 4.00 -11.19 -1.92
C GLU A 44 4.48 -9.75 -2.15
N MET A 45 3.95 -9.15 -3.20
CA MET A 45 4.31 -7.79 -3.54
C MET A 45 3.95 -6.82 -2.41
N ALA A 46 2.82 -7.10 -1.79
CA ALA A 46 2.35 -6.26 -0.69
C ALA A 46 3.48 -6.10 0.33
N HIS A 47 3.86 -7.22 0.93
CA HIS A 47 4.92 -7.27 1.93
C HIS A 47 6.28 -6.92 1.27
N GLY A 48 6.27 -6.89 -0.05
CA GLY A 48 7.48 -6.58 -0.79
C GLY A 48 7.78 -5.07 -0.74
N LYS A 49 8.05 -4.52 -1.91
CA LYS A 49 8.36 -3.10 -2.03
C LYS A 49 7.17 -2.37 -2.66
N GLY A 50 5.99 -2.66 -2.12
CA GLY A 50 4.78 -2.05 -2.63
C GLY A 50 3.72 -1.95 -1.53
N CYS A 51 4.19 -1.74 -0.31
CA CYS A 51 3.30 -1.63 0.83
C CYS A 51 4.15 -1.44 2.09
N LYS A 52 4.81 -2.52 2.48
CA LYS A 52 5.66 -2.49 3.66
C LYS A 52 7.07 -2.04 3.26
N GLY A 53 7.64 -2.76 2.30
CA GLY A 53 8.97 -2.45 1.82
C GLY A 53 9.22 -0.94 1.85
N CYS A 54 8.22 -0.20 1.39
CA CYS A 54 8.31 1.25 1.35
C CYS A 54 8.69 1.74 2.75
N HIS A 55 7.70 1.71 3.65
CA HIS A 55 7.88 2.13 5.04
C HIS A 55 9.25 1.66 5.56
N GLU A 56 9.54 0.38 5.30
CA GLU A 56 10.80 -0.18 5.75
C GLU A 56 11.96 0.72 5.35
N GLU A 57 11.81 1.38 4.21
CA GLU A 57 12.84 2.27 3.71
C GLU A 57 12.45 3.73 3.98
N MET A 58 11.18 4.02 3.70
CA MET A 58 10.67 5.37 3.90
C MET A 58 10.88 5.82 5.35
N LYS A 59 11.10 4.84 6.21
CA LYS A 59 11.32 5.13 7.62
C LYS A 59 10.05 5.78 8.20
N LYS A 60 8.98 5.71 7.44
CA LYS A 60 7.72 6.28 7.86
C LYS A 60 6.59 5.29 7.56
N GLY A 61 5.76 5.07 8.56
CA GLY A 61 4.63 4.16 8.42
C GLY A 61 4.76 2.98 9.38
N PRO A 62 3.67 2.21 9.48
CA PRO A 62 3.57 1.04 10.33
C PRO A 62 3.94 -0.20 9.54
N THR A 63 4.57 -1.17 10.20
CA THR A 63 4.98 -2.39 9.54
C THR A 63 4.28 -3.60 10.17
N LYS A 64 3.68 -3.35 11.33
CA LYS A 64 2.97 -4.41 12.04
C LYS A 64 1.76 -4.86 11.21
N CYS A 65 1.33 -6.08 11.47
CA CYS A 65 0.19 -6.64 10.77
C CYS A 65 -1.07 -5.91 11.24
N GLY A 66 -1.32 -6.01 12.54
CA GLY A 66 -2.48 -5.36 13.13
C GLY A 66 -2.64 -3.94 12.61
N GLU A 67 -1.53 -3.38 12.15
CA GLU A 67 -1.53 -2.03 11.62
C GLU A 67 -2.14 -2.00 10.22
N CYS A 68 -1.81 -3.02 9.44
CA CYS A 68 -2.32 -3.13 8.09
C CYS A 68 -3.60 -3.97 8.12
N HIS A 69 -3.48 -5.15 8.70
CA HIS A 69 -4.59 -6.09 8.82
C HIS A 69 -5.41 -5.77 10.08
N LYS A 70 -6.73 -5.73 9.90
CA LYS A 70 -7.63 -5.43 10.99
C LYS A 70 -8.97 -6.13 10.76
N LYS A 71 -9.61 -6.49 11.86
CA LYS A 71 -10.89 -7.17 11.79
C LYS A 71 -11.97 -6.26 12.37
N ALA A 1 -14.24 5.50 -1.70
CA ALA A 1 -13.41 6.61 -2.13
C ALA A 1 -12.41 6.96 -1.02
N ASP A 2 -11.30 7.55 -1.46
CA ASP A 2 -10.26 7.94 -0.52
C ASP A 2 -9.64 6.69 0.10
N ASP A 3 -10.49 5.87 0.68
CA ASP A 3 -10.04 4.63 1.30
C ASP A 3 -10.24 3.46 0.33
N ILE A 4 -9.20 2.66 0.20
CA ILE A 4 -9.24 1.51 -0.69
C ILE A 4 -9.10 0.23 0.14
N VAL A 5 -10.18 -0.54 0.17
CA VAL A 5 -10.18 -1.79 0.91
C VAL A 5 -9.62 -2.91 0.03
N LEU A 6 -8.56 -3.53 0.52
CA LEU A 6 -7.92 -4.61 -0.20
C LEU A 6 -8.42 -5.95 0.34
N LYS A 7 -9.58 -6.36 -0.15
CA LYS A 7 -10.17 -7.61 0.28
C LYS A 7 -9.07 -8.64 0.51
N ALA A 8 -8.92 -9.01 1.78
CA ALA A 8 -7.89 -9.99 2.16
C ALA A 8 -8.57 -11.23 2.72
N LYS A 9 -7.81 -12.30 2.79
CA LYS A 9 -8.32 -13.57 3.31
C LYS A 9 -8.07 -13.63 4.81
N ASN A 10 -7.09 -12.85 5.26
CA ASN A 10 -6.74 -12.81 6.66
C ASN A 10 -6.76 -11.36 7.14
N GLY A 11 -7.96 -10.78 7.16
CA GLY A 11 -8.12 -9.40 7.59
C GLY A 11 -7.94 -8.44 6.42
N ASP A 12 -8.84 -7.45 6.36
CA ASP A 12 -8.79 -6.46 5.32
C ASP A 12 -7.71 -5.43 5.63
N VAL A 13 -7.42 -4.59 4.64
CA VAL A 13 -6.41 -3.56 4.80
C VAL A 13 -7.01 -2.20 4.44
N LYS A 14 -7.23 -1.39 5.48
CA LYS A 14 -7.81 -0.07 5.29
C LYS A 14 -6.70 0.89 4.84
N PHE A 15 -6.51 0.95 3.53
CA PHE A 15 -5.49 1.84 2.97
C PHE A 15 -6.12 3.10 2.39
N PRO A 16 -5.70 4.24 2.96
CA PRO A 16 -6.16 5.55 2.57
C PRO A 16 -5.35 6.05 1.38
N HIS A 17 -5.88 5.89 0.17
CA HIS A 17 -5.22 6.31 -1.05
C HIS A 17 -5.09 7.85 -1.07
N LYS A 18 -6.22 8.51 -0.95
CA LYS A 18 -6.23 9.97 -0.95
C LYS A 18 -5.17 10.49 0.01
N ALA A 19 -4.94 9.73 1.07
CA ALA A 19 -3.95 10.09 2.06
C ALA A 19 -2.55 9.85 1.49
N HIS A 20 -2.43 8.75 0.74
CA HIS A 20 -1.17 8.36 0.11
C HIS A 20 -1.00 9.11 -1.22
N GLN A 21 -1.82 10.12 -1.41
CA GLN A 21 -1.78 10.91 -2.63
C GLN A 21 -1.06 12.24 -2.38
N LYS A 22 -0.43 12.32 -1.22
CA LYS A 22 0.29 13.53 -0.84
C LYS A 22 1.34 13.18 0.21
N ALA A 23 2.05 12.08 -0.05
CA ALA A 23 3.09 11.63 0.87
C ALA A 23 4.11 10.80 0.11
N VAL A 24 4.41 11.25 -1.10
CA VAL A 24 5.36 10.54 -1.95
C VAL A 24 6.02 11.55 -2.91
N PRO A 25 7.35 11.51 -2.93
CA PRO A 25 8.17 12.36 -3.75
C PRO A 25 8.22 11.81 -5.17
N ASP A 26 7.24 11.00 -5.52
CA ASP A 26 7.20 10.41 -6.85
C ASP A 26 6.04 9.41 -6.92
N CYS A 27 4.85 9.95 -7.14
CA CYS A 27 3.66 9.11 -7.23
C CYS A 27 3.95 7.95 -8.18
N LYS A 28 4.87 8.20 -9.11
CA LYS A 28 5.26 7.19 -10.08
C LYS A 28 5.95 6.04 -9.37
N LYS A 29 6.28 6.27 -8.11
CA LYS A 29 6.95 5.27 -7.30
C LYS A 29 6.20 3.95 -7.42
N CYS A 30 4.92 3.98 -7.04
CA CYS A 30 4.08 2.80 -7.11
C CYS A 30 3.57 2.65 -8.54
N HIS A 31 3.16 3.77 -9.11
CA HIS A 31 2.63 3.83 -10.48
C HIS A 31 3.76 4.22 -11.45
N GLU A 32 4.77 3.37 -11.52
CA GLU A 32 5.91 3.62 -12.39
C GLU A 32 5.49 3.41 -13.84
N LYS A 33 4.36 2.74 -14.03
CA LYS A 33 3.86 2.46 -15.36
C LYS A 33 2.52 3.19 -15.54
N GLY A 34 2.32 4.21 -14.73
CA GLY A 34 1.10 4.99 -14.79
C GLY A 34 0.02 4.41 -13.87
N PRO A 35 -1.07 5.16 -13.72
CA PRO A 35 -2.21 4.80 -12.90
C PRO A 35 -2.81 3.51 -13.41
N GLY A 36 -4.07 3.26 -13.08
CA GLY A 36 -4.74 2.05 -13.52
C GLY A 36 -4.34 0.87 -12.65
N LYS A 37 -4.89 -0.30 -12.98
CA LYS A 37 -4.61 -1.51 -12.24
C LYS A 37 -3.10 -1.78 -12.28
N ILE A 38 -2.57 -2.16 -11.13
CA ILE A 38 -1.15 -2.44 -11.03
C ILE A 38 -0.87 -3.84 -11.60
N GLU A 39 0.17 -3.91 -12.42
CA GLU A 39 0.55 -5.16 -13.03
C GLU A 39 0.23 -6.33 -12.11
N GLY A 40 -0.97 -6.88 -12.29
CA GLY A 40 -1.41 -8.01 -11.47
C GLY A 40 -0.82 -7.93 -10.07
N PHE A 41 -1.52 -7.21 -9.21
CA PHE A 41 -1.09 -7.05 -7.83
C PHE A 41 -1.04 -8.40 -7.11
N GLY A 42 0.09 -8.63 -6.44
CA GLY A 42 0.27 -9.87 -5.70
C GLY A 42 0.40 -9.60 -4.20
N LYS A 43 0.30 -10.68 -3.43
CA LYS A 43 0.41 -10.58 -1.99
C LYS A 43 1.85 -10.27 -1.61
N GLU A 44 2.76 -11.05 -2.18
CA GLU A 44 4.17 -10.87 -1.90
C GLU A 44 4.59 -9.42 -2.18
N MET A 45 4.07 -8.88 -3.26
CA MET A 45 4.37 -7.51 -3.64
C MET A 45 4.09 -6.54 -2.50
N ALA A 46 2.96 -6.77 -1.85
CA ALA A 46 2.56 -5.92 -0.73
C ALA A 46 3.71 -5.85 0.27
N HIS A 47 4.02 -7.00 0.88
CA HIS A 47 5.09 -7.11 1.87
C HIS A 47 6.44 -6.79 1.21
N GLY A 48 6.43 -6.73 -0.11
CA GLY A 48 7.63 -6.44 -0.86
C GLY A 48 8.02 -4.97 -0.74
N LYS A 49 8.20 -4.33 -1.89
CA LYS A 49 8.56 -2.93 -1.92
C LYS A 49 7.43 -2.12 -2.55
N GLY A 50 6.21 -2.43 -2.12
CA GLY A 50 5.04 -1.74 -2.63
C GLY A 50 3.93 -1.69 -1.59
N CYS A 51 4.35 -1.55 -0.34
CA CYS A 51 3.40 -1.49 0.76
C CYS A 51 4.18 -1.32 2.06
N LYS A 52 4.87 -2.37 2.44
CA LYS A 52 5.67 -2.35 3.66
C LYS A 52 7.10 -1.89 3.33
N GLY A 53 7.71 -2.60 2.40
CA GLY A 53 9.07 -2.28 1.98
C GLY A 53 9.31 -0.76 2.03
N CYS A 54 8.30 -0.03 1.57
CA CYS A 54 8.39 1.42 1.55
C CYS A 54 8.72 1.91 2.97
N HIS A 55 7.69 1.91 3.81
CA HIS A 55 7.81 2.33 5.20
C HIS A 55 9.16 1.87 5.77
N GLU A 56 9.46 0.59 5.56
CA GLU A 56 10.71 0.02 6.04
C GLU A 56 11.89 0.94 5.69
N GLU A 57 11.82 1.50 4.50
CA GLU A 57 12.87 2.39 4.03
C GLU A 57 12.47 3.85 4.28
N MET A 58 11.23 4.16 3.94
CA MET A 58 10.71 5.51 4.13
C MET A 58 10.80 5.92 5.60
N LYS A 59 11.02 4.93 6.45
CA LYS A 59 11.11 5.19 7.88
C LYS A 59 9.90 5.99 8.33
N LYS A 60 8.76 5.65 7.74
CA LYS A 60 7.51 6.33 8.08
C LYS A 60 6.33 5.41 7.72
N GLY A 61 5.47 5.22 8.71
CA GLY A 61 4.31 4.37 8.51
C GLY A 61 4.34 3.17 9.45
N PRO A 62 3.25 2.39 9.42
CA PRO A 62 3.07 1.20 10.22
C PRO A 62 3.64 -0.01 9.48
N THR A 63 4.26 -0.92 10.22
CA THR A 63 4.84 -2.10 9.62
C THR A 63 4.19 -3.36 10.17
N LYS A 64 3.68 -3.24 11.39
CA LYS A 64 3.03 -4.36 12.04
C LYS A 64 1.83 -4.81 11.20
N CYS A 65 1.41 -6.04 11.43
CA CYS A 65 0.28 -6.60 10.70
C CYS A 65 -0.99 -5.92 11.21
N GLY A 66 -1.26 -6.14 12.49
CA GLY A 66 -2.45 -5.56 13.10
C GLY A 66 -2.66 -4.12 12.64
N GLU A 67 -1.57 -3.49 12.24
CA GLU A 67 -1.62 -2.11 11.75
C GLU A 67 -2.21 -2.06 10.35
N CYS A 68 -1.76 -2.98 9.52
CA CYS A 68 -2.22 -3.05 8.14
C CYS A 68 -3.50 -3.90 8.11
N HIS A 69 -3.38 -5.11 8.68
CA HIS A 69 -4.49 -6.06 8.75
C HIS A 69 -5.34 -5.77 10.00
N LYS A 70 -6.65 -5.76 9.80
CA LYS A 70 -7.56 -5.51 10.90
C LYS A 70 -8.56 -6.66 11.01
N LYS A 71 -8.49 -7.38 12.13
CA LYS A 71 -9.37 -8.51 12.36
C LYS A 71 -10.66 -8.01 13.00
N ALA A 1 -11.04 6.03 -4.35
CA ALA A 1 -12.16 6.64 -3.67
C ALA A 1 -11.77 6.99 -2.24
N ASP A 2 -10.68 7.73 -2.13
CA ASP A 2 -10.18 8.14 -0.82
C ASP A 2 -9.64 6.92 -0.08
N ASP A 3 -10.56 6.02 0.24
CA ASP A 3 -10.21 4.80 0.95
C ASP A 3 -10.23 3.62 -0.02
N ILE A 4 -9.20 2.81 0.06
CA ILE A 4 -9.09 1.64 -0.80
C ILE A 4 -8.94 0.39 0.05
N VAL A 5 -9.97 -0.44 0.01
CA VAL A 5 -9.97 -1.68 0.78
C VAL A 5 -9.43 -2.81 -0.09
N LEU A 6 -8.44 -3.51 0.44
CA LEU A 6 -7.83 -4.62 -0.27
C LEU A 6 -8.37 -5.93 0.29
N LYS A 7 -9.55 -6.31 -0.20
CA LYS A 7 -10.18 -7.54 0.24
C LYS A 7 -9.11 -8.61 0.48
N ALA A 8 -9.08 -9.11 1.70
CA ALA A 8 -8.11 -10.13 2.07
C ALA A 8 -8.85 -11.37 2.56
N LYS A 9 -8.09 -12.44 2.76
CA LYS A 9 -8.66 -13.70 3.23
C LYS A 9 -8.53 -13.76 4.75
N ASN A 10 -7.58 -13.01 5.28
CA ASN A 10 -7.36 -12.97 6.72
C ASN A 10 -7.34 -11.51 7.19
N GLY A 11 -8.46 -10.84 7.00
CA GLY A 11 -8.59 -9.45 7.39
C GLY A 11 -8.29 -8.52 6.23
N ASP A 12 -9.19 -7.57 6.01
CA ASP A 12 -9.04 -6.60 4.94
C ASP A 12 -8.07 -5.51 5.38
N VAL A 13 -7.52 -4.81 4.39
CA VAL A 13 -6.58 -3.74 4.66
C VAL A 13 -7.21 -2.41 4.24
N LYS A 14 -7.27 -1.50 5.21
CA LYS A 14 -7.84 -0.18 4.95
C LYS A 14 -6.73 0.77 4.53
N PHE A 15 -6.48 0.79 3.23
CA PHE A 15 -5.45 1.67 2.68
C PHE A 15 -6.05 2.98 2.20
N PRO A 16 -5.68 4.06 2.90
CA PRO A 16 -6.13 5.41 2.62
C PRO A 16 -5.30 5.99 1.47
N HIS A 17 -5.84 5.93 0.26
CA HIS A 17 -5.16 6.44 -0.93
C HIS A 17 -4.98 7.96 -0.81
N LYS A 18 -6.10 8.65 -0.58
CA LYS A 18 -6.07 10.10 -0.44
C LYS A 18 -4.84 10.50 0.38
N ALA A 19 -4.49 9.65 1.32
CA ALA A 19 -3.34 9.92 2.17
C ALA A 19 -2.06 9.67 1.38
N HIS A 20 -2.03 8.51 0.71
CA HIS A 20 -0.89 8.09 -0.10
C HIS A 20 -0.96 8.77 -1.48
N GLN A 21 -1.72 9.85 -1.54
CA GLN A 21 -1.88 10.59 -2.79
C GLN A 21 -1.24 11.97 -2.66
N LYS A 22 -0.66 12.22 -1.51
CA LYS A 22 -0.02 13.50 -1.25
C LYS A 22 1.05 13.32 -0.17
N ALA A 23 1.50 12.08 -0.03
CA ALA A 23 2.52 11.77 0.96
C ALA A 23 3.72 11.12 0.27
N VAL A 24 3.71 11.20 -1.05
CA VAL A 24 4.79 10.63 -1.84
C VAL A 24 5.59 11.75 -2.51
N PRO A 25 6.91 11.60 -2.48
CA PRO A 25 7.86 12.55 -3.05
C PRO A 25 7.21 13.25 -4.23
N ASP A 26 6.99 12.53 -5.31
CA ASP A 26 6.38 13.12 -6.50
C ASP A 26 5.63 12.02 -7.27
N CYS A 27 4.92 11.19 -6.53
CA CYS A 27 4.16 10.12 -7.13
C CYS A 27 5.04 9.43 -8.17
N LYS A 28 4.41 8.59 -8.98
CA LYS A 28 5.13 7.87 -10.01
C LYS A 28 6.05 6.83 -9.38
N LYS A 29 5.90 6.69 -8.06
CA LYS A 29 6.71 5.73 -7.32
C LYS A 29 6.12 4.34 -7.47
N CYS A 30 4.79 4.28 -7.45
CA CYS A 30 4.10 3.02 -7.59
C CYS A 30 3.56 2.92 -9.02
N HIS A 31 2.88 3.98 -9.45
CA HIS A 31 2.29 4.08 -10.78
C HIS A 31 3.38 4.43 -11.80
N GLU A 32 4.48 3.70 -11.74
CA GLU A 32 5.59 3.93 -12.66
C GLU A 32 5.07 4.18 -14.08
N LYS A 33 4.26 3.23 -14.54
CA LYS A 33 3.69 3.32 -15.87
C LYS A 33 2.60 4.39 -15.88
N GLY A 34 1.48 4.06 -15.26
CA GLY A 34 0.35 4.98 -15.18
C GLY A 34 -0.61 4.60 -14.06
N PRO A 35 -1.77 5.24 -14.07
CA PRO A 35 -2.83 5.02 -13.10
C PRO A 35 -3.70 3.85 -13.54
N GLY A 36 -4.64 3.45 -12.70
CA GLY A 36 -5.51 2.35 -13.02
C GLY A 36 -5.16 1.10 -12.19
N LYS A 37 -5.65 -0.04 -12.67
CA LYS A 37 -5.39 -1.29 -11.99
C LYS A 37 -3.91 -1.63 -12.09
N ILE A 38 -3.30 -1.87 -10.94
CA ILE A 38 -1.89 -2.21 -10.88
C ILE A 38 -1.72 -3.72 -11.01
N GLU A 39 -1.03 -4.13 -12.07
CA GLU A 39 -0.80 -5.54 -12.31
C GLU A 39 0.53 -5.98 -11.67
N GLY A 40 0.62 -7.27 -11.40
CA GLY A 40 1.81 -7.84 -10.80
C GLY A 40 1.62 -8.00 -9.29
N PHE A 41 1.09 -6.97 -8.67
CA PHE A 41 0.85 -6.98 -7.23
C PHE A 41 0.47 -8.39 -6.76
N GLY A 42 0.92 -8.72 -5.56
CA GLY A 42 0.64 -10.02 -4.98
C GLY A 42 0.75 -9.98 -3.46
N LYS A 43 0.32 -11.07 -2.83
CA LYS A 43 0.36 -11.16 -1.38
C LYS A 43 1.82 -11.11 -0.91
N GLU A 44 2.70 -11.59 -1.77
CA GLU A 44 4.11 -11.60 -1.46
C GLU A 44 4.72 -10.23 -1.72
N MET A 45 4.17 -9.54 -2.71
CA MET A 45 4.64 -8.22 -3.06
C MET A 45 4.27 -7.19 -1.99
N ALA A 46 3.07 -7.34 -1.46
CA ALA A 46 2.59 -6.44 -0.43
C ALA A 46 3.67 -6.28 0.64
N HIS A 47 3.96 -7.39 1.32
CA HIS A 47 4.96 -7.43 2.38
C HIS A 47 6.35 -7.16 1.80
N GLY A 48 6.42 -7.15 0.47
CA GLY A 48 7.68 -6.90 -0.22
C GLY A 48 8.03 -5.42 -0.19
N LYS A 49 8.23 -4.86 -1.38
CA LYS A 49 8.56 -3.45 -1.51
C LYS A 49 7.44 -2.73 -2.23
N GLY A 50 6.21 -3.06 -1.85
CA GLY A 50 5.05 -2.45 -2.46
C GLY A 50 3.91 -2.31 -1.44
N CYS A 51 4.30 -2.07 -0.19
CA CYS A 51 3.33 -1.91 0.87
C CYS A 51 4.09 -1.69 2.18
N LYS A 52 4.80 -2.72 2.60
CA LYS A 52 5.57 -2.66 3.83
C LYS A 52 6.99 -2.16 3.51
N GLY A 53 7.66 -2.93 2.66
CA GLY A 53 9.03 -2.59 2.27
C GLY A 53 9.23 -1.07 2.28
N CYS A 54 8.39 -0.39 1.51
CA CYS A 54 8.46 1.06 1.42
C CYS A 54 8.75 1.62 2.82
N HIS A 55 7.78 1.41 3.72
CA HIS A 55 7.87 1.87 5.09
C HIS A 55 9.25 1.48 5.68
N GLU A 56 9.66 0.25 5.40
CA GLU A 56 10.93 -0.25 5.90
C GLU A 56 12.08 0.57 5.29
N GLU A 57 11.79 1.18 4.15
CA GLU A 57 12.79 1.98 3.45
C GLU A 57 12.59 3.46 3.77
N MET A 58 11.39 3.94 3.46
CA MET A 58 11.05 5.33 3.70
C MET A 58 11.22 5.69 5.18
N LYS A 59 11.29 4.65 6.00
CA LYS A 59 11.45 4.84 7.43
C LYS A 59 10.19 5.51 7.99
N LYS A 60 9.17 5.57 7.16
CA LYS A 60 7.90 6.18 7.56
C LYS A 60 6.76 5.21 7.25
N GLY A 61 5.92 5.00 8.26
CA GLY A 61 4.78 4.10 8.12
C GLY A 61 4.85 2.96 9.12
N PRO A 62 3.73 2.24 9.25
CA PRO A 62 3.58 1.11 10.14
C PRO A 62 3.92 -0.18 9.39
N THR A 63 4.46 -1.15 10.11
CA THR A 63 4.83 -2.41 9.49
C THR A 63 4.06 -3.56 10.15
N LYS A 64 3.45 -3.25 11.28
CA LYS A 64 2.68 -4.24 12.02
C LYS A 64 1.50 -4.71 11.15
N CYS A 65 1.00 -5.90 11.48
CA CYS A 65 -0.12 -6.46 10.76
C CYS A 65 -1.37 -5.66 11.10
N GLY A 66 -1.71 -5.66 12.38
CA GLY A 66 -2.88 -4.93 12.84
C GLY A 66 -2.93 -3.54 12.23
N GLU A 67 -1.77 -3.05 11.81
CA GLU A 67 -1.69 -1.74 11.20
C GLU A 67 -2.27 -1.76 9.79
N CYS A 68 -2.06 -2.88 9.11
CA CYS A 68 -2.57 -3.04 7.76
C CYS A 68 -3.84 -3.89 7.82
N HIS A 69 -3.74 -5.01 8.53
CA HIS A 69 -4.84 -5.94 8.70
C HIS A 69 -5.67 -5.56 9.95
N LYS A 70 -6.96 -5.82 9.89
CA LYS A 70 -7.85 -5.51 10.99
C LYS A 70 -8.38 -6.80 11.60
N LYS A 71 -7.87 -7.13 12.77
CA LYS A 71 -8.29 -8.33 13.47
C LYS A 71 -8.84 -7.96 14.85
N ALA A 1 -11.26 7.30 -5.04
CA ALA A 1 -12.09 8.25 -4.32
C ALA A 1 -11.32 8.80 -3.13
N ASP A 2 -10.92 7.90 -2.25
CA ASP A 2 -10.17 8.28 -1.06
C ASP A 2 -9.67 7.03 -0.35
N ASP A 3 -10.62 6.28 0.21
CA ASP A 3 -10.30 5.06 0.93
C ASP A 3 -10.40 3.87 -0.04
N ILE A 4 -9.40 3.00 0.05
CA ILE A 4 -9.37 1.82 -0.81
C ILE A 4 -9.25 0.57 0.07
N VAL A 5 -10.33 -0.20 0.09
CA VAL A 5 -10.37 -1.41 0.88
C VAL A 5 -9.84 -2.58 0.03
N LEU A 6 -8.92 -3.32 0.60
CA LEU A 6 -8.33 -4.46 -0.08
C LEU A 6 -8.81 -5.76 0.57
N LYS A 7 -9.94 -6.25 0.09
CA LYS A 7 -10.51 -7.47 0.61
C LYS A 7 -9.39 -8.51 0.81
N ALA A 8 -9.33 -9.04 2.03
CA ALA A 8 -8.32 -10.03 2.36
C ALA A 8 -8.99 -11.19 3.10
N LYS A 9 -8.34 -12.35 3.04
CA LYS A 9 -8.85 -13.53 3.69
C LYS A 9 -8.36 -13.56 5.14
N ASN A 10 -7.30 -12.82 5.39
CA ASN A 10 -6.72 -12.75 6.71
C ASN A 10 -6.71 -11.29 7.19
N GLY A 11 -7.91 -10.77 7.40
CA GLY A 11 -8.06 -9.40 7.85
C GLY A 11 -7.91 -8.41 6.68
N ASP A 12 -8.96 -7.64 6.47
CA ASP A 12 -8.96 -6.67 5.39
C ASP A 12 -7.83 -5.66 5.61
N VAL A 13 -7.61 -4.82 4.60
CA VAL A 13 -6.56 -3.82 4.69
C VAL A 13 -7.15 -2.46 4.31
N LYS A 14 -7.10 -1.54 5.28
CA LYS A 14 -7.62 -0.20 5.06
C LYS A 14 -6.48 0.71 4.60
N PHE A 15 -6.56 1.11 3.34
CA PHE A 15 -5.54 1.99 2.78
C PHE A 15 -6.18 3.23 2.15
N PRO A 16 -5.98 4.36 2.83
CA PRO A 16 -6.50 5.65 2.42
C PRO A 16 -5.60 6.23 1.33
N HIS A 17 -5.89 5.88 0.08
CA HIS A 17 -5.12 6.36 -1.07
C HIS A 17 -4.90 7.88 -0.95
N LYS A 18 -5.98 8.59 -0.73
CA LYS A 18 -5.91 10.04 -0.59
C LYS A 18 -4.74 10.41 0.31
N ALA A 19 -4.59 9.63 1.38
CA ALA A 19 -3.52 9.86 2.33
C ALA A 19 -2.17 9.67 1.63
N HIS A 20 -2.07 8.54 0.92
CA HIS A 20 -0.86 8.18 0.18
C HIS A 20 -0.86 8.88 -1.19
N GLN A 21 -1.68 9.92 -1.30
CA GLN A 21 -1.78 10.67 -2.54
C GLN A 21 -1.19 12.07 -2.35
N LYS A 22 -0.91 12.40 -1.10
CA LYS A 22 -0.34 13.70 -0.77
C LYS A 22 0.98 13.50 -0.02
N ALA A 23 1.19 12.27 0.42
CA ALA A 23 2.40 11.94 1.14
C ALA A 23 3.55 11.76 0.16
N VAL A 24 3.21 11.78 -1.12
CA VAL A 24 4.20 11.61 -2.17
C VAL A 24 4.03 12.74 -3.19
N PRO A 25 4.60 13.90 -2.86
CA PRO A 25 4.57 15.09 -3.68
C PRO A 25 4.53 14.70 -5.15
N ASP A 26 5.25 13.65 -5.51
CA ASP A 26 5.28 13.19 -6.88
C ASP A 26 5.22 11.66 -6.92
N CYS A 27 4.00 11.15 -6.86
CA CYS A 27 3.80 9.71 -6.88
C CYS A 27 4.63 9.12 -8.02
N LYS A 28 4.35 7.87 -8.34
CA LYS A 28 5.05 7.18 -9.41
C LYS A 28 6.10 6.24 -8.79
N LYS A 29 6.30 6.41 -7.49
CA LYS A 29 7.27 5.59 -6.78
C LYS A 29 6.72 4.16 -6.66
N CYS A 30 5.41 4.05 -6.79
CA CYS A 30 4.75 2.75 -6.69
C CYS A 30 4.21 2.39 -8.08
N HIS A 31 3.62 3.39 -8.73
CA HIS A 31 3.05 3.24 -10.06
C HIS A 31 4.13 3.44 -11.14
N GLU A 32 5.27 2.80 -10.93
CA GLU A 32 6.38 2.90 -11.85
C GLU A 32 5.98 2.34 -13.22
N LYS A 33 5.10 3.06 -13.88
CA LYS A 33 4.62 2.64 -15.19
C LYS A 33 3.34 3.40 -15.53
N GLY A 34 2.34 3.22 -14.69
CA GLY A 34 1.06 3.88 -14.90
C GLY A 34 0.03 3.40 -13.86
N PRO A 35 -1.00 4.23 -13.66
CA PRO A 35 -2.07 3.98 -12.73
C PRO A 35 -2.75 2.67 -13.08
N GLY A 36 -3.99 2.50 -12.64
CA GLY A 36 -4.73 1.28 -12.92
C GLY A 36 -4.17 0.10 -12.11
N LYS A 37 -4.95 -0.96 -12.04
CA LYS A 37 -4.55 -2.14 -11.30
C LYS A 37 -3.06 -2.40 -11.55
N ILE A 38 -2.28 -2.23 -10.49
CA ILE A 38 -0.85 -2.44 -10.58
C ILE A 38 -0.58 -3.82 -11.18
N GLU A 39 0.41 -3.87 -12.07
CA GLU A 39 0.77 -5.12 -12.72
C GLU A 39 0.41 -6.31 -11.82
N GLY A 40 -0.75 -6.87 -12.10
CA GLY A 40 -1.24 -8.01 -11.34
C GLY A 40 -0.72 -7.96 -9.90
N PHE A 41 -1.21 -6.98 -9.15
CA PHE A 41 -0.82 -6.81 -7.77
C PHE A 41 -1.13 -8.07 -6.95
N GLY A 42 -0.16 -8.44 -6.12
CA GLY A 42 -0.33 -9.61 -5.28
C GLY A 42 0.18 -9.34 -3.85
N LYS A 43 -0.04 -10.32 -2.99
CA LYS A 43 0.38 -10.20 -1.60
C LYS A 43 1.91 -10.09 -1.55
N GLU A 44 2.56 -11.10 -2.12
CA GLU A 44 4.01 -11.13 -2.14
C GLU A 44 4.57 -9.73 -2.43
N MET A 45 3.85 -9.01 -3.28
CA MET A 45 4.26 -7.67 -3.66
C MET A 45 4.01 -6.69 -2.51
N ALA A 46 2.85 -6.84 -1.88
CA ALA A 46 2.47 -5.98 -0.78
C ALA A 46 3.62 -5.92 0.24
N HIS A 47 3.84 -7.05 0.89
CA HIS A 47 4.89 -7.19 1.90
C HIS A 47 6.26 -6.93 1.26
N GLY A 48 6.27 -6.91 -0.07
CA GLY A 48 7.50 -6.67 -0.81
C GLY A 48 7.95 -5.21 -0.67
N LYS A 49 8.16 -4.59 -1.81
CA LYS A 49 8.59 -3.19 -1.84
C LYS A 49 7.47 -2.33 -2.42
N GLY A 50 6.24 -2.64 -2.01
CA GLY A 50 5.09 -1.90 -2.49
C GLY A 50 3.99 -1.87 -1.43
N CYS A 51 4.42 -1.78 -0.18
CA CYS A 51 3.49 -1.72 0.94
C CYS A 51 4.29 -1.61 2.23
N LYS A 52 5.03 -2.67 2.54
CA LYS A 52 5.84 -2.70 3.74
C LYS A 52 7.27 -2.25 3.40
N GLY A 53 7.88 -2.97 2.47
CA GLY A 53 9.23 -2.66 2.05
C GLY A 53 9.47 -1.16 2.05
N CYS A 54 8.52 -0.44 1.48
CA CYS A 54 8.61 1.02 1.40
C CYS A 54 8.92 1.54 2.81
N HIS A 55 7.95 1.38 3.70
CA HIS A 55 8.06 1.82 5.08
C HIS A 55 9.44 1.44 5.64
N GLU A 56 9.83 0.20 5.40
CA GLU A 56 11.11 -0.29 5.87
C GLU A 56 12.25 0.55 5.27
N GLU A 57 11.99 1.09 4.09
CA GLU A 57 12.98 1.91 3.41
C GLU A 57 12.77 3.39 3.77
N MET A 58 11.59 3.87 3.46
CA MET A 58 11.26 5.26 3.74
C MET A 58 11.45 5.58 5.23
N LYS A 59 11.52 4.52 6.03
CA LYS A 59 11.70 4.67 7.46
C LYS A 59 10.45 5.32 8.05
N LYS A 60 9.41 5.40 7.23
CA LYS A 60 8.16 6.00 7.67
C LYS A 60 7.00 5.06 7.32
N GLY A 61 6.15 4.83 8.31
CA GLY A 61 5.01 3.96 8.10
C GLY A 61 5.05 2.76 9.06
N PRO A 62 3.92 2.06 9.15
CA PRO A 62 3.74 0.90 9.99
C PRO A 62 4.14 -0.35 9.22
N THR A 63 4.63 -1.35 9.93
CA THR A 63 5.05 -2.59 9.28
C THR A 63 4.42 -3.80 9.99
N LYS A 64 3.63 -3.49 11.01
CA LYS A 64 2.97 -4.54 11.77
C LYS A 64 1.77 -5.05 10.98
N CYS A 65 1.43 -6.31 11.22
CA CYS A 65 0.32 -6.94 10.54
C CYS A 65 -0.97 -6.26 11.02
N GLY A 66 -1.07 -6.10 12.33
CA GLY A 66 -2.23 -5.48 12.92
C GLY A 66 -2.43 -4.06 12.39
N GLU A 67 -1.36 -3.52 11.82
CA GLU A 67 -1.40 -2.18 11.26
C GLU A 67 -2.13 -2.19 9.92
N CYS A 68 -1.75 -3.13 9.08
CA CYS A 68 -2.35 -3.26 7.76
C CYS A 68 -3.61 -4.12 7.89
N HIS A 69 -3.44 -5.26 8.54
CA HIS A 69 -4.53 -6.22 8.76
C HIS A 69 -5.32 -5.82 10.03
N LYS A 70 -6.64 -5.96 9.93
CA LYS A 70 -7.50 -5.62 11.06
C LYS A 70 -8.68 -6.60 11.10
N LYS A 71 -8.65 -7.47 12.09
CA LYS A 71 -9.71 -8.46 12.24
C LYS A 71 -10.94 -7.78 12.83
N ALA A 1 -13.04 6.07 -2.21
CA ALA A 1 -12.00 6.80 -2.93
C ALA A 1 -10.82 7.05 -1.99
N ASP A 2 -10.97 8.09 -1.18
CA ASP A 2 -9.93 8.45 -0.23
C ASP A 2 -9.45 7.19 0.49
N ASP A 3 -10.32 6.21 0.55
CA ASP A 3 -10.00 4.94 1.20
C ASP A 3 -10.20 3.79 0.21
N ILE A 4 -9.21 2.91 0.17
CA ILE A 4 -9.26 1.77 -0.72
C ILE A 4 -9.09 0.49 0.10
N VAL A 5 -10.14 -0.31 0.12
CA VAL A 5 -10.11 -1.57 0.84
C VAL A 5 -9.59 -2.68 -0.06
N LEU A 6 -8.54 -3.34 0.39
CA LEU A 6 -7.95 -4.42 -0.37
C LEU A 6 -8.51 -5.75 0.12
N LYS A 7 -9.70 -6.07 -0.37
CA LYS A 7 -10.36 -7.31 0.00
C LYS A 7 -9.31 -8.39 0.22
N ALA A 8 -9.22 -8.84 1.46
CA ALA A 8 -8.26 -9.87 1.81
C ALA A 8 -9.02 -11.13 2.28
N LYS A 9 -8.29 -12.24 2.27
CA LYS A 9 -8.88 -13.51 2.68
C LYS A 9 -8.53 -13.77 4.15
N ASN A 10 -7.91 -12.78 4.76
CA ASN A 10 -7.51 -12.90 6.16
C ASN A 10 -7.43 -11.50 6.77
N GLY A 11 -8.51 -10.76 6.61
CA GLY A 11 -8.58 -9.40 7.14
C GLY A 11 -8.32 -8.37 6.04
N ASP A 12 -9.23 -7.40 5.96
CA ASP A 12 -9.11 -6.35 4.97
C ASP A 12 -8.02 -5.36 5.41
N VAL A 13 -7.57 -4.57 4.44
CA VAL A 13 -6.54 -3.58 4.71
C VAL A 13 -7.09 -2.18 4.42
N LYS A 14 -7.12 -1.37 5.47
CA LYS A 14 -7.62 -0.01 5.32
C LYS A 14 -6.49 0.91 4.87
N PHE A 15 -6.38 1.05 3.55
CA PHE A 15 -5.35 1.89 2.97
C PHE A 15 -5.94 3.17 2.39
N PRO A 16 -5.53 4.29 2.98
CA PRO A 16 -5.96 5.62 2.59
C PRO A 16 -5.09 6.13 1.45
N HIS A 17 -5.62 6.06 0.23
CA HIS A 17 -4.91 6.51 -0.96
C HIS A 17 -4.72 8.04 -0.91
N LYS A 18 -5.81 8.75 -0.68
CA LYS A 18 -5.78 10.20 -0.60
C LYS A 18 -4.66 10.62 0.35
N ALA A 19 -4.35 9.75 1.29
CA ALA A 19 -3.31 10.02 2.26
C ALA A 19 -1.94 9.80 1.61
N HIS A 20 -1.86 8.71 0.85
CA HIS A 20 -0.63 8.34 0.14
C HIS A 20 -0.52 9.15 -1.16
N GLN A 21 -1.26 10.24 -1.23
CA GLN A 21 -1.25 11.09 -2.41
C GLN A 21 -0.51 12.39 -2.11
N LYS A 22 -0.75 12.91 -0.91
CA LYS A 22 -0.11 14.14 -0.49
C LYS A 22 1.15 13.82 0.31
N ALA A 23 1.60 12.58 0.17
CA ALA A 23 2.79 12.13 0.87
C ALA A 23 3.87 11.76 -0.15
N VAL A 24 3.51 11.90 -1.42
CA VAL A 24 4.44 11.59 -2.50
C VAL A 24 4.54 12.80 -3.43
N PRO A 25 5.78 13.27 -3.62
CA PRO A 25 6.10 14.40 -4.46
C PRO A 25 5.28 14.33 -5.74
N ASP A 26 5.59 13.36 -6.60
CA ASP A 26 4.87 13.21 -7.85
C ASP A 26 4.69 11.72 -8.15
N CYS A 27 4.23 11.00 -7.15
CA CYS A 27 4.02 9.57 -7.29
C CYS A 27 5.16 9.00 -8.13
N LYS A 28 4.80 8.09 -9.02
CA LYS A 28 5.78 7.44 -9.89
C LYS A 28 6.64 6.50 -9.05
N LYS A 29 6.28 6.37 -7.79
CA LYS A 29 7.01 5.50 -6.89
C LYS A 29 6.28 4.16 -6.77
N CYS A 30 5.12 4.09 -7.43
CA CYS A 30 4.32 2.87 -7.40
C CYS A 30 3.77 2.64 -8.81
N HIS A 31 3.16 3.68 -9.37
CA HIS A 31 2.58 3.66 -10.70
C HIS A 31 3.65 3.99 -11.75
N GLU A 32 4.73 3.21 -11.73
CA GLU A 32 5.81 3.42 -12.67
C GLU A 32 5.36 3.12 -14.10
N LYS A 33 4.35 3.87 -14.53
CA LYS A 33 3.81 3.70 -15.87
C LYS A 33 2.51 4.51 -16.00
N GLY A 34 1.51 4.08 -15.27
CA GLY A 34 0.21 4.75 -15.29
C GLY A 34 -0.71 4.21 -14.20
N PRO A 35 -1.74 5.00 -13.89
CA PRO A 35 -2.74 4.69 -12.90
C PRO A 35 -3.40 3.36 -13.23
N GLY A 36 -4.58 3.13 -12.68
CA GLY A 36 -5.30 1.89 -12.93
C GLY A 36 -4.73 0.75 -12.08
N LYS A 37 -5.42 -0.39 -12.15
CA LYS A 37 -5.01 -1.56 -11.39
C LYS A 37 -3.53 -1.87 -11.71
N ILE A 38 -2.79 -2.16 -10.66
CA ILE A 38 -1.38 -2.48 -10.82
C ILE A 38 -1.21 -4.00 -10.93
N GLU A 39 -0.65 -4.41 -12.04
CA GLU A 39 -0.43 -5.84 -12.29
C GLU A 39 0.82 -6.31 -11.53
N GLY A 40 0.87 -7.62 -11.33
CA GLY A 40 2.00 -8.22 -10.62
C GLY A 40 1.71 -8.34 -9.12
N PHE A 41 1.20 -7.25 -8.56
CA PHE A 41 0.87 -7.23 -7.15
C PHE A 41 0.43 -8.60 -6.66
N GLY A 42 0.77 -8.89 -5.41
CA GLY A 42 0.42 -10.16 -4.81
C GLY A 42 0.65 -10.14 -3.30
N LYS A 43 0.28 -11.24 -2.65
CA LYS A 43 0.44 -11.36 -1.22
C LYS A 43 1.92 -11.30 -0.87
N GLU A 44 2.75 -11.61 -1.86
CA GLU A 44 4.18 -11.58 -1.67
C GLU A 44 4.73 -10.18 -1.93
N MET A 45 4.16 -9.53 -2.92
CA MET A 45 4.58 -8.18 -3.28
C MET A 45 4.21 -7.18 -2.18
N ALA A 46 3.01 -7.36 -1.64
CA ALA A 46 2.53 -6.48 -0.59
C ALA A 46 3.61 -6.34 0.49
N HIS A 47 3.93 -7.48 1.11
CA HIS A 47 4.93 -7.55 2.17
C HIS A 47 6.33 -7.29 1.58
N GLY A 48 6.38 -7.23 0.25
CA GLY A 48 7.63 -6.98 -0.44
C GLY A 48 8.09 -5.53 -0.26
N LYS A 49 8.13 -4.82 -1.37
CA LYS A 49 8.54 -3.43 -1.36
C LYS A 49 7.51 -2.59 -2.12
N GLY A 50 6.24 -2.90 -1.87
CA GLY A 50 5.15 -2.18 -2.51
C GLY A 50 4.01 -1.93 -1.52
N CYS A 51 4.30 -2.15 -0.25
CA CYS A 51 3.31 -1.94 0.79
C CYS A 51 4.05 -1.74 2.12
N LYS A 52 4.85 -2.75 2.47
CA LYS A 52 5.61 -2.69 3.70
C LYS A 52 7.03 -2.24 3.40
N GLY A 53 7.77 -3.10 2.71
CA GLY A 53 9.14 -2.80 2.35
C GLY A 53 9.37 -1.29 2.29
N CYS A 54 8.48 -0.61 1.58
CA CYS A 54 8.58 0.83 1.45
C CYS A 54 8.88 1.43 2.83
N HIS A 55 7.90 1.30 3.72
CA HIS A 55 8.01 1.80 5.08
C HIS A 55 9.36 1.40 5.69
N GLU A 56 9.72 0.13 5.47
CA GLU A 56 10.98 -0.39 5.98
C GLU A 56 12.15 0.41 5.41
N GLU A 57 11.88 1.11 4.32
CA GLU A 57 12.90 1.91 3.68
C GLU A 57 12.65 3.39 3.93
N MET A 58 11.44 3.82 3.63
CA MET A 58 11.06 5.21 3.83
C MET A 58 11.24 5.63 5.30
N LYS A 59 11.31 4.62 6.16
CA LYS A 59 11.47 4.87 7.57
C LYS A 59 10.21 5.54 8.12
N LYS A 60 9.15 5.49 7.31
CA LYS A 60 7.89 6.09 7.70
C LYS A 60 6.75 5.14 7.32
N GLY A 61 5.88 4.89 8.29
CA GLY A 61 4.74 4.02 8.08
C GLY A 61 4.74 2.86 9.08
N PRO A 62 3.60 2.18 9.16
CA PRO A 62 3.37 1.05 10.04
C PRO A 62 3.75 -0.23 9.31
N THR A 63 4.30 -1.19 10.05
CA THR A 63 4.69 -2.46 9.46
C THR A 63 3.92 -3.61 10.11
N LYS A 64 3.39 -3.33 11.30
CA LYS A 64 2.64 -4.33 12.03
C LYS A 64 1.45 -4.79 11.19
N CYS A 65 1.09 -6.05 11.37
CA CYS A 65 -0.03 -6.62 10.64
C CYS A 65 -1.31 -5.90 11.07
N GLY A 66 -1.60 -5.99 12.36
CA GLY A 66 -2.78 -5.36 12.92
C GLY A 66 -2.93 -3.92 12.39
N GLU A 67 -1.80 -3.36 12.00
CA GLU A 67 -1.78 -2.00 11.48
C GLU A 67 -2.31 -1.97 10.06
N CYS A 68 -2.00 -3.02 9.31
CA CYS A 68 -2.43 -3.13 7.93
C CYS A 68 -3.73 -3.94 7.90
N HIS A 69 -3.68 -5.11 8.55
CA HIS A 69 -4.82 -6.01 8.62
C HIS A 69 -5.66 -5.68 9.87
N LYS A 70 -6.94 -6.04 9.79
CA LYS A 70 -7.85 -5.79 10.90
C LYS A 70 -8.63 -7.06 11.21
N LYS A 71 -8.44 -7.56 12.42
CA LYS A 71 -9.12 -8.76 12.85
C LYS A 71 -9.83 -8.49 14.18
N ALA A 1 -10.70 6.61 -4.76
CA ALA A 1 -11.47 7.68 -4.16
C ALA A 1 -10.70 8.26 -2.97
N ASP A 2 -10.73 7.52 -1.87
CA ASP A 2 -10.04 7.95 -0.67
C ASP A 2 -9.49 6.72 0.06
N ASP A 3 -10.39 5.81 0.38
CA ASP A 3 -10.01 4.59 1.08
C ASP A 3 -10.09 3.41 0.11
N ILE A 4 -9.04 2.60 0.12
CA ILE A 4 -8.98 1.44 -0.74
C ILE A 4 -8.83 0.18 0.11
N VAL A 5 -9.90 -0.61 0.12
CA VAL A 5 -9.89 -1.85 0.89
C VAL A 5 -9.36 -2.99 0.02
N LEU A 6 -8.36 -3.68 0.56
CA LEU A 6 -7.76 -4.80 -0.16
C LEU A 6 -8.31 -6.11 0.39
N LYS A 7 -9.47 -6.49 -0.13
CA LYS A 7 -10.12 -7.71 0.31
C LYS A 7 -9.05 -8.78 0.56
N ALA A 8 -8.92 -9.14 1.83
CA ALA A 8 -7.94 -10.14 2.24
C ALA A 8 -8.67 -11.34 2.85
N LYS A 9 -8.11 -12.52 2.63
CA LYS A 9 -8.69 -13.74 3.15
C LYS A 9 -8.33 -13.87 4.64
N ASN A 10 -7.42 -13.02 5.07
CA ASN A 10 -6.97 -13.02 6.45
C ASN A 10 -6.92 -11.59 6.97
N GLY A 11 -8.10 -10.99 7.09
CA GLY A 11 -8.20 -9.63 7.58
C GLY A 11 -7.98 -8.62 6.45
N ASP A 12 -8.87 -7.64 6.38
CA ASP A 12 -8.78 -6.62 5.36
C ASP A 12 -7.65 -5.65 5.71
N VAL A 13 -7.33 -4.79 4.75
CA VAL A 13 -6.28 -3.81 4.94
C VAL A 13 -6.84 -2.41 4.70
N LYS A 14 -6.51 -1.51 5.62
CA LYS A 14 -6.97 -0.13 5.52
C LYS A 14 -5.87 0.73 4.89
N PHE A 15 -6.01 0.96 3.59
CA PHE A 15 -5.05 1.77 2.86
C PHE A 15 -5.66 3.09 2.41
N PRO A 16 -5.24 4.16 3.06
CA PRO A 16 -5.68 5.51 2.80
C PRO A 16 -4.97 6.06 1.57
N HIS A 17 -5.54 5.78 0.38
CA HIS A 17 -4.97 6.23 -0.88
C HIS A 17 -4.84 7.77 -0.88
N LYS A 18 -5.98 8.43 -0.71
CA LYS A 18 -6.00 9.89 -0.68
C LYS A 18 -4.82 10.39 0.15
N ALA A 19 -4.56 9.69 1.25
CA ALA A 19 -3.48 10.06 2.14
C ALA A 19 -2.15 9.89 1.41
N HIS A 20 -2.06 8.80 0.65
CA HIS A 20 -0.86 8.46 -0.13
C HIS A 20 -0.85 9.28 -1.43
N GLN A 21 -1.78 10.21 -1.53
CA GLN A 21 -1.89 11.06 -2.71
C GLN A 21 -1.09 12.35 -2.50
N LYS A 22 -0.40 12.41 -1.38
CA LYS A 22 0.39 13.58 -1.05
C LYS A 22 1.40 13.22 0.04
N ALA A 23 1.93 12.01 -0.06
CA ALA A 23 2.90 11.54 0.91
C ALA A 23 3.98 10.73 0.20
N VAL A 24 4.07 10.95 -1.12
CA VAL A 24 5.06 10.25 -1.92
C VAL A 24 5.43 11.13 -3.12
N PRO A 25 6.57 11.83 -2.97
CA PRO A 25 7.11 12.71 -3.98
C PRO A 25 6.87 12.13 -5.36
N ASP A 26 7.37 10.93 -5.60
CA ASP A 26 7.18 10.29 -6.89
C ASP A 26 6.15 9.18 -6.77
N CYS A 27 4.90 9.60 -6.56
CA CYS A 27 3.81 8.65 -6.42
C CYS A 27 3.96 7.57 -7.51
N LYS A 28 4.59 7.97 -8.61
CA LYS A 28 4.80 7.05 -9.72
C LYS A 28 5.46 5.78 -9.20
N LYS A 29 6.08 5.89 -8.03
CA LYS A 29 6.74 4.76 -7.41
C LYS A 29 5.88 3.51 -7.61
N CYS A 30 4.63 3.62 -7.21
CA CYS A 30 3.70 2.51 -7.33
C CYS A 30 3.14 2.51 -8.77
N HIS A 31 2.91 3.71 -9.28
CA HIS A 31 2.38 3.91 -10.62
C HIS A 31 3.52 4.29 -11.58
N GLU A 32 4.50 3.39 -11.70
CA GLU A 32 5.64 3.63 -12.56
C GLU A 32 5.25 3.36 -14.02
N LYS A 33 4.35 4.19 -14.52
CA LYS A 33 3.89 4.05 -15.90
C LYS A 33 2.57 4.82 -16.07
N GLY A 34 1.68 4.61 -15.12
CA GLY A 34 0.39 5.27 -15.16
C GLY A 34 -0.59 4.62 -14.17
N PRO A 35 -1.61 5.41 -13.79
CA PRO A 35 -2.64 4.99 -12.88
C PRO A 35 -3.34 3.75 -13.41
N GLY A 36 -4.57 3.50 -12.95
CA GLY A 36 -5.31 2.34 -13.40
C GLY A 36 -4.78 1.07 -12.74
N LYS A 37 -5.58 0.02 -12.85
CA LYS A 37 -5.20 -1.27 -12.27
C LYS A 37 -3.69 -1.45 -12.40
N ILE A 38 -3.08 -1.91 -11.32
CA ILE A 38 -1.65 -2.13 -11.29
C ILE A 38 -1.36 -3.61 -11.59
N GLU A 39 -1.03 -3.86 -12.85
CA GLU A 39 -0.73 -5.22 -13.28
C GLU A 39 -1.51 -6.23 -12.42
N GLY A 40 -0.79 -7.25 -11.98
CA GLY A 40 -1.40 -8.28 -11.16
C GLY A 40 -0.82 -8.28 -9.75
N PHE A 41 -1.18 -7.26 -8.99
CA PHE A 41 -0.70 -7.13 -7.63
C PHE A 41 -0.60 -8.49 -6.95
N GLY A 42 0.30 -8.57 -5.97
CA GLY A 42 0.50 -9.81 -5.23
C GLY A 42 0.93 -9.52 -3.80
N LYS A 43 0.74 -10.53 -2.95
CA LYS A 43 1.10 -10.40 -1.55
C LYS A 43 2.61 -10.14 -1.44
N GLU A 44 3.38 -11.09 -1.97
CA GLU A 44 4.83 -10.97 -1.93
C GLU A 44 5.25 -9.53 -2.18
N MET A 45 4.50 -8.86 -3.05
CA MET A 45 4.79 -7.48 -3.38
C MET A 45 4.42 -6.55 -2.23
N ALA A 46 3.24 -6.78 -1.68
CA ALA A 46 2.75 -5.97 -0.57
C ALA A 46 3.84 -5.86 0.50
N HIS A 47 4.13 -7.01 1.12
CA HIS A 47 5.14 -7.11 2.16
C HIS A 47 6.52 -6.73 1.59
N GLY A 48 6.59 -6.66 0.27
CA GLY A 48 7.83 -6.30 -0.40
C GLY A 48 8.06 -4.79 -0.35
N LYS A 49 8.48 -4.26 -1.49
CA LYS A 49 8.74 -2.83 -1.58
C LYS A 49 7.57 -2.15 -2.31
N GLY A 50 6.37 -2.45 -1.85
CA GLY A 50 5.18 -1.88 -2.45
C GLY A 50 4.03 -1.83 -1.44
N CYS A 51 4.40 -1.65 -0.17
CA CYS A 51 3.42 -1.59 0.90
C CYS A 51 4.17 -1.43 2.22
N LYS A 52 4.83 -2.50 2.62
CA LYS A 52 5.58 -2.49 3.87
C LYS A 52 6.99 -1.97 3.60
N GLY A 53 7.67 -2.62 2.68
CA GLY A 53 9.02 -2.23 2.32
C GLY A 53 9.19 -0.71 2.38
N CYS A 54 8.31 -0.03 1.65
CA CYS A 54 8.35 1.42 1.60
C CYS A 54 8.54 1.94 3.03
N HIS A 55 7.54 1.68 3.86
CA HIS A 55 7.53 2.09 5.26
C HIS A 55 8.89 1.76 5.91
N GLU A 56 9.38 0.56 5.63
CA GLU A 56 10.65 0.13 6.17
C GLU A 56 11.78 0.99 5.62
N GLU A 57 11.54 1.56 4.45
CA GLU A 57 12.53 2.42 3.81
C GLU A 57 12.29 3.88 4.21
N MET A 58 11.11 4.37 3.86
CA MET A 58 10.75 5.74 4.16
C MET A 58 10.86 6.02 5.66
N LYS A 59 10.89 4.95 6.43
CA LYS A 59 11.00 5.07 7.87
C LYS A 59 9.73 5.71 8.43
N LYS A 60 8.73 5.81 7.55
CA LYS A 60 7.46 6.41 7.95
C LYS A 60 6.32 5.45 7.57
N GLY A 61 5.43 5.23 8.51
CA GLY A 61 4.30 4.36 8.29
C GLY A 61 4.32 3.17 9.27
N PRO A 62 3.23 2.41 9.25
CA PRO A 62 3.03 1.24 10.09
C PRO A 62 3.61 0.02 9.39
N THR A 63 4.18 -0.89 10.18
CA THR A 63 4.76 -2.10 9.62
C THR A 63 4.10 -3.34 10.21
N LYS A 64 3.70 -3.21 11.48
CA LYS A 64 3.04 -4.30 12.17
C LYS A 64 1.87 -4.82 11.32
N CYS A 65 1.55 -6.08 11.51
CA CYS A 65 0.46 -6.71 10.78
C CYS A 65 -0.85 -6.08 11.26
N GLY A 66 -1.09 -6.22 12.55
CA GLY A 66 -2.31 -5.68 13.15
C GLY A 66 -2.57 -4.26 12.66
N GLU A 67 -1.50 -3.61 12.23
CA GLU A 67 -1.60 -2.25 11.74
C GLU A 67 -2.19 -2.24 10.33
N CYS A 68 -1.87 -3.28 9.58
CA CYS A 68 -2.35 -3.40 8.22
C CYS A 68 -3.58 -4.32 8.22
N HIS A 69 -3.40 -5.49 8.83
CA HIS A 69 -4.45 -6.49 8.94
C HIS A 69 -5.28 -6.24 10.22
N LYS A 70 -6.60 -6.12 10.03
CA LYS A 70 -7.49 -5.89 11.15
C LYS A 70 -8.79 -6.64 10.91
N LYS A 71 -9.47 -6.96 12.01
CA LYS A 71 -10.73 -7.68 11.95
C LYS A 71 -11.82 -6.84 12.59
N ALA A 1 -10.78 5.96 -5.03
CA ALA A 1 -11.43 6.62 -3.92
C ALA A 1 -10.40 6.94 -2.84
N ASP A 2 -10.87 7.61 -1.80
CA ASP A 2 -10.00 7.98 -0.69
C ASP A 2 -9.38 6.72 -0.09
N ASP A 3 -10.21 5.98 0.64
CA ASP A 3 -9.77 4.76 1.27
C ASP A 3 -10.03 3.57 0.32
N ILE A 4 -8.99 2.76 0.15
CA ILE A 4 -9.08 1.60 -0.72
C ILE A 4 -8.93 0.34 0.11
N VAL A 5 -10.02 -0.43 0.16
CA VAL A 5 -10.02 -1.67 0.93
C VAL A 5 -9.45 -2.79 0.06
N LEU A 6 -8.46 -3.48 0.63
CA LEU A 6 -7.81 -4.58 -0.07
C LEU A 6 -8.32 -5.90 0.49
N LYS A 7 -9.51 -6.29 0.05
CA LYS A 7 -10.11 -7.53 0.50
C LYS A 7 -9.04 -8.61 0.58
N ALA A 8 -8.89 -9.17 1.77
CA ALA A 8 -7.91 -10.22 2.00
C ALA A 8 -8.61 -11.47 2.54
N LYS A 9 -7.96 -12.60 2.32
CA LYS A 9 -8.51 -13.88 2.78
C LYS A 9 -8.01 -14.16 4.20
N ASN A 10 -7.99 -13.11 5.01
CA ASN A 10 -7.54 -13.24 6.38
C ASN A 10 -7.41 -11.85 7.00
N GLY A 11 -8.49 -11.08 6.90
CA GLY A 11 -8.51 -9.73 7.43
C GLY A 11 -8.28 -8.70 6.33
N ASP A 12 -9.21 -7.73 6.27
CA ASP A 12 -9.13 -6.69 5.27
C ASP A 12 -8.06 -5.67 5.70
N VAL A 13 -7.66 -4.84 4.74
CA VAL A 13 -6.65 -3.83 5.00
C VAL A 13 -7.24 -2.45 4.70
N LYS A 14 -6.90 -1.50 5.55
CA LYS A 14 -7.38 -0.14 5.39
C LYS A 14 -6.24 0.76 4.93
N PHE A 15 -6.31 1.16 3.66
CA PHE A 15 -5.30 2.01 3.08
C PHE A 15 -5.91 3.27 2.48
N PRO A 16 -5.52 4.42 3.04
CA PRO A 16 -5.97 5.73 2.62
C PRO A 16 -5.15 6.20 1.44
N HIS A 17 -5.66 5.99 0.23
CA HIS A 17 -4.99 6.38 -1.01
C HIS A 17 -4.86 7.91 -1.06
N LYS A 18 -6.00 8.58 -0.97
CA LYS A 18 -6.03 10.03 -1.00
C LYS A 18 -4.91 10.58 -0.10
N ALA A 19 -4.62 9.83 0.95
CA ALA A 19 -3.57 10.22 1.87
C ALA A 19 -2.20 9.98 1.24
N HIS A 20 -2.11 8.83 0.54
CA HIS A 20 -0.88 8.43 -0.13
C HIS A 20 -0.75 9.18 -1.48
N GLN A 21 -1.62 10.14 -1.67
CA GLN A 21 -1.62 10.92 -2.90
C GLN A 21 -1.00 12.30 -2.64
N LYS A 22 -0.44 12.46 -1.45
CA LYS A 22 0.19 13.71 -1.08
C LYS A 22 1.36 13.42 -0.14
N ALA A 23 1.80 12.18 -0.16
CA ALA A 23 2.91 11.77 0.69
C ALA A 23 4.03 11.20 -0.18
N VAL A 24 3.85 11.35 -1.48
CA VAL A 24 4.83 10.87 -2.44
C VAL A 24 5.35 12.04 -3.27
N PRO A 25 6.39 12.69 -2.73
CA PRO A 25 7.05 13.83 -3.35
C PRO A 25 7.03 13.67 -4.86
N ASP A 26 7.10 12.44 -5.33
CA ASP A 26 7.10 12.18 -6.76
C ASP A 26 6.37 10.87 -7.04
N CYS A 27 5.12 11.00 -7.45
CA CYS A 27 4.29 9.84 -7.74
C CYS A 27 5.05 8.96 -8.74
N LYS A 28 4.37 7.93 -9.22
CA LYS A 28 4.97 7.02 -10.18
C LYS A 28 6.00 6.15 -9.46
N LYS A 29 5.88 6.09 -8.15
CA LYS A 29 6.80 5.30 -7.34
C LYS A 29 6.32 3.85 -7.30
N CYS A 30 5.03 3.69 -7.02
CA CYS A 30 4.43 2.37 -6.95
C CYS A 30 3.90 2.00 -8.34
N HIS A 31 3.06 2.88 -8.87
CA HIS A 31 2.45 2.71 -10.18
C HIS A 31 3.56 2.62 -11.25
N GLU A 32 4.61 3.39 -11.05
CA GLU A 32 5.72 3.41 -11.99
C GLU A 32 5.50 4.49 -13.05
N LYS A 33 4.33 4.44 -13.66
CA LYS A 33 3.99 5.41 -14.69
C LYS A 33 2.65 5.01 -15.33
N GLY A 34 1.57 5.37 -14.65
CA GLY A 34 0.24 5.05 -15.14
C GLY A 34 -0.63 4.50 -14.02
N PRO A 35 -1.85 5.04 -13.93
CA PRO A 35 -2.85 4.66 -12.96
C PRO A 35 -3.45 3.31 -13.33
N GLY A 36 -4.63 3.02 -12.81
CA GLY A 36 -5.29 1.76 -13.11
C GLY A 36 -4.73 0.63 -12.23
N LYS A 37 -5.20 -0.58 -12.51
CA LYS A 37 -4.76 -1.75 -11.77
C LYS A 37 -3.24 -1.85 -11.86
N ILE A 38 -2.64 -2.35 -10.79
CA ILE A 38 -1.20 -2.53 -10.74
C ILE A 38 -0.84 -3.92 -11.26
N GLU A 39 0.25 -3.96 -12.01
CA GLU A 39 0.71 -5.22 -12.58
C GLU A 39 0.33 -6.39 -11.66
N GLY A 40 -0.81 -6.98 -11.97
CA GLY A 40 -1.31 -8.10 -11.18
C GLY A 40 -0.74 -8.07 -9.76
N PHE A 41 -1.41 -7.30 -8.92
CA PHE A 41 -1.00 -7.17 -7.53
C PHE A 41 -1.00 -8.52 -6.83
N GLY A 42 -0.12 -8.64 -5.83
CA GLY A 42 -0.02 -9.88 -5.09
C GLY A 42 0.32 -9.59 -3.61
N LYS A 43 0.24 -10.64 -2.81
CA LYS A 43 0.53 -10.53 -1.40
C LYS A 43 2.04 -10.33 -1.20
N GLU A 44 2.79 -11.24 -1.80
CA GLU A 44 4.25 -11.18 -1.70
C GLU A 44 4.74 -9.76 -1.98
N MET A 45 4.07 -9.11 -2.92
CA MET A 45 4.43 -7.75 -3.29
C MET A 45 4.11 -6.77 -2.16
N ALA A 46 2.95 -6.97 -1.56
CA ALA A 46 2.52 -6.12 -0.46
C ALA A 46 3.63 -6.03 0.59
N HIS A 47 3.95 -7.20 1.15
CA HIS A 47 4.99 -7.31 2.18
C HIS A 47 6.36 -6.96 1.57
N GLY A 48 6.38 -6.84 0.25
CA GLY A 48 7.61 -6.50 -0.45
C GLY A 48 7.83 -4.99 -0.48
N LYS A 49 8.22 -4.51 -1.66
CA LYS A 49 8.47 -3.09 -1.84
C LYS A 49 7.26 -2.45 -2.55
N GLY A 50 6.09 -2.71 -2.00
CA GLY A 50 4.87 -2.17 -2.58
C GLY A 50 3.79 -2.02 -1.51
N CYS A 51 4.23 -1.84 -0.27
CA CYS A 51 3.32 -1.68 0.84
C CYS A 51 4.15 -1.44 2.10
N LYS A 52 4.83 -2.50 2.53
CA LYS A 52 5.66 -2.42 3.72
C LYS A 52 7.06 -1.96 3.33
N GLY A 53 7.68 -2.74 2.45
CA GLY A 53 9.02 -2.43 2.00
C GLY A 53 9.27 -0.92 1.97
N CYS A 54 8.29 -0.21 1.42
CA CYS A 54 8.39 1.24 1.33
C CYS A 54 8.69 1.79 2.73
N HIS A 55 7.70 1.64 3.61
CA HIS A 55 7.80 2.10 5.00
C HIS A 55 9.17 1.67 5.59
N GLU A 56 9.52 0.43 5.34
CA GLU A 56 10.79 -0.10 5.84
C GLU A 56 11.96 0.75 5.33
N GLU A 57 11.74 1.37 4.17
CA GLU A 57 12.75 2.21 3.56
C GLU A 57 12.51 3.68 3.92
N MET A 58 11.28 4.11 3.70
CA MET A 58 10.90 5.48 3.99
C MET A 58 11.02 5.78 5.48
N LYS A 59 11.03 4.71 6.27
CA LYS A 59 11.13 4.84 7.71
C LYS A 59 9.90 5.57 8.25
N LYS A 60 8.85 5.54 7.46
CA LYS A 60 7.60 6.20 7.83
C LYS A 60 6.42 5.31 7.44
N GLY A 61 5.55 5.08 8.41
CA GLY A 61 4.37 4.26 8.18
C GLY A 61 4.36 3.05 9.12
N PRO A 62 3.22 2.36 9.14
CA PRO A 62 2.98 1.19 9.95
C PRO A 62 3.65 -0.03 9.30
N THR A 63 4.16 -0.93 10.12
CA THR A 63 4.81 -2.12 9.60
C THR A 63 4.15 -3.38 10.16
N LYS A 64 3.68 -3.26 11.40
CA LYS A 64 3.03 -4.37 12.06
C LYS A 64 1.84 -4.84 11.22
N CYS A 65 1.44 -6.08 11.46
CA CYS A 65 0.32 -6.65 10.73
C CYS A 65 -0.97 -5.94 11.17
N GLY A 66 -1.24 -6.02 12.46
CA GLY A 66 -2.42 -5.38 13.02
C GLY A 66 -2.57 -3.95 12.51
N GLU A 67 -1.44 -3.39 12.07
CA GLU A 67 -1.44 -2.04 11.55
C GLU A 67 -2.01 -2.00 10.13
N CYS A 68 -1.84 -3.11 9.43
CA CYS A 68 -2.33 -3.22 8.06
C CYS A 68 -3.60 -4.08 8.08
N HIS A 69 -3.50 -5.21 8.77
CA HIS A 69 -4.60 -6.15 8.89
C HIS A 69 -5.40 -5.86 10.19
N LYS A 70 -6.68 -6.16 10.15
CA LYS A 70 -7.54 -5.94 11.30
C LYS A 70 -8.57 -7.07 11.38
N LYS A 71 -8.53 -7.77 12.50
CA LYS A 71 -9.45 -8.88 12.73
C LYS A 71 -10.69 -8.36 13.45
N ALA A 1 -13.07 8.40 -3.41
CA ALA A 1 -12.21 7.23 -3.45
C ALA A 1 -10.96 7.50 -2.60
N ASP A 2 -11.19 8.04 -1.42
CA ASP A 2 -10.10 8.35 -0.51
C ASP A 2 -9.88 7.16 0.43
N ASP A 3 -10.16 5.98 -0.08
CA ASP A 3 -9.99 4.76 0.70
C ASP A 3 -10.05 3.55 -0.23
N ILE A 4 -9.03 2.71 -0.13
CA ILE A 4 -8.95 1.52 -0.94
C ILE A 4 -8.85 0.29 -0.05
N VAL A 5 -9.92 -0.51 -0.07
CA VAL A 5 -9.97 -1.71 0.75
C VAL A 5 -9.45 -2.89 -0.08
N LEU A 6 -8.48 -3.60 0.49
CA LEU A 6 -7.90 -4.74 -0.17
C LEU A 6 -8.43 -6.02 0.46
N LYS A 7 -9.62 -6.41 0.02
CA LYS A 7 -10.26 -7.61 0.53
C LYS A 7 -9.20 -8.69 0.76
N ALA A 8 -9.12 -9.13 2.00
CA ALA A 8 -8.15 -10.16 2.37
C ALA A 8 -8.88 -11.31 3.06
N LYS A 9 -8.15 -12.39 3.27
CA LYS A 9 -8.71 -13.56 3.91
C LYS A 9 -8.44 -13.50 5.41
N ASN A 10 -7.20 -13.18 5.74
CA ASN A 10 -6.80 -13.08 7.14
C ASN A 10 -7.34 -11.77 7.73
N GLY A 11 -7.81 -10.91 6.83
CA GLY A 11 -8.36 -9.63 7.24
C GLY A 11 -8.08 -8.56 6.18
N ASP A 12 -9.10 -7.73 5.95
CA ASP A 12 -8.98 -6.66 4.98
C ASP A 12 -7.94 -5.65 5.46
N VAL A 13 -7.47 -4.84 4.52
CA VAL A 13 -6.48 -3.84 4.83
C VAL A 13 -7.05 -2.45 4.53
N LYS A 14 -6.94 -1.57 5.51
CA LYS A 14 -7.44 -0.21 5.37
C LYS A 14 -6.32 0.70 4.84
N PHE A 15 -6.32 0.87 3.53
CA PHE A 15 -5.31 1.70 2.88
C PHE A 15 -5.94 2.93 2.25
N PRO A 16 -5.65 4.10 2.84
CA PRO A 16 -6.13 5.39 2.40
C PRO A 16 -5.25 5.92 1.29
N HIS A 17 -5.70 5.78 0.05
CA HIS A 17 -4.95 6.24 -1.12
C HIS A 17 -4.81 7.78 -1.07
N LYS A 18 -5.94 8.44 -1.00
CA LYS A 18 -5.95 9.90 -0.94
C LYS A 18 -4.85 10.38 0.00
N ALA A 19 -4.57 9.55 1.00
CA ALA A 19 -3.54 9.87 1.97
C ALA A 19 -2.16 9.68 1.34
N HIS A 20 -2.01 8.54 0.65
CA HIS A 20 -0.77 8.18 -0.01
C HIS A 20 -0.68 8.90 -1.37
N GLN A 21 -1.57 9.85 -1.56
CA GLN A 21 -1.60 10.62 -2.80
C GLN A 21 -0.98 12.00 -2.58
N LYS A 22 -0.86 12.37 -1.32
CA LYS A 22 -0.28 13.66 -0.96
C LYS A 22 1.04 13.44 -0.23
N ALA A 23 1.19 12.24 0.32
CA ALA A 23 2.40 11.90 1.05
C ALA A 23 3.54 11.68 0.05
N VAL A 24 3.19 11.74 -1.21
CA VAL A 24 4.17 11.55 -2.27
C VAL A 24 4.12 12.73 -3.24
N PRO A 25 5.18 13.53 -3.23
CA PRO A 25 5.34 14.71 -4.06
C PRO A 25 4.61 14.49 -5.39
N ASP A 26 5.12 13.57 -6.19
CA ASP A 26 4.51 13.29 -7.47
C ASP A 26 4.41 11.77 -7.66
N CYS A 27 4.14 11.09 -6.57
CA CYS A 27 4.01 9.63 -6.60
C CYS A 27 4.95 9.10 -7.69
N LYS A 28 4.43 8.17 -8.47
CA LYS A 28 5.21 7.57 -9.54
C LYS A 28 6.21 6.57 -8.94
N LYS A 29 6.26 6.56 -7.62
CA LYS A 29 7.16 5.66 -6.92
C LYS A 29 6.58 4.24 -6.93
N CYS A 30 5.27 4.18 -7.08
CA CYS A 30 4.58 2.90 -7.11
C CYS A 30 4.07 2.66 -8.52
N HIS A 31 3.58 3.74 -9.14
CA HIS A 31 3.05 3.70 -10.49
C HIS A 31 4.17 4.03 -11.51
N GLU A 32 5.32 3.39 -11.30
CA GLU A 32 6.45 3.60 -12.17
C GLU A 32 5.97 3.90 -13.60
N LYS A 33 5.30 2.93 -14.17
CA LYS A 33 4.78 3.06 -15.53
C LYS A 33 3.70 4.14 -15.54
N GLY A 34 2.58 3.82 -14.91
CA GLY A 34 1.46 4.74 -14.85
C GLY A 34 0.35 4.19 -13.93
N PRO A 35 -0.71 4.98 -13.81
CA PRO A 35 -1.88 4.66 -13.01
C PRO A 35 -2.50 3.37 -13.51
N GLY A 36 -3.78 3.18 -13.21
CA GLY A 36 -4.47 1.97 -13.64
C GLY A 36 -4.13 0.78 -12.73
N LYS A 37 -4.89 -0.28 -12.87
CA LYS A 37 -4.68 -1.47 -12.08
C LYS A 37 -3.21 -1.89 -12.17
N ILE A 38 -2.57 -1.95 -11.01
CA ILE A 38 -1.17 -2.33 -10.94
C ILE A 38 -1.03 -3.80 -11.37
N GLU A 39 -0.89 -3.99 -12.68
CA GLU A 39 -0.75 -5.33 -13.22
C GLU A 39 -1.59 -6.32 -12.42
N GLY A 40 -0.89 -7.27 -11.79
CA GLY A 40 -1.56 -8.28 -11.00
C GLY A 40 -1.02 -8.29 -9.57
N PHE A 41 -1.23 -7.19 -8.88
CA PHE A 41 -0.78 -7.05 -7.50
C PHE A 41 -0.98 -8.36 -6.74
N GLY A 42 -0.02 -8.65 -5.87
CA GLY A 42 -0.07 -9.87 -5.07
C GLY A 42 0.41 -9.60 -3.63
N LYS A 43 0.22 -10.60 -2.79
CA LYS A 43 0.63 -10.48 -1.40
C LYS A 43 2.14 -10.33 -1.33
N GLU A 44 2.83 -11.33 -1.88
CA GLU A 44 4.28 -11.32 -1.87
C GLU A 44 4.80 -9.92 -2.19
N MET A 45 4.02 -9.20 -2.98
CA MET A 45 4.40 -7.85 -3.37
C MET A 45 4.10 -6.86 -2.24
N ALA A 46 2.94 -7.03 -1.63
CA ALA A 46 2.53 -6.16 -0.54
C ALA A 46 3.65 -6.11 0.50
N HIS A 47 3.91 -7.27 1.11
CA HIS A 47 4.94 -7.40 2.13
C HIS A 47 6.33 -7.06 1.53
N GLY A 48 6.36 -6.94 0.22
CA GLY A 48 7.59 -6.63 -0.48
C GLY A 48 7.85 -5.13 -0.47
N LYS A 49 8.33 -4.63 -1.60
CA LYS A 49 8.62 -3.21 -1.74
C LYS A 49 7.44 -2.51 -2.42
N GLY A 50 6.25 -2.83 -1.94
CA GLY A 50 5.05 -2.23 -2.49
C GLY A 50 3.95 -2.13 -1.43
N CYS A 51 4.39 -1.93 -0.19
CA CYS A 51 3.46 -1.81 0.92
C CYS A 51 4.27 -1.62 2.21
N LYS A 52 4.91 -2.70 2.63
CA LYS A 52 5.73 -2.65 3.83
C LYS A 52 7.15 -2.25 3.47
N GLY A 53 7.75 -3.02 2.57
CA GLY A 53 9.10 -2.74 2.13
C GLY A 53 9.38 -1.24 2.12
N CYS A 54 8.47 -0.50 1.51
CA CYS A 54 8.60 0.94 1.43
C CYS A 54 8.91 1.48 2.83
N HIS A 55 7.92 1.34 3.71
CA HIS A 55 8.03 1.79 5.09
C HIS A 55 9.39 1.36 5.68
N GLU A 56 9.76 0.12 5.40
CA GLU A 56 11.02 -0.41 5.89
C GLU A 56 12.19 0.42 5.35
N GLU A 57 11.98 0.98 4.17
CA GLU A 57 12.99 1.80 3.53
C GLU A 57 12.78 3.28 3.86
N MET A 58 11.57 3.73 3.60
CA MET A 58 11.22 5.13 3.86
C MET A 58 11.37 5.45 5.35
N LYS A 59 11.42 4.39 6.15
CA LYS A 59 11.56 4.56 7.59
C LYS A 59 10.36 5.33 8.13
N LYS A 60 9.25 5.22 7.41
CA LYS A 60 8.03 5.90 7.81
C LYS A 60 6.82 5.04 7.44
N GLY A 61 5.96 4.83 8.41
CA GLY A 61 4.76 4.03 8.20
C GLY A 61 4.74 2.82 9.14
N PRO A 62 3.58 2.15 9.18
CA PRO A 62 3.34 0.98 10.00
C PRO A 62 4.03 -0.22 9.38
N THR A 63 4.55 -1.10 10.23
CA THR A 63 5.23 -2.29 9.75
C THR A 63 4.66 -3.54 10.40
N LYS A 64 3.68 -3.32 11.27
CA LYS A 64 3.04 -4.42 11.97
C LYS A 64 1.84 -4.91 11.16
N CYS A 65 1.41 -6.12 11.48
CA CYS A 65 0.28 -6.71 10.78
C CYS A 65 -0.99 -5.95 11.18
N GLY A 66 -1.28 -6.00 12.47
CA GLY A 66 -2.45 -5.32 12.99
C GLY A 66 -2.56 -3.89 12.43
N GLU A 67 -1.42 -3.38 11.98
CA GLU A 67 -1.38 -2.05 11.43
C GLU A 67 -2.01 -2.03 10.03
N CYS A 68 -1.81 -3.13 9.31
CA CYS A 68 -2.35 -3.24 7.97
C CYS A 68 -3.61 -4.11 8.03
N HIS A 69 -3.49 -5.23 8.74
CA HIS A 69 -4.59 -6.17 8.93
C HIS A 69 -5.34 -5.87 10.24
N LYS A 70 -6.60 -6.28 10.30
CA LYS A 70 -7.40 -6.06 11.48
C LYS A 70 -8.77 -6.72 11.29
N LYS A 71 -9.36 -7.11 12.40
CA LYS A 71 -10.66 -7.76 12.37
C LYS A 71 -11.68 -6.86 13.07
N ALA A 1 -11.03 5.41 -4.59
CA ALA A 1 -11.57 6.49 -3.78
C ALA A 1 -10.56 6.85 -2.69
N ASP A 2 -11.01 7.71 -1.78
CA ASP A 2 -10.16 8.15 -0.68
C ASP A 2 -9.56 6.93 0.01
N ASP A 3 -10.44 6.06 0.49
CA ASP A 3 -10.02 4.85 1.18
C ASP A 3 -10.15 3.67 0.23
N ILE A 4 -9.08 2.88 0.18
CA ILE A 4 -9.06 1.71 -0.68
C ILE A 4 -8.93 0.44 0.18
N VAL A 5 -9.99 -0.35 0.16
CA VAL A 5 -9.99 -1.58 0.93
C VAL A 5 -9.45 -2.73 0.08
N LEU A 6 -8.46 -3.42 0.64
CA LEU A 6 -7.84 -4.53 -0.06
C LEU A 6 -8.38 -5.84 0.49
N LYS A 7 -9.56 -6.22 0.03
CA LYS A 7 -10.20 -7.44 0.48
C LYS A 7 -9.14 -8.54 0.60
N ALA A 8 -9.02 -9.06 1.81
CA ALA A 8 -8.06 -10.11 2.08
C ALA A 8 -8.78 -11.33 2.68
N LYS A 9 -8.18 -12.49 2.49
CA LYS A 9 -8.75 -13.72 2.99
C LYS A 9 -8.46 -13.84 4.49
N ASN A 10 -7.45 -13.08 4.93
CA ASN A 10 -7.06 -13.10 6.33
C ASN A 10 -7.05 -11.66 6.86
N GLY A 11 -8.24 -11.08 6.94
CA GLY A 11 -8.38 -9.72 7.42
C GLY A 11 -8.17 -8.71 6.29
N ASP A 12 -9.01 -7.68 6.29
CA ASP A 12 -8.91 -6.65 5.28
C ASP A 12 -7.85 -5.62 5.69
N VAL A 13 -7.48 -4.78 4.73
CA VAL A 13 -6.48 -3.76 4.99
C VAL A 13 -7.07 -2.38 4.67
N LYS A 14 -6.90 -1.47 5.61
CA LYS A 14 -7.41 -0.13 5.45
C LYS A 14 -6.28 0.79 4.95
N PHE A 15 -6.35 1.12 3.67
CA PHE A 15 -5.36 1.98 3.06
C PHE A 15 -6.01 3.20 2.40
N PRO A 16 -5.68 4.38 2.94
CA PRO A 16 -6.18 5.65 2.48
C PRO A 16 -5.29 6.16 1.35
N HIS A 17 -5.79 6.06 0.12
CA HIS A 17 -5.06 6.50 -1.07
C HIS A 17 -4.90 8.04 -1.03
N LYS A 18 -6.02 8.72 -0.93
CA LYS A 18 -6.01 10.18 -0.89
C LYS A 18 -4.94 10.64 0.11
N ALA A 19 -4.62 9.76 1.04
CA ALA A 19 -3.62 10.06 2.05
C ALA A 19 -2.23 9.83 1.47
N HIS A 20 -2.08 8.68 0.81
CA HIS A 20 -0.82 8.28 0.19
C HIS A 20 -0.70 8.92 -1.20
N GLN A 21 -1.49 9.97 -1.41
CA GLN A 21 -1.47 10.67 -2.69
C GLN A 21 -0.87 12.07 -2.52
N LYS A 22 -0.57 12.40 -1.28
CA LYS A 22 0.01 13.70 -0.97
C LYS A 22 1.36 13.50 -0.29
N ALA A 23 1.51 12.34 0.32
CA ALA A 23 2.76 12.02 1.00
C ALA A 23 3.85 11.73 -0.04
N VAL A 24 3.44 11.74 -1.29
CA VAL A 24 4.37 11.49 -2.39
C VAL A 24 4.34 12.66 -3.36
N PRO A 25 5.47 13.37 -3.44
CA PRO A 25 5.66 14.51 -4.30
C PRO A 25 4.82 14.35 -5.56
N ASP A 26 5.21 13.42 -6.41
CA ASP A 26 4.49 13.19 -7.65
C ASP A 26 4.28 11.68 -7.84
N CYS A 27 4.08 11.00 -6.73
CA CYS A 27 3.87 9.56 -6.75
C CYS A 27 4.72 8.98 -7.88
N LYS A 28 4.14 8.02 -8.59
CA LYS A 28 4.82 7.37 -9.69
C LYS A 28 5.85 6.37 -9.14
N LYS A 29 5.99 6.39 -7.81
CA LYS A 29 6.92 5.50 -7.15
C LYS A 29 6.34 4.09 -7.11
N CYS A 30 5.02 4.03 -7.16
CA CYS A 30 4.33 2.75 -7.14
C CYS A 30 3.77 2.47 -8.54
N HIS A 31 3.27 3.54 -9.16
CA HIS A 31 2.70 3.47 -10.51
C HIS A 31 3.80 3.73 -11.55
N GLU A 32 4.93 3.05 -11.36
CA GLU A 32 6.05 3.19 -12.28
C GLU A 32 5.53 3.50 -13.69
N LYS A 33 4.93 2.49 -14.30
CA LYS A 33 4.40 2.63 -15.64
C LYS A 33 3.35 3.75 -15.65
N GLY A 34 2.25 3.50 -14.96
CA GLY A 34 1.18 4.47 -14.88
C GLY A 34 0.07 4.01 -13.93
N PRO A 35 -0.98 4.82 -13.84
CA PRO A 35 -2.14 4.56 -13.00
C PRO A 35 -2.80 3.26 -13.42
N GLY A 36 -4.06 3.10 -13.08
CA GLY A 36 -4.78 1.89 -13.43
C GLY A 36 -4.38 0.73 -12.51
N LYS A 37 -5.21 -0.31 -12.53
CA LYS A 37 -4.96 -1.48 -11.71
C LYS A 37 -3.50 -1.93 -11.90
N ILE A 38 -2.81 -2.11 -10.77
CA ILE A 38 -1.42 -2.53 -10.80
C ILE A 38 -1.34 -3.94 -11.37
N GLU A 39 -0.35 -4.14 -12.22
CA GLU A 39 -0.14 -5.43 -12.85
C GLU A 39 -0.44 -6.55 -11.85
N GLY A 40 -1.67 -7.04 -11.88
CA GLY A 40 -2.09 -8.10 -10.99
C GLY A 40 -1.36 -8.02 -9.66
N PHE A 41 -1.96 -7.28 -8.73
CA PHE A 41 -1.37 -7.11 -7.41
C PHE A 41 -1.17 -8.46 -6.73
N GLY A 42 -0.15 -8.52 -5.89
CA GLY A 42 0.16 -9.74 -5.16
C GLY A 42 0.59 -9.43 -3.73
N LYS A 43 0.50 -10.46 -2.89
CA LYS A 43 0.88 -10.31 -1.49
C LYS A 43 2.39 -10.11 -1.39
N GLU A 44 3.12 -11.09 -1.92
CA GLU A 44 4.58 -11.03 -1.89
C GLU A 44 5.06 -9.60 -2.16
N MET A 45 4.32 -8.91 -3.00
CA MET A 45 4.65 -7.54 -3.34
C MET A 45 4.34 -6.58 -2.18
N ALA A 46 3.15 -6.76 -1.62
CA ALA A 46 2.72 -5.93 -0.51
C ALA A 46 3.80 -5.92 0.56
N HIS A 47 4.05 -7.09 1.14
CA HIS A 47 5.05 -7.27 2.18
C HIS A 47 6.44 -6.92 1.63
N GLY A 48 6.51 -6.76 0.32
CA GLY A 48 7.77 -6.42 -0.34
C GLY A 48 7.99 -4.92 -0.34
N LYS A 49 8.47 -4.42 -1.48
CA LYS A 49 8.73 -3.00 -1.63
C LYS A 49 7.55 -2.34 -2.34
N GLY A 50 6.36 -2.61 -1.83
CA GLY A 50 5.15 -2.06 -2.41
C GLY A 50 4.05 -1.93 -1.36
N CYS A 51 4.46 -1.77 -0.11
CA CYS A 51 3.53 -1.63 0.98
C CYS A 51 4.32 -1.47 2.28
N LYS A 52 4.94 -2.57 2.70
CA LYS A 52 5.73 -2.56 3.92
C LYS A 52 7.15 -2.10 3.59
N GLY A 53 7.78 -2.82 2.66
CA GLY A 53 9.13 -2.51 2.26
C GLY A 53 9.38 -0.99 2.31
N CYS A 54 8.55 -0.27 1.57
CA CYS A 54 8.67 1.18 1.52
C CYS A 54 8.97 1.69 2.93
N HIS A 55 8.02 1.42 3.84
CA HIS A 55 8.13 1.83 5.23
C HIS A 55 9.49 1.39 5.80
N GLU A 56 9.85 0.15 5.49
CA GLU A 56 11.12 -0.40 5.97
C GLU A 56 12.29 0.40 5.37
N GLU A 57 12.02 1.04 4.25
CA GLU A 57 13.04 1.84 3.59
C GLU A 57 12.94 3.30 4.03
N MET A 58 11.76 3.86 3.82
CA MET A 58 11.52 5.25 4.19
C MET A 58 11.65 5.45 5.70
N LYS A 59 11.57 4.33 6.42
CA LYS A 59 11.68 4.37 7.87
C LYS A 59 10.51 5.18 8.44
N LYS A 60 9.34 4.97 7.83
CA LYS A 60 8.14 5.67 8.27
C LYS A 60 6.91 4.88 7.84
N GLY A 61 6.01 4.69 8.78
CA GLY A 61 4.79 3.95 8.51
C GLY A 61 4.69 2.69 9.39
N PRO A 62 3.52 2.06 9.35
CA PRO A 62 3.22 0.86 10.10
C PRO A 62 3.86 -0.34 9.43
N THR A 63 4.47 -1.21 10.22
CA THR A 63 5.11 -2.39 9.68
C THR A 63 4.52 -3.66 10.28
N LYS A 64 3.68 -3.45 11.29
CA LYS A 64 3.04 -4.57 11.97
C LYS A 64 1.84 -5.04 11.13
N CYS A 65 1.41 -6.27 11.42
CA CYS A 65 0.29 -6.85 10.71
C CYS A 65 -0.98 -6.10 11.12
N GLY A 66 -1.31 -6.22 12.40
CA GLY A 66 -2.49 -5.56 12.93
C GLY A 66 -2.60 -4.12 12.41
N GLU A 67 -1.46 -3.57 12.03
CA GLU A 67 -1.41 -2.22 11.50
C GLU A 67 -2.01 -2.17 10.09
N CYS A 68 -1.70 -3.21 9.32
CA CYS A 68 -2.21 -3.29 7.96
C CYS A 68 -3.49 -4.13 7.97
N HIS A 69 -3.41 -5.27 8.66
CA HIS A 69 -4.53 -6.20 8.78
C HIS A 69 -5.35 -5.86 10.03
N LYS A 70 -6.67 -5.97 9.90
CA LYS A 70 -7.56 -5.68 11.01
C LYS A 70 -8.96 -6.23 10.68
N LYS A 71 -9.55 -6.87 11.68
CA LYS A 71 -10.87 -7.45 11.52
C LYS A 71 -11.93 -6.43 11.99
N ALA A 1 -12.41 6.16 -3.26
CA ALA A 1 -12.21 7.58 -3.49
C ALA A 1 -11.02 8.07 -2.66
N ASP A 2 -11.13 7.89 -1.35
CA ASP A 2 -10.07 8.30 -0.45
C ASP A 2 -9.67 7.12 0.44
N ASP A 3 -10.29 5.99 0.17
CA ASP A 3 -10.01 4.78 0.93
C ASP A 3 -10.13 3.57 0.01
N ILE A 4 -9.08 2.76 0.00
CA ILE A 4 -9.05 1.56 -0.83
C ILE A 4 -8.94 0.33 0.07
N VAL A 5 -10.02 -0.45 0.10
CA VAL A 5 -10.05 -1.65 0.91
C VAL A 5 -9.53 -2.83 0.08
N LEU A 6 -8.57 -3.54 0.65
CA LEU A 6 -7.98 -4.69 -0.03
C LEU A 6 -8.48 -5.97 0.64
N LYS A 7 -9.62 -6.44 0.16
CA LYS A 7 -10.20 -7.66 0.69
C LYS A 7 -9.14 -8.74 0.80
N ALA A 8 -8.93 -9.21 2.02
CA ALA A 8 -7.94 -10.25 2.26
C ALA A 8 -8.64 -11.50 2.79
N LYS A 9 -7.94 -12.62 2.68
CA LYS A 9 -8.48 -13.89 3.14
C LYS A 9 -8.08 -14.12 4.60
N ASN A 10 -7.58 -13.05 5.20
CA ASN A 10 -7.17 -13.11 6.59
C ASN A 10 -7.12 -11.70 7.18
N GLY A 11 -8.24 -11.01 7.04
CA GLY A 11 -8.34 -9.65 7.55
C GLY A 11 -8.13 -8.63 6.42
N ASP A 12 -9.01 -7.64 6.39
CA ASP A 12 -8.93 -6.60 5.38
C ASP A 12 -7.79 -5.64 5.73
N VAL A 13 -7.44 -4.80 4.76
CA VAL A 13 -6.38 -3.83 4.96
C VAL A 13 -6.92 -2.43 4.69
N LYS A 14 -6.58 -1.52 5.59
CA LYS A 14 -7.02 -0.14 5.46
C LYS A 14 -5.91 0.69 4.82
N PHE A 15 -6.20 1.21 3.64
CA PHE A 15 -5.23 2.02 2.91
C PHE A 15 -5.90 3.27 2.33
N PRO A 16 -5.59 4.41 2.95
CA PRO A 16 -6.09 5.71 2.57
C PRO A 16 -5.28 6.25 1.41
N HIS A 17 -5.66 5.88 0.19
CA HIS A 17 -4.98 6.32 -1.02
C HIS A 17 -4.84 7.85 -1.02
N LYS A 18 -5.98 8.52 -0.91
CA LYS A 18 -6.00 9.98 -0.88
C LYS A 18 -4.82 10.48 -0.04
N ALA A 19 -4.53 9.75 1.03
CA ALA A 19 -3.44 10.12 1.91
C ALA A 19 -2.11 9.89 1.18
N HIS A 20 -2.01 8.74 0.52
CA HIS A 20 -0.82 8.35 -0.23
C HIS A 20 -0.80 9.08 -1.58
N GLN A 21 -1.75 10.00 -1.75
CA GLN A 21 -1.85 10.75 -2.99
C GLN A 21 -1.27 12.16 -2.80
N LYS A 22 -0.75 12.38 -1.60
CA LYS A 22 -0.16 13.68 -1.28
C LYS A 22 0.94 13.48 -0.24
N ALA A 23 1.43 12.26 -0.16
CA ALA A 23 2.49 11.93 0.77
C ALA A 23 3.71 11.41 0.01
N VAL A 24 3.61 11.51 -1.31
CA VAL A 24 4.70 11.06 -2.17
C VAL A 24 5.20 12.24 -3.00
N PRO A 25 6.12 13.00 -2.40
CA PRO A 25 6.74 14.16 -3.00
C PRO A 25 6.88 13.95 -4.50
N ASP A 26 7.12 12.72 -4.90
CA ASP A 26 7.27 12.40 -6.31
C ASP A 26 6.55 11.10 -6.62
N CYS A 27 5.32 11.24 -7.12
CA CYS A 27 4.51 10.09 -7.46
C CYS A 27 5.27 9.26 -8.51
N LYS A 28 4.62 8.21 -8.97
CA LYS A 28 5.21 7.33 -9.96
C LYS A 28 6.08 6.29 -9.27
N LYS A 29 6.18 6.43 -7.95
CA LYS A 29 6.97 5.50 -7.16
C LYS A 29 6.38 4.09 -7.29
N CYS A 30 5.10 3.99 -6.98
CA CYS A 30 4.41 2.72 -7.05
C CYS A 30 3.92 2.51 -8.49
N HIS A 31 3.31 3.57 -9.03
CA HIS A 31 2.77 3.57 -10.38
C HIS A 31 3.91 3.79 -11.39
N GLU A 32 4.98 3.03 -11.22
CA GLU A 32 6.12 3.14 -12.10
C GLU A 32 5.78 2.60 -13.50
N LYS A 33 4.83 3.28 -14.13
CA LYS A 33 4.41 2.89 -15.47
C LYS A 33 3.12 3.63 -15.82
N GLY A 34 2.17 3.58 -14.89
CA GLY A 34 0.89 4.24 -15.10
C GLY A 34 -0.15 3.74 -14.09
N PRO A 35 -1.15 4.58 -13.85
CA PRO A 35 -2.25 4.33 -12.93
C PRO A 35 -2.95 3.04 -13.35
N GLY A 36 -4.19 2.88 -12.91
CA GLY A 36 -4.96 1.69 -13.23
C GLY A 36 -4.52 0.50 -12.38
N LYS A 37 -5.30 -0.57 -12.47
CA LYS A 37 -5.00 -1.77 -11.71
C LYS A 37 -3.53 -2.11 -11.87
N ILE A 38 -2.80 -2.00 -10.75
CA ILE A 38 -1.38 -2.29 -10.75
C ILE A 38 -1.15 -3.71 -11.29
N GLU A 39 -0.13 -3.84 -12.13
CA GLU A 39 0.21 -5.11 -12.71
C GLU A 39 -0.18 -6.25 -11.77
N GLY A 40 -1.38 -6.79 -12.00
CA GLY A 40 -1.88 -7.88 -11.19
C GLY A 40 -1.24 -7.85 -9.79
N PHE A 41 -1.77 -6.99 -8.95
CA PHE A 41 -1.27 -6.85 -7.59
C PHE A 41 -1.16 -8.22 -6.92
N GLY A 42 -0.08 -8.38 -6.16
CA GLY A 42 0.15 -9.63 -5.45
C GLY A 42 0.50 -9.38 -3.99
N LYS A 43 0.35 -10.42 -3.18
CA LYS A 43 0.65 -10.32 -1.76
C LYS A 43 2.16 -10.15 -1.58
N GLU A 44 2.90 -11.10 -2.12
CA GLU A 44 4.35 -11.08 -2.01
C GLU A 44 4.87 -9.65 -2.20
N MET A 45 4.24 -8.95 -3.14
CA MET A 45 4.62 -7.58 -3.43
C MET A 45 4.24 -6.65 -2.27
N ALA A 46 3.06 -6.89 -1.72
CA ALA A 46 2.58 -6.08 -0.62
C ALA A 46 3.67 -5.97 0.44
N HIS A 47 3.97 -7.11 1.07
CA HIS A 47 4.99 -7.20 2.12
C HIS A 47 6.35 -6.77 1.55
N GLY A 48 6.41 -6.67 0.23
CA GLY A 48 7.64 -6.27 -0.43
C GLY A 48 7.75 -4.75 -0.52
N LYS A 49 8.34 -4.28 -1.61
CA LYS A 49 8.51 -2.86 -1.82
C LYS A 49 7.28 -2.29 -2.53
N GLY A 50 6.12 -2.62 -1.99
CA GLY A 50 4.86 -2.17 -2.55
C GLY A 50 3.78 -2.03 -1.47
N CYS A 51 4.25 -1.87 -0.24
CA CYS A 51 3.34 -1.72 0.89
C CYS A 51 4.18 -1.52 2.15
N LYS A 52 4.78 -2.60 2.61
CA LYS A 52 5.61 -2.55 3.80
C LYS A 52 7.02 -2.11 3.42
N GLY A 53 7.60 -2.83 2.47
CA GLY A 53 8.94 -2.52 2.01
C GLY A 53 9.19 -1.01 2.03
N CYS A 54 8.24 -0.28 1.45
CA CYS A 54 8.35 1.17 1.40
C CYS A 54 8.63 1.69 2.80
N HIS A 55 7.61 1.58 3.65
CA HIS A 55 7.68 2.02 5.05
C HIS A 55 9.07 1.68 5.63
N GLU A 56 9.50 0.46 5.37
CA GLU A 56 10.79 0.00 5.86
C GLU A 56 11.90 0.93 5.36
N GLU A 57 11.80 1.30 4.09
CA GLU A 57 12.78 2.18 3.49
C GLU A 57 12.46 3.64 3.81
N MET A 58 11.23 4.01 3.51
CA MET A 58 10.77 5.38 3.76
C MET A 58 10.86 5.71 5.24
N LYS A 59 11.05 4.69 6.04
CA LYS A 59 11.15 4.87 7.49
C LYS A 59 9.89 5.56 8.00
N LYS A 60 8.86 5.54 7.17
CA LYS A 60 7.60 6.16 7.52
C LYS A 60 6.46 5.17 7.28
N GLY A 61 5.53 5.15 8.22
CA GLY A 61 4.39 4.26 8.13
C GLY A 61 4.51 3.10 9.13
N PRO A 62 3.43 2.31 9.21
CA PRO A 62 3.33 1.17 10.10
C PRO A 62 3.74 -0.09 9.34
N THR A 63 4.35 -1.03 10.04
CA THR A 63 4.78 -2.27 9.42
C THR A 63 4.11 -3.47 10.10
N LYS A 64 3.63 -3.23 11.31
CA LYS A 64 2.97 -4.27 12.07
C LYS A 64 1.77 -4.81 11.26
N CYS A 65 1.48 -6.07 11.47
CA CYS A 65 0.37 -6.71 10.78
C CYS A 65 -0.92 -6.08 11.25
N GLY A 66 -1.16 -6.16 12.56
CA GLY A 66 -2.35 -5.59 13.15
C GLY A 66 -2.60 -4.18 12.63
N GLU A 67 -1.52 -3.54 12.19
CA GLU A 67 -1.61 -2.19 11.66
C GLU A 67 -2.24 -2.20 10.26
N CYS A 68 -1.94 -3.27 9.52
CA CYS A 68 -2.46 -3.41 8.17
C CYS A 68 -3.69 -4.33 8.23
N HIS A 69 -3.49 -5.50 8.85
CA HIS A 69 -4.54 -6.50 9.00
C HIS A 69 -5.31 -6.26 10.31
N LYS A 70 -6.62 -6.37 10.22
CA LYS A 70 -7.47 -6.17 11.39
C LYS A 70 -8.74 -7.02 11.24
N LYS A 71 -8.95 -7.88 12.22
CA LYS A 71 -10.12 -8.75 12.21
C LYS A 71 -11.24 -8.10 13.01
N ALA A 1 -12.12 5.56 -3.97
CA ALA A 1 -12.63 6.92 -3.81
C ALA A 1 -12.20 7.47 -2.45
N ASP A 2 -10.92 7.82 -2.37
CA ASP A 2 -10.38 8.36 -1.13
C ASP A 2 -9.89 7.22 -0.25
N ASP A 3 -10.67 6.14 -0.25
CA ASP A 3 -10.32 4.97 0.55
C ASP A 3 -10.29 3.74 -0.36
N ILE A 4 -9.24 2.93 -0.17
CA ILE A 4 -9.09 1.72 -0.96
C ILE A 4 -8.96 0.52 -0.03
N VAL A 5 -9.97 -0.33 -0.07
CA VAL A 5 -9.99 -1.52 0.77
C VAL A 5 -9.41 -2.69 -0.01
N LEU A 6 -8.43 -3.34 0.61
CA LEU A 6 -7.77 -4.47 -0.02
C LEU A 6 -8.27 -5.77 0.63
N LYS A 7 -9.18 -6.43 -0.06
CA LYS A 7 -9.75 -7.67 0.43
C LYS A 7 -8.62 -8.70 0.62
N ALA A 8 -8.53 -9.21 1.83
CA ALA A 8 -7.51 -10.21 2.15
C ALA A 8 -8.14 -11.35 2.94
N LYS A 9 -7.88 -12.56 2.48
CA LYS A 9 -8.42 -13.74 3.14
C LYS A 9 -7.96 -13.76 4.60
N ASN A 10 -6.83 -13.10 4.84
CA ASN A 10 -6.28 -13.03 6.18
C ASN A 10 -6.41 -11.61 6.72
N GLY A 11 -7.65 -11.15 6.77
CA GLY A 11 -7.94 -9.81 7.26
C GLY A 11 -7.73 -8.76 6.16
N ASP A 12 -8.65 -7.82 6.10
CA ASP A 12 -8.57 -6.76 5.10
C ASP A 12 -7.55 -5.72 5.54
N VAL A 13 -7.30 -4.76 4.66
CA VAL A 13 -6.35 -3.70 4.95
C VAL A 13 -6.96 -2.37 4.55
N LYS A 14 -6.69 -1.36 5.38
CA LYS A 14 -7.22 -0.02 5.13
C LYS A 14 -6.09 0.85 4.57
N PHE A 15 -6.39 1.50 3.45
CA PHE A 15 -5.43 2.37 2.80
C PHE A 15 -6.11 3.59 2.19
N PRO A 16 -5.83 4.76 2.78
CA PRO A 16 -6.38 6.04 2.35
C PRO A 16 -5.54 6.58 1.20
N HIS A 17 -5.87 6.20 -0.02
CA HIS A 17 -5.16 6.64 -1.22
C HIS A 17 -4.95 8.17 -1.17
N LYS A 18 -6.05 8.89 -0.98
CA LYS A 18 -5.99 10.33 -0.91
C LYS A 18 -4.84 10.75 0.00
N ALA A 19 -4.63 9.95 1.04
CA ALA A 19 -3.56 10.22 1.99
C ALA A 19 -2.21 9.95 1.32
N HIS A 20 -2.13 8.80 0.66
CA HIS A 20 -0.93 8.36 -0.04
C HIS A 20 -0.90 8.97 -1.46
N GLN A 21 -1.59 10.08 -1.61
CA GLN A 21 -1.65 10.76 -2.89
C GLN A 21 -1.03 12.14 -2.79
N LYS A 22 -0.37 12.38 -1.66
CA LYS A 22 0.28 13.66 -1.43
C LYS A 22 1.40 13.49 -0.39
N ALA A 23 1.89 12.26 -0.30
CA ALA A 23 2.94 11.94 0.65
C ALA A 23 4.05 11.17 -0.08
N VAL A 24 4.09 11.33 -1.39
CA VAL A 24 5.08 10.64 -2.20
C VAL A 24 5.46 11.53 -3.39
N PRO A 25 6.54 12.29 -3.21
CA PRO A 25 7.07 13.20 -4.20
C PRO A 25 6.91 12.60 -5.58
N ASP A 26 7.42 11.39 -5.77
CA ASP A 26 7.32 10.72 -7.06
C ASP A 26 6.31 9.58 -6.96
N CYS A 27 5.04 9.97 -6.82
CA CYS A 27 3.97 8.99 -6.72
C CYS A 27 4.20 7.91 -7.77
N LYS A 28 4.85 8.31 -8.86
CA LYS A 28 5.15 7.38 -9.94
C LYS A 28 5.80 6.13 -9.38
N LYS A 29 6.40 6.29 -8.21
CA LYS A 29 7.06 5.17 -7.54
C LYS A 29 6.24 3.90 -7.74
N CYS A 30 4.98 3.99 -7.34
CA CYS A 30 4.07 2.86 -7.48
C CYS A 30 3.60 2.78 -8.94
N HIS A 31 3.05 3.89 -9.41
CA HIS A 31 2.54 4.00 -10.77
C HIS A 31 3.70 4.39 -11.72
N GLU A 32 4.76 3.59 -11.68
CA GLU A 32 5.91 3.85 -12.52
C GLU A 32 5.48 3.95 -13.99
N LYS A 33 4.76 2.93 -14.42
CA LYS A 33 4.29 2.89 -15.80
C LYS A 33 3.14 3.88 -15.98
N GLY A 34 2.04 3.58 -15.30
CA GLY A 34 0.86 4.45 -15.36
C GLY A 34 -0.17 4.04 -14.31
N PRO A 35 -1.27 4.80 -14.29
CA PRO A 35 -2.38 4.59 -13.37
C PRO A 35 -3.30 3.52 -13.92
N GLY A 36 -4.21 3.04 -13.09
CA GLY A 36 -5.14 2.00 -13.52
C GLY A 36 -4.90 0.71 -12.75
N LYS A 37 -5.85 -0.21 -12.88
CA LYS A 37 -5.75 -1.50 -12.21
C LYS A 37 -4.32 -2.02 -12.32
N ILE A 38 -3.58 -1.85 -11.23
CA ILE A 38 -2.20 -2.30 -11.18
C ILE A 38 -2.12 -3.74 -11.68
N GLU A 39 -1.16 -3.98 -12.56
CA GLU A 39 -0.97 -5.30 -13.12
C GLU A 39 -1.19 -6.37 -12.05
N GLY A 40 -2.41 -6.87 -12.00
CA GLY A 40 -2.77 -7.89 -11.02
C GLY A 40 -1.88 -7.79 -9.77
N PHE A 41 -2.35 -6.99 -8.83
CA PHE A 41 -1.62 -6.81 -7.58
C PHE A 41 -1.29 -8.15 -6.93
N GLY A 42 -0.17 -8.16 -6.21
CA GLY A 42 0.27 -9.36 -5.54
C GLY A 42 0.53 -9.10 -4.06
N LYS A 43 0.34 -10.14 -3.25
CA LYS A 43 0.56 -10.02 -1.82
C LYS A 43 2.06 -9.91 -1.55
N GLU A 44 2.80 -10.91 -2.01
CA GLU A 44 4.23 -10.93 -1.83
C GLU A 44 4.82 -9.53 -1.99
N MET A 45 4.27 -8.80 -2.96
CA MET A 45 4.72 -7.46 -3.23
C MET A 45 4.42 -6.53 -2.06
N ALA A 46 3.20 -6.66 -1.53
CA ALA A 46 2.77 -5.84 -0.41
C ALA A 46 3.87 -5.83 0.65
N HIS A 47 4.14 -7.01 1.20
CA HIS A 47 5.16 -7.20 2.23
C HIS A 47 6.55 -6.85 1.66
N GLY A 48 6.60 -6.70 0.34
CA GLY A 48 7.85 -6.37 -0.33
C GLY A 48 8.14 -4.87 -0.23
N LYS A 49 8.50 -4.30 -1.37
CA LYS A 49 8.81 -2.89 -1.43
C LYS A 49 7.70 -2.15 -2.18
N GLY A 50 6.48 -2.40 -1.75
CA GLY A 50 5.32 -1.77 -2.37
C GLY A 50 4.15 -1.66 -1.39
N CYS A 51 4.51 -1.55 -0.12
CA CYS A 51 3.51 -1.42 0.93
C CYS A 51 4.24 -1.28 2.28
N LYS A 52 4.86 -2.38 2.70
CA LYS A 52 5.58 -2.38 3.96
C LYS A 52 7.02 -1.91 3.72
N GLY A 53 7.69 -2.61 2.83
CA GLY A 53 9.07 -2.27 2.49
C GLY A 53 9.30 -0.76 2.59
N CYS A 54 8.48 -0.02 1.86
CA CYS A 54 8.57 1.43 1.85
C CYS A 54 8.81 1.91 3.29
N HIS A 55 7.78 1.71 4.12
CA HIS A 55 7.83 2.10 5.52
C HIS A 55 9.15 1.64 6.15
N GLU A 56 9.50 0.39 5.90
CA GLU A 56 10.73 -0.17 6.42
C GLU A 56 11.93 0.68 6.01
N GLU A 57 11.82 1.27 4.83
CA GLU A 57 12.88 2.12 4.30
C GLU A 57 12.65 3.57 4.72
N MET A 58 11.45 4.05 4.45
CA MET A 58 11.11 5.42 4.80
C MET A 58 11.06 5.61 6.32
N LYS A 59 11.13 4.49 7.03
CA LYS A 59 11.11 4.51 8.47
C LYS A 59 9.85 5.23 8.94
N LYS A 60 8.87 5.29 8.05
CA LYS A 60 7.61 5.95 8.36
C LYS A 60 6.45 5.02 7.96
N GLY A 61 5.43 5.01 8.80
CA GLY A 61 4.27 4.19 8.56
C GLY A 61 4.23 2.98 9.50
N PRO A 62 3.11 2.25 9.46
CA PRO A 62 2.87 1.08 10.27
C PRO A 62 3.54 -0.12 9.63
N THR A 63 4.05 -1.02 10.46
CA THR A 63 4.71 -2.21 9.94
C THR A 63 4.03 -3.48 10.47
N LYS A 64 3.58 -3.39 11.72
CA LYS A 64 2.90 -4.51 12.34
C LYS A 64 1.74 -4.97 11.45
N CYS A 65 1.43 -6.26 11.54
CA CYS A 65 0.36 -6.83 10.75
C CYS A 65 -0.95 -6.16 11.18
N GLY A 66 -1.26 -6.31 12.46
CA GLY A 66 -2.48 -5.73 13.01
C GLY A 66 -2.63 -4.27 12.57
N GLU A 67 -1.50 -3.64 12.29
CA GLU A 67 -1.50 -2.25 11.87
C GLU A 67 -2.00 -2.13 10.42
N CYS A 68 -1.87 -3.24 9.69
CA CYS A 68 -2.31 -3.27 8.32
C CYS A 68 -3.58 -4.11 8.23
N HIS A 69 -3.48 -5.33 8.77
CA HIS A 69 -4.59 -6.28 8.79
C HIS A 69 -5.45 -6.05 10.05
N LYS A 70 -6.72 -6.44 9.94
CA LYS A 70 -7.64 -6.29 11.06
C LYS A 70 -8.30 -7.63 11.36
N LYS A 71 -8.07 -8.11 12.57
CA LYS A 71 -8.64 -9.39 12.99
C LYS A 71 -9.38 -9.20 14.31
N ALA A 1 -11.87 5.10 -4.29
CA ALA A 1 -12.45 6.36 -3.82
C ALA A 1 -11.76 6.77 -2.52
N ASP A 2 -10.60 7.40 -2.68
CA ASP A 2 -9.84 7.85 -1.53
C ASP A 2 -9.38 6.64 -0.71
N ASP A 3 -10.35 5.90 -0.21
CA ASP A 3 -10.06 4.72 0.58
C ASP A 3 -10.16 3.47 -0.31
N ILE A 4 -9.17 2.59 -0.14
CA ILE A 4 -9.14 1.37 -0.92
C ILE A 4 -8.99 0.18 0.03
N VAL A 5 -10.04 -0.63 0.07
CA VAL A 5 -10.04 -1.81 0.92
C VAL A 5 -9.54 -3.01 0.13
N LEU A 6 -8.43 -3.57 0.60
CA LEU A 6 -7.84 -4.72 -0.06
C LEU A 6 -8.36 -6.00 0.60
N LYS A 7 -9.57 -6.37 0.23
CA LYS A 7 -10.20 -7.57 0.78
C LYS A 7 -9.12 -8.63 1.01
N ALA A 8 -9.03 -9.06 2.26
CA ALA A 8 -8.05 -10.07 2.64
C ALA A 8 -8.75 -11.17 3.43
N LYS A 9 -8.38 -12.41 3.11
CA LYS A 9 -8.96 -13.57 3.79
C LYS A 9 -8.42 -13.65 5.21
N ASN A 10 -7.47 -12.76 5.49
CA ASN A 10 -6.87 -12.72 6.82
C ASN A 10 -6.84 -11.27 7.32
N GLY A 11 -8.01 -10.66 7.35
CA GLY A 11 -8.13 -9.29 7.81
C GLY A 11 -7.98 -8.31 6.63
N ASP A 12 -8.90 -7.36 6.57
CA ASP A 12 -8.87 -6.36 5.51
C ASP A 12 -7.76 -5.36 5.78
N VAL A 13 -7.44 -4.57 4.77
CA VAL A 13 -6.40 -3.58 4.88
C VAL A 13 -6.97 -2.20 4.55
N LYS A 14 -7.04 -1.35 5.56
CA LYS A 14 -7.57 -0.01 5.38
C LYS A 14 -6.47 0.89 4.80
N PHE A 15 -6.33 0.82 3.49
CA PHE A 15 -5.32 1.62 2.80
C PHE A 15 -5.94 2.91 2.25
N PRO A 16 -5.51 4.03 2.84
CA PRO A 16 -5.96 5.36 2.47
C PRO A 16 -5.12 5.88 1.31
N HIS A 17 -5.56 5.58 0.08
CA HIS A 17 -4.86 6.01 -1.13
C HIS A 17 -4.76 7.54 -1.15
N LYS A 18 -5.91 8.20 -1.19
CA LYS A 18 -5.95 9.65 -1.22
C LYS A 18 -4.86 10.20 -0.30
N ALA A 19 -4.70 9.52 0.84
CA ALA A 19 -3.69 9.94 1.81
C ALA A 19 -2.30 9.76 1.21
N HIS A 20 -2.14 8.64 0.49
CA HIS A 20 -0.87 8.30 -0.16
C HIS A 20 -0.72 9.11 -1.47
N GLN A 21 -1.68 9.98 -1.70
CA GLN A 21 -1.67 10.81 -2.89
C GLN A 21 -1.10 12.20 -2.57
N LYS A 22 -0.59 12.32 -1.35
CA LYS A 22 -0.02 13.58 -0.91
C LYS A 22 1.12 13.30 0.07
N ALA A 23 1.60 12.07 0.03
CA ALA A 23 2.70 11.66 0.89
C ALA A 23 3.90 11.25 0.04
N VAL A 24 3.72 11.36 -1.26
CA VAL A 24 4.78 11.01 -2.20
C VAL A 24 5.04 12.18 -3.14
N PRO A 25 5.81 13.15 -2.64
CA PRO A 25 6.18 14.35 -3.36
C PRO A 25 6.38 14.03 -4.83
N ASP A 26 6.80 12.80 -5.12
CA ASP A 26 7.02 12.38 -6.49
C ASP A 26 6.21 11.12 -6.78
N CYS A 27 4.92 11.31 -6.97
CA CYS A 27 4.03 10.20 -7.25
C CYS A 27 4.64 9.38 -8.39
N LYS A 28 4.10 8.17 -8.57
CA LYS A 28 4.57 7.29 -9.61
C LYS A 28 5.70 6.41 -9.05
N LYS A 29 5.91 6.54 -7.74
CA LYS A 29 6.94 5.76 -7.08
C LYS A 29 6.54 4.28 -7.08
N CYS A 30 5.29 4.03 -6.71
CA CYS A 30 4.78 2.67 -6.67
C CYS A 30 4.30 2.29 -8.08
N HIS A 31 3.62 3.25 -8.71
CA HIS A 31 3.10 3.07 -10.06
C HIS A 31 4.24 3.15 -11.09
N GLU A 32 4.65 4.39 -11.37
CA GLU A 32 5.71 4.62 -12.32
C GLU A 32 5.27 4.25 -13.74
N LYS A 33 4.76 3.03 -13.86
CA LYS A 33 4.29 2.54 -15.14
C LYS A 33 2.89 3.11 -15.42
N GLY A 34 2.58 4.18 -14.71
CA GLY A 34 1.28 4.83 -14.85
C GLY A 34 0.24 4.20 -13.93
N PRO A 35 -0.82 4.97 -13.67
CA PRO A 35 -1.92 4.57 -12.82
C PRO A 35 -2.56 3.31 -13.36
N GLY A 36 -3.81 3.07 -13.00
CA GLY A 36 -4.52 1.90 -13.47
C GLY A 36 -4.25 0.70 -12.55
N LYS A 37 -5.13 -0.29 -12.65
CA LYS A 37 -5.00 -1.49 -11.84
C LYS A 37 -3.56 -1.99 -11.90
N ILE A 38 -2.81 -1.66 -10.86
CA ILE A 38 -1.41 -2.06 -10.77
C ILE A 38 -1.24 -3.44 -11.42
N GLU A 39 -0.12 -3.61 -12.10
CA GLU A 39 0.17 -4.87 -12.76
C GLU A 39 -0.22 -6.05 -11.86
N GLY A 40 -1.43 -6.54 -12.08
CA GLY A 40 -1.93 -7.67 -11.31
C GLY A 40 -1.28 -7.70 -9.92
N PHE A 41 -1.78 -6.85 -9.04
CA PHE A 41 -1.26 -6.79 -7.69
C PHE A 41 -1.19 -8.18 -7.05
N GLY A 42 -0.31 -8.31 -6.07
CA GLY A 42 -0.15 -9.57 -5.38
C GLY A 42 0.25 -9.35 -3.92
N LYS A 43 0.13 -10.41 -3.13
CA LYS A 43 0.47 -10.34 -1.72
C LYS A 43 1.99 -10.20 -1.56
N GLU A 44 2.70 -11.17 -2.12
CA GLU A 44 4.15 -11.16 -2.07
C GLU A 44 4.68 -9.75 -2.31
N MET A 45 3.99 -9.03 -3.19
CA MET A 45 4.39 -7.68 -3.52
C MET A 45 4.06 -6.71 -2.38
N ALA A 46 2.90 -6.93 -1.77
CA ALA A 46 2.47 -6.09 -0.66
C ALA A 46 3.59 -6.00 0.37
N HIS A 47 3.88 -7.14 1.00
CA HIS A 47 4.91 -7.24 2.03
C HIS A 47 6.29 -6.96 1.40
N GLY A 48 6.31 -6.90 0.07
CA GLY A 48 7.53 -6.63 -0.64
C GLY A 48 7.90 -5.14 -0.59
N LYS A 49 8.19 -4.59 -1.76
CA LYS A 49 8.54 -3.19 -1.85
C LYS A 49 7.40 -2.41 -2.51
N GLY A 50 6.20 -2.66 -2.01
CA GLY A 50 5.02 -2.00 -2.54
C GLY A 50 3.90 -1.96 -1.49
N CYS A 51 4.30 -1.77 -0.25
CA CYS A 51 3.35 -1.71 0.85
C CYS A 51 4.13 -1.58 2.16
N LYS A 52 4.89 -2.62 2.47
CA LYS A 52 5.69 -2.62 3.68
C LYS A 52 7.11 -2.16 3.35
N GLY A 53 7.74 -2.89 2.45
CA GLY A 53 9.09 -2.57 2.03
C GLY A 53 9.33 -1.06 2.07
N CYS A 54 8.37 -0.33 1.54
CA CYS A 54 8.46 1.12 1.50
C CYS A 54 8.73 1.62 2.92
N HIS A 55 7.68 1.58 3.74
CA HIS A 55 7.75 2.02 5.13
C HIS A 55 9.10 1.62 5.74
N GLU A 56 9.50 0.38 5.48
CA GLU A 56 10.76 -0.13 5.99
C GLU A 56 11.92 0.76 5.54
N GLU A 57 11.91 1.08 4.25
CA GLU A 57 12.94 1.92 3.68
C GLU A 57 12.67 3.40 4.00
N MET A 58 11.45 3.82 3.71
CA MET A 58 11.04 5.19 3.96
C MET A 58 11.12 5.52 5.45
N LYS A 59 11.09 4.47 6.26
CA LYS A 59 11.15 4.64 7.70
C LYS A 59 9.90 5.35 8.19
N LYS A 60 8.92 5.43 7.29
CA LYS A 60 7.66 6.08 7.63
C LYS A 60 6.50 5.17 7.22
N GLY A 61 5.57 5.01 8.15
CA GLY A 61 4.41 4.18 7.92
C GLY A 61 4.38 2.99 8.88
N PRO A 62 3.26 2.26 8.86
CA PRO A 62 3.03 1.10 9.67
C PRO A 62 3.62 -0.13 9.00
N THR A 63 4.23 -1.01 9.81
CA THR A 63 4.83 -2.22 9.27
C THR A 63 4.20 -3.45 9.89
N LYS A 64 3.74 -3.29 11.12
CA LYS A 64 3.11 -4.39 11.84
C LYS A 64 1.88 -4.86 11.06
N CYS A 65 1.51 -6.11 11.32
CA CYS A 65 0.35 -6.70 10.64
C CYS A 65 -0.91 -6.02 11.18
N GLY A 66 -1.13 -6.18 12.47
CA GLY A 66 -2.30 -5.58 13.11
C GLY A 66 -2.52 -4.15 12.61
N GLU A 67 -1.44 -3.54 12.15
CA GLU A 67 -1.52 -2.18 11.64
C GLU A 67 -2.15 -2.16 10.25
N CYS A 68 -1.80 -3.16 9.45
CA CYS A 68 -2.33 -3.28 8.12
C CYS A 68 -3.59 -4.14 8.16
N HIS A 69 -3.45 -5.29 8.83
CA HIS A 69 -4.55 -6.24 8.98
C HIS A 69 -5.32 -5.95 10.28
N LYS A 70 -6.64 -6.04 10.20
CA LYS A 70 -7.49 -5.79 11.34
C LYS A 70 -8.55 -6.89 11.44
N LYS A 71 -8.66 -7.47 12.63
CA LYS A 71 -9.61 -8.53 12.86
C LYS A 71 -10.52 -8.14 14.04
N ALA A 1 -10.41 5.79 -4.82
CA ALA A 1 -11.55 6.57 -4.36
C ALA A 1 -11.35 6.93 -2.89
N ASP A 2 -10.31 7.70 -2.65
CA ASP A 2 -10.00 8.14 -1.30
C ASP A 2 -9.56 6.93 -0.47
N ASP A 3 -10.51 6.04 -0.24
CA ASP A 3 -10.24 4.84 0.54
C ASP A 3 -10.28 3.61 -0.39
N ILE A 4 -9.27 2.78 -0.25
CA ILE A 4 -9.18 1.58 -1.06
C ILE A 4 -9.07 0.35 -0.16
N VAL A 5 -10.13 -0.44 -0.15
CA VAL A 5 -10.16 -1.64 0.67
C VAL A 5 -9.59 -2.82 -0.13
N LEU A 6 -8.61 -3.48 0.46
CA LEU A 6 -7.98 -4.61 -0.19
C LEU A 6 -8.44 -5.90 0.50
N LYS A 7 -9.64 -6.33 0.15
CA LYS A 7 -10.20 -7.54 0.72
C LYS A 7 -9.10 -8.59 0.86
N ALA A 8 -9.06 -9.20 2.05
CA ALA A 8 -8.06 -10.23 2.32
C ALA A 8 -8.73 -11.41 3.03
N LYS A 9 -8.10 -12.56 2.90
CA LYS A 9 -8.62 -13.76 3.53
C LYS A 9 -8.36 -13.71 5.04
N ASN A 10 -7.23 -13.12 5.39
CA ASN A 10 -6.85 -12.99 6.79
C ASN A 10 -6.91 -11.51 7.20
N GLY A 11 -8.13 -11.02 7.33
CA GLY A 11 -8.34 -9.63 7.71
C GLY A 11 -8.18 -8.70 6.50
N ASP A 12 -9.01 -7.66 6.50
CA ASP A 12 -8.98 -6.69 5.41
C ASP A 12 -7.78 -5.76 5.60
N VAL A 13 -7.54 -4.95 4.59
CA VAL A 13 -6.43 -4.00 4.63
C VAL A 13 -6.93 -2.61 4.24
N LYS A 14 -6.99 -1.74 5.23
CA LYS A 14 -7.45 -0.38 5.01
C LYS A 14 -6.28 0.48 4.53
N PHE A 15 -6.36 0.90 3.28
CA PHE A 15 -5.31 1.73 2.69
C PHE A 15 -5.87 3.08 2.26
N PRO A 16 -5.43 4.13 2.95
CA PRO A 16 -5.83 5.50 2.71
C PRO A 16 -5.07 6.04 1.49
N HIS A 17 -5.62 5.78 0.30
CA HIS A 17 -5.02 6.23 -0.95
C HIS A 17 -4.85 7.77 -0.93
N LYS A 18 -5.96 8.45 -0.75
CA LYS A 18 -5.95 9.91 -0.71
C LYS A 18 -4.79 10.38 0.16
N ALA A 19 -4.55 9.63 1.23
CA ALA A 19 -3.49 9.96 2.16
C ALA A 19 -2.14 9.74 1.46
N HIS A 20 -2.08 8.68 0.65
CA HIS A 20 -0.89 8.31 -0.09
C HIS A 20 -0.82 9.11 -1.40
N GLN A 21 -1.44 10.29 -1.39
CA GLN A 21 -1.47 11.14 -2.56
C GLN A 21 -0.45 12.28 -2.40
N LYS A 22 -0.44 12.86 -1.22
CA LYS A 22 0.47 13.95 -0.93
C LYS A 22 1.51 13.49 0.09
N ALA A 23 1.96 12.26 -0.08
CA ALA A 23 2.95 11.68 0.82
C ALA A 23 3.97 10.90 0.00
N VAL A 24 3.97 11.16 -1.30
CA VAL A 24 4.89 10.49 -2.20
C VAL A 24 5.36 11.48 -3.27
N PRO A 25 6.49 12.14 -2.97
CA PRO A 25 7.11 13.12 -3.83
C PRO A 25 6.98 12.68 -5.29
N ASP A 26 6.93 11.38 -5.51
CA ASP A 26 6.80 10.85 -6.86
C ASP A 26 5.75 9.75 -6.88
N CYS A 27 4.53 10.13 -7.25
CA CYS A 27 3.43 9.19 -7.31
C CYS A 27 3.86 8.01 -8.17
N LYS A 28 4.80 8.28 -9.06
CA LYS A 28 5.30 7.25 -9.96
C LYS A 28 5.99 6.16 -9.14
N LYS A 29 6.30 6.50 -7.89
CA LYS A 29 6.94 5.57 -6.99
C LYS A 29 6.33 4.18 -7.17
N CYS A 30 5.02 4.11 -6.97
CA CYS A 30 4.30 2.86 -7.11
C CYS A 30 3.72 2.79 -8.52
N HIS A 31 3.37 3.97 -9.04
CA HIS A 31 2.80 4.09 -10.38
C HIS A 31 3.89 4.53 -11.37
N GLU A 32 4.98 3.78 -11.40
CA GLU A 32 6.08 4.09 -12.28
C GLU A 32 5.60 4.15 -13.74
N LYS A 33 4.66 3.25 -14.05
CA LYS A 33 4.11 3.20 -15.39
C LYS A 33 2.95 4.18 -15.50
N GLY A 34 1.88 3.87 -14.78
CA GLY A 34 0.70 4.72 -14.79
C GLY A 34 -0.35 4.21 -13.80
N PRO A 35 -1.36 5.06 -13.56
CA PRO A 35 -2.45 4.79 -12.67
C PRO A 35 -3.20 3.55 -13.14
N GLY A 36 -4.26 3.19 -12.42
CA GLY A 36 -5.04 2.02 -12.79
C GLY A 36 -4.64 0.81 -11.95
N LYS A 37 -5.49 -0.22 -11.98
CA LYS A 37 -5.23 -1.43 -11.24
C LYS A 37 -3.79 -1.90 -11.50
N ILE A 38 -2.94 -1.67 -10.52
CA ILE A 38 -1.54 -2.05 -10.64
C ILE A 38 -1.45 -3.39 -11.37
N GLU A 39 -0.47 -3.47 -12.26
CA GLU A 39 -0.26 -4.68 -13.03
C GLU A 39 -0.38 -5.92 -12.14
N GLY A 40 -1.53 -6.56 -12.23
CA GLY A 40 -1.78 -7.75 -11.44
C GLY A 40 -1.05 -7.68 -10.09
N PHE A 41 -1.75 -7.14 -9.10
CA PHE A 41 -1.18 -7.01 -7.77
C PHE A 41 -0.91 -8.38 -7.15
N GLY A 42 -0.03 -8.39 -6.16
CA GLY A 42 0.31 -9.62 -5.47
C GLY A 42 0.53 -9.37 -3.98
N LYS A 43 0.39 -10.45 -3.21
CA LYS A 43 0.58 -10.36 -1.76
C LYS A 43 2.06 -10.21 -1.45
N GLU A 44 2.84 -11.17 -1.92
CA GLU A 44 4.28 -11.14 -1.70
C GLU A 44 4.82 -9.72 -1.90
N MET A 45 4.27 -9.05 -2.89
CA MET A 45 4.69 -7.69 -3.20
C MET A 45 4.30 -6.73 -2.08
N ALA A 46 3.13 -6.97 -1.52
CA ALA A 46 2.62 -6.14 -0.44
C ALA A 46 3.71 -5.98 0.63
N HIS A 47 4.04 -7.11 1.26
CA HIS A 47 5.06 -7.17 2.30
C HIS A 47 6.43 -6.83 1.71
N GLY A 48 6.48 -6.78 0.38
CA GLY A 48 7.73 -6.47 -0.31
C GLY A 48 8.02 -4.97 -0.25
N LYS A 49 8.33 -4.42 -1.42
CA LYS A 49 8.63 -3.00 -1.51
C LYS A 49 7.49 -2.29 -2.25
N GLY A 50 6.27 -2.62 -1.85
CA GLY A 50 5.10 -2.02 -2.45
C GLY A 50 3.94 -1.97 -1.46
N CYS A 51 4.29 -1.75 -0.20
CA CYS A 51 3.28 -1.68 0.85
C CYS A 51 4.00 -1.52 2.20
N LYS A 52 4.87 -2.49 2.49
CA LYS A 52 5.62 -2.47 3.73
C LYS A 52 7.02 -1.94 3.45
N GLY A 53 7.76 -2.69 2.65
CA GLY A 53 9.13 -2.32 2.30
C GLY A 53 9.28 -0.81 2.30
N CYS A 54 8.39 -0.14 1.56
CA CYS A 54 8.43 1.31 1.47
C CYS A 54 8.65 1.87 2.87
N HIS A 55 7.65 1.66 3.72
CA HIS A 55 7.68 2.12 5.11
C HIS A 55 9.06 1.83 5.73
N GLU A 56 9.53 0.61 5.50
CA GLU A 56 10.82 0.21 6.03
C GLU A 56 11.94 1.08 5.44
N GLU A 57 11.71 1.53 4.22
CA GLU A 57 12.67 2.37 3.54
C GLU A 57 12.44 3.84 3.88
N MET A 58 11.23 4.29 3.58
CA MET A 58 10.87 5.68 3.85
C MET A 58 11.02 6.01 5.35
N LYS A 59 11.07 4.95 6.15
CA LYS A 59 11.20 5.12 7.59
C LYS A 59 9.92 5.74 8.15
N LYS A 60 8.90 5.75 7.33
CA LYS A 60 7.62 6.31 7.74
C LYS A 60 6.50 5.35 7.35
N GLY A 61 5.64 5.08 8.33
CA GLY A 61 4.53 4.17 8.12
C GLY A 61 4.57 3.00 9.10
N PRO A 62 3.45 2.27 9.17
CA PRO A 62 3.28 1.12 10.02
C PRO A 62 3.69 -0.14 9.27
N THR A 63 4.32 -1.07 9.98
CA THR A 63 4.75 -2.31 9.35
C THR A 63 4.06 -3.50 10.01
N LYS A 64 3.55 -3.27 11.20
CA LYS A 64 2.85 -4.32 11.94
C LYS A 64 1.67 -4.83 11.11
N CYS A 65 1.30 -6.07 11.38
CA CYS A 65 0.20 -6.68 10.66
C CYS A 65 -1.11 -6.00 11.11
N GLY A 66 -1.36 -6.07 12.41
CA GLY A 66 -2.55 -5.47 12.97
C GLY A 66 -2.78 -4.07 12.41
N GLU A 67 -1.69 -3.47 11.94
CA GLU A 67 -1.75 -2.14 11.38
C GLU A 67 -2.40 -2.18 9.99
N CYS A 68 -2.08 -3.24 9.26
CA CYS A 68 -2.63 -3.41 7.92
C CYS A 68 -3.84 -4.33 8.01
N HIS A 69 -3.63 -5.47 8.67
CA HIS A 69 -4.67 -6.47 8.86
C HIS A 69 -5.49 -6.16 10.13
N LYS A 70 -6.81 -6.23 9.99
CA LYS A 70 -7.69 -5.95 11.11
C LYS A 70 -8.55 -7.18 11.39
N LYS A 71 -8.47 -7.65 12.64
CA LYS A 71 -9.23 -8.81 13.06
C LYS A 71 -9.97 -8.49 14.35
N ALA A 1 -12.13 6.41 -4.10
CA ALA A 1 -12.41 7.78 -3.71
C ALA A 1 -11.26 8.31 -2.86
N ASP A 2 -11.12 7.71 -1.69
CA ASP A 2 -10.07 8.11 -0.76
C ASP A 2 -9.53 6.87 -0.05
N ASP A 3 -10.46 6.04 0.42
CA ASP A 3 -10.09 4.82 1.11
C ASP A 3 -10.24 3.63 0.17
N ILE A 4 -9.26 2.74 0.23
CA ILE A 4 -9.28 1.55 -0.62
C ILE A 4 -9.14 0.31 0.26
N VAL A 5 -10.20 -0.49 0.28
CA VAL A 5 -10.20 -1.71 1.06
C VAL A 5 -9.69 -2.87 0.21
N LEU A 6 -8.75 -3.61 0.78
CA LEU A 6 -8.16 -4.74 0.08
C LEU A 6 -8.69 -6.03 0.70
N LYS A 7 -9.85 -6.45 0.21
CA LYS A 7 -10.46 -7.67 0.71
C LYS A 7 -9.39 -8.75 0.91
N ALA A 8 -9.24 -9.15 2.16
CA ALA A 8 -8.25 -10.16 2.49
C ALA A 8 -8.97 -11.42 3.01
N LYS A 9 -8.25 -12.53 2.95
CA LYS A 9 -8.81 -13.80 3.40
C LYS A 9 -8.41 -14.03 4.87
N ASN A 10 -7.86 -12.98 5.47
CA ASN A 10 -7.43 -13.06 6.86
C ASN A 10 -7.25 -11.64 7.41
N GLY A 11 -8.34 -10.87 7.34
CA GLY A 11 -8.31 -9.50 7.82
C GLY A 11 -8.13 -8.51 6.67
N ASP A 12 -9.05 -7.57 6.59
CA ASP A 12 -9.00 -6.57 5.54
C ASP A 12 -7.89 -5.56 5.86
N VAL A 13 -7.59 -4.72 4.87
CA VAL A 13 -6.56 -3.72 5.04
C VAL A 13 -7.14 -2.34 4.70
N LYS A 14 -6.95 -1.41 5.63
CA LYS A 14 -7.45 -0.06 5.45
C LYS A 14 -6.35 0.80 4.84
N PHE A 15 -6.42 0.96 3.52
CA PHE A 15 -5.44 1.75 2.80
C PHE A 15 -6.08 3.01 2.22
N PRO A 16 -5.69 4.15 2.80
CA PRO A 16 -6.17 5.47 2.40
C PRO A 16 -5.32 6.00 1.26
N HIS A 17 -5.76 5.75 0.03
CA HIS A 17 -5.05 6.20 -1.17
C HIS A 17 -4.91 7.73 -1.15
N LYS A 18 -6.04 8.41 -1.01
CA LYS A 18 -6.05 9.85 -0.97
C LYS A 18 -4.93 10.34 -0.05
N ALA A 19 -4.62 9.52 0.94
CA ALA A 19 -3.58 9.86 1.90
C ALA A 19 -2.21 9.64 1.25
N HIS A 20 -2.12 8.54 0.50
CA HIS A 20 -0.89 8.16 -0.20
C HIS A 20 -0.79 8.94 -1.52
N GLN A 21 -1.56 10.02 -1.61
CA GLN A 21 -1.56 10.84 -2.80
C GLN A 21 -0.87 12.18 -2.52
N LYS A 22 -0.53 12.38 -1.26
CA LYS A 22 0.14 13.60 -0.85
C LYS A 22 1.37 13.26 -0.02
N ALA A 23 1.68 11.97 0.01
CA ALA A 23 2.84 11.49 0.75
C ALA A 23 3.94 11.07 -0.22
N VAL A 24 3.64 11.25 -1.49
CA VAL A 24 4.60 10.90 -2.53
C VAL A 24 4.75 12.08 -3.50
N PRO A 25 5.47 13.11 -3.02
CA PRO A 25 5.75 14.31 -3.77
C PRO A 25 6.13 13.96 -5.20
N ASP A 26 6.65 12.76 -5.39
CA ASP A 26 7.05 12.33 -6.73
C ASP A 26 6.35 11.01 -7.06
N CYS A 27 5.04 11.12 -7.30
CA CYS A 27 4.24 9.95 -7.63
C CYS A 27 5.04 9.09 -8.63
N LYS A 28 4.56 7.88 -8.81
CA LYS A 28 5.21 6.95 -9.73
C LYS A 28 6.29 6.17 -8.99
N LYS A 29 6.15 6.16 -7.67
CA LYS A 29 7.11 5.45 -6.83
C LYS A 29 6.73 3.96 -6.77
N CYS A 30 5.43 3.72 -6.86
CA CYS A 30 4.92 2.36 -6.81
C CYS A 30 4.36 2.01 -8.19
N HIS A 31 3.45 2.87 -8.66
CA HIS A 31 2.81 2.71 -9.96
C HIS A 31 3.88 2.56 -11.06
N GLU A 32 4.67 3.62 -11.23
CA GLU A 32 5.71 3.61 -12.23
C GLU A 32 5.22 4.26 -13.53
N LYS A 33 4.73 5.48 -13.40
CA LYS A 33 4.21 6.21 -14.55
C LYS A 33 3.18 5.34 -15.27
N GLY A 34 2.00 5.24 -14.67
CA GLY A 34 0.93 4.45 -15.23
C GLY A 34 -0.08 4.05 -14.16
N PRO A 35 -1.14 4.87 -14.05
CA PRO A 35 -2.22 4.67 -13.10
C PRO A 35 -3.01 3.43 -13.48
N GLY A 36 -4.26 3.36 -13.03
CA GLY A 36 -5.09 2.21 -13.32
C GLY A 36 -4.69 1.00 -12.47
N LYS A 37 -5.14 -0.17 -12.91
CA LYS A 37 -4.82 -1.40 -12.20
C LYS A 37 -3.31 -1.64 -12.24
N ILE A 38 -2.81 -2.24 -11.17
CA ILE A 38 -1.40 -2.54 -11.08
C ILE A 38 -1.13 -3.94 -11.64
N GLU A 39 -0.71 -3.97 -12.89
CA GLU A 39 -0.41 -5.23 -13.54
C GLU A 39 -0.99 -6.40 -12.74
N GLY A 40 -0.08 -7.18 -12.16
CA GLY A 40 -0.49 -8.32 -11.37
C GLY A 40 0.07 -8.22 -9.95
N PHE A 41 -0.63 -7.45 -9.13
CA PHE A 41 -0.23 -7.25 -7.75
C PHE A 41 -0.56 -8.49 -6.90
N GLY A 42 0.35 -8.82 -6.01
CA GLY A 42 0.17 -9.97 -5.14
C GLY A 42 0.60 -9.64 -3.71
N LYS A 43 0.34 -10.58 -2.81
CA LYS A 43 0.69 -10.41 -1.41
C LYS A 43 2.22 -10.24 -1.30
N GLU A 44 2.93 -11.23 -1.81
CA GLU A 44 4.38 -11.21 -1.78
C GLU A 44 4.89 -9.80 -2.08
N MET A 45 4.22 -9.15 -3.02
CA MET A 45 4.60 -7.80 -3.41
C MET A 45 4.25 -6.80 -2.31
N ALA A 46 3.10 -7.01 -1.70
CA ALA A 46 2.64 -6.13 -0.64
C ALA A 46 3.74 -6.01 0.42
N HIS A 47 3.94 -7.12 1.14
CA HIS A 47 4.94 -7.19 2.20
C HIS A 47 6.33 -6.86 1.63
N GLY A 48 6.42 -6.87 0.30
CA GLY A 48 7.67 -6.57 -0.37
C GLY A 48 7.97 -5.08 -0.35
N LYS A 49 8.30 -4.55 -1.51
CA LYS A 49 8.60 -3.14 -1.65
C LYS A 49 7.44 -2.44 -2.35
N GLY A 50 6.23 -2.77 -1.91
CA GLY A 50 5.04 -2.18 -2.48
C GLY A 50 3.91 -2.11 -1.44
N CYS A 51 4.31 -1.90 -0.20
CA CYS A 51 3.35 -1.81 0.89
C CYS A 51 4.12 -1.60 2.20
N LYS A 52 4.82 -2.65 2.62
CA LYS A 52 5.60 -2.58 3.84
C LYS A 52 7.01 -2.07 3.52
N GLY A 53 7.67 -2.79 2.62
CA GLY A 53 9.02 -2.42 2.22
C GLY A 53 9.19 -0.90 2.20
N CYS A 54 8.32 -0.25 1.43
CA CYS A 54 8.37 1.20 1.32
C CYS A 54 8.62 1.78 2.71
N HIS A 55 7.68 1.51 3.61
CA HIS A 55 7.75 2.00 4.99
C HIS A 55 9.12 1.65 5.59
N GLU A 56 9.54 0.40 5.38
CA GLU A 56 10.82 -0.05 5.89
C GLU A 56 11.96 0.47 5.01
N GLU A 57 11.58 1.28 4.03
CA GLU A 57 12.56 1.85 3.12
C GLU A 57 12.91 3.27 3.54
N MET A 58 11.87 4.10 3.66
CA MET A 58 12.06 5.48 4.06
C MET A 58 11.94 5.64 5.57
N LYS A 59 11.26 4.69 6.18
CA LYS A 59 11.08 4.71 7.63
C LYS A 59 9.81 5.50 7.96
N LYS A 60 8.84 5.39 7.07
CA LYS A 60 7.57 6.10 7.26
C LYS A 60 6.42 5.13 7.01
N GLY A 61 5.52 5.08 7.98
CA GLY A 61 4.36 4.20 7.89
C GLY A 61 4.45 3.07 8.90
N PRO A 62 3.35 2.30 9.00
CA PRO A 62 3.22 1.17 9.89
C PRO A 62 3.68 -0.09 9.19
N THR A 63 4.29 -1.00 9.94
CA THR A 63 4.77 -2.24 9.36
C THR A 63 4.11 -3.44 10.05
N LYS A 64 3.60 -3.18 11.24
CA LYS A 64 2.94 -4.23 12.00
C LYS A 64 1.74 -4.75 11.23
N CYS A 65 1.44 -6.02 11.44
CA CYS A 65 0.32 -6.65 10.76
C CYS A 65 -0.97 -5.98 11.24
N GLY A 66 -1.23 -6.13 12.53
CA GLY A 66 -2.42 -5.55 13.12
C GLY A 66 -2.67 -4.14 12.58
N GLU A 67 -1.59 -3.49 12.18
CA GLU A 67 -1.68 -2.14 11.63
C GLU A 67 -2.30 -2.17 10.24
N CYS A 68 -1.84 -3.13 9.44
CA CYS A 68 -2.34 -3.27 8.07
C CYS A 68 -3.59 -4.15 8.13
N HIS A 69 -3.47 -5.26 8.85
CA HIS A 69 -4.55 -6.23 9.01
C HIS A 69 -5.37 -5.89 10.26
N LYS A 70 -6.68 -6.09 10.16
CA LYS A 70 -7.56 -5.81 11.28
C LYS A 70 -8.65 -6.89 11.35
N LYS A 71 -8.59 -7.68 12.41
CA LYS A 71 -9.55 -8.74 12.61
C LYS A 71 -10.67 -8.26 13.53
N ALA A 1 -11.29 6.57 -4.92
CA ALA A 1 -11.95 7.74 -4.36
C ALA A 1 -11.08 8.33 -3.25
N ASP A 2 -10.87 7.52 -2.21
CA ASP A 2 -10.07 7.94 -1.08
C ASP A 2 -9.57 6.71 -0.33
N ASP A 3 -10.51 5.90 0.12
CA ASP A 3 -10.17 4.69 0.85
C ASP A 3 -10.32 3.48 -0.08
N ILE A 4 -9.28 2.66 -0.10
CA ILE A 4 -9.29 1.47 -0.93
C ILE A 4 -9.21 0.23 -0.05
N VAL A 5 -10.31 -0.49 0.02
CA VAL A 5 -10.38 -1.69 0.82
C VAL A 5 -9.87 -2.88 0.00
N LEU A 6 -8.86 -3.54 0.56
CA LEU A 6 -8.27 -4.69 -0.11
C LEU A 6 -8.74 -5.97 0.58
N LYS A 7 -9.95 -6.37 0.26
CA LYS A 7 -10.53 -7.57 0.83
C LYS A 7 -9.44 -8.63 0.99
N ALA A 8 -9.28 -9.09 2.23
CA ALA A 8 -8.27 -10.10 2.52
C ALA A 8 -8.93 -11.24 3.31
N LYS A 9 -8.30 -12.41 3.22
CA LYS A 9 -8.80 -13.57 3.91
C LYS A 9 -8.43 -13.50 5.39
N ASN A 10 -7.26 -12.91 5.64
CA ASN A 10 -6.77 -12.76 6.99
C ASN A 10 -6.84 -11.28 7.39
N GLY A 11 -8.05 -10.80 7.54
CA GLY A 11 -8.27 -9.40 7.92
C GLY A 11 -8.17 -8.49 6.71
N ASP A 12 -9.03 -7.48 6.69
CA ASP A 12 -9.04 -6.52 5.60
C ASP A 12 -7.91 -5.51 5.79
N VAL A 13 -7.73 -4.68 4.78
CA VAL A 13 -6.68 -3.67 4.82
C VAL A 13 -7.29 -2.31 4.45
N LYS A 14 -7.32 -1.43 5.45
CA LYS A 14 -7.87 -0.10 5.24
C LYS A 14 -6.75 0.84 4.79
N PHE A 15 -6.58 0.91 3.48
CA PHE A 15 -5.55 1.77 2.91
C PHE A 15 -6.16 3.04 2.34
N PRO A 16 -5.74 4.17 2.92
CA PRO A 16 -6.19 5.49 2.54
C PRO A 16 -5.32 6.02 1.40
N HIS A 17 -5.74 5.74 0.17
CA HIS A 17 -5.02 6.17 -1.03
C HIS A 17 -4.89 7.71 -1.03
N LYS A 18 -6.04 8.37 -0.99
CA LYS A 18 -6.06 9.82 -0.99
C LYS A 18 -5.00 10.34 -0.02
N ALA A 19 -4.85 9.63 1.08
CA ALA A 19 -3.86 10.01 2.09
C ALA A 19 -2.46 9.79 1.53
N HIS A 20 -2.32 8.76 0.70
CA HIS A 20 -1.06 8.40 0.08
C HIS A 20 -0.89 9.19 -1.24
N GLN A 21 -1.65 10.27 -1.35
CA GLN A 21 -1.58 11.11 -2.54
C GLN A 21 -0.92 12.44 -2.22
N LYS A 22 -0.45 12.55 -0.98
CA LYS A 22 0.22 13.76 -0.55
C LYS A 22 1.41 13.40 0.35
N ALA A 23 1.82 12.15 0.24
CA ALA A 23 2.95 11.66 1.02
C ALA A 23 4.08 11.24 0.08
N VAL A 24 3.92 11.60 -1.18
CA VAL A 24 4.91 11.27 -2.20
C VAL A 24 5.15 12.47 -3.10
N PRO A 25 6.05 13.34 -2.66
CA PRO A 25 6.43 14.55 -3.35
C PRO A 25 6.34 14.34 -4.85
N ASP A 26 6.89 13.22 -5.32
CA ASP A 26 6.85 12.90 -6.73
C ASP A 26 6.18 11.54 -6.94
N CYS A 27 4.92 11.60 -7.33
CA CYS A 27 4.17 10.38 -7.57
C CYS A 27 4.96 9.49 -8.53
N LYS A 28 4.32 8.40 -8.94
CA LYS A 28 4.96 7.47 -9.85
C LYS A 28 6.06 6.72 -9.11
N LYS A 29 5.98 6.75 -7.79
CA LYS A 29 6.96 6.07 -6.96
C LYS A 29 6.64 4.57 -6.92
N CYS A 30 5.37 4.27 -6.70
CA CYS A 30 4.92 2.89 -6.64
C CYS A 30 4.47 2.47 -8.04
N HIS A 31 3.57 3.27 -8.61
CA HIS A 31 3.02 3.04 -9.94
C HIS A 31 4.16 3.07 -10.98
N GLU A 32 4.88 4.19 -10.99
CA GLU A 32 5.99 4.35 -11.92
C GLU A 32 5.46 4.47 -13.36
N LYS A 33 4.90 3.38 -13.84
CA LYS A 33 4.35 3.34 -15.19
C LYS A 33 3.09 4.21 -15.25
N GLY A 34 2.01 3.67 -14.70
CA GLY A 34 0.75 4.39 -14.68
C GLY A 34 -0.19 3.82 -13.62
N PRO A 35 -1.41 4.37 -13.60
CA PRO A 35 -2.46 3.98 -12.67
C PRO A 35 -2.97 2.59 -13.03
N GLY A 36 -4.17 2.26 -12.58
CA GLY A 36 -4.75 0.96 -12.87
C GLY A 36 -4.05 -0.14 -12.07
N LYS A 37 -4.70 -1.29 -12.01
CA LYS A 37 -4.15 -2.42 -11.28
C LYS A 37 -2.65 -2.50 -11.53
N ILE A 38 -1.90 -2.46 -10.44
CA ILE A 38 -0.45 -2.52 -10.52
C ILE A 38 -0.03 -3.93 -10.96
N GLU A 39 0.91 -3.97 -11.90
CA GLU A 39 1.40 -5.24 -12.41
C GLU A 39 0.87 -6.40 -11.55
N GLY A 40 -0.32 -6.86 -11.92
CA GLY A 40 -0.94 -7.96 -11.21
C GLY A 40 -0.47 -8.01 -9.75
N PHE A 41 -0.91 -7.03 -8.98
CA PHE A 41 -0.54 -6.94 -7.58
C PHE A 41 -0.99 -8.19 -6.82
N GLY A 42 -0.01 -8.89 -6.27
CA GLY A 42 -0.29 -10.10 -5.53
C GLY A 42 0.04 -9.92 -4.04
N LYS A 43 -0.19 -10.98 -3.28
CA LYS A 43 0.07 -10.94 -1.85
C LYS A 43 1.56 -10.65 -1.61
N GLU A 44 2.38 -11.29 -2.44
CA GLU A 44 3.82 -11.11 -2.34
C GLU A 44 4.18 -9.63 -2.33
N MET A 45 3.50 -8.88 -3.20
CA MET A 45 3.74 -7.46 -3.32
C MET A 45 3.33 -6.73 -2.03
N ALA A 46 2.17 -7.11 -1.52
CA ALA A 46 1.65 -6.51 -0.30
C ALA A 46 2.78 -6.42 0.74
N HIS A 47 3.68 -7.41 0.69
CA HIS A 47 4.82 -7.48 1.59
C HIS A 47 6.12 -7.39 0.78
N GLY A 48 6.05 -6.66 -0.33
CA GLY A 48 7.21 -6.48 -1.18
C GLY A 48 7.71 -5.04 -1.13
N LYS A 49 7.96 -4.49 -2.31
CA LYS A 49 8.45 -3.12 -2.42
C LYS A 49 7.33 -2.24 -3.00
N GLY A 50 6.14 -2.40 -2.44
CA GLY A 50 4.99 -1.64 -2.89
C GLY A 50 3.89 -1.63 -1.83
N CYS A 51 4.31 -1.52 -0.58
CA CYS A 51 3.38 -1.50 0.54
C CYS A 51 4.18 -1.39 1.83
N LYS A 52 4.81 -2.49 2.20
CA LYS A 52 5.61 -2.54 3.41
C LYS A 52 7.05 -2.12 3.08
N GLY A 53 7.60 -2.76 2.06
CA GLY A 53 8.95 -2.47 1.64
C GLY A 53 9.25 -0.97 1.75
N CYS A 54 8.26 -0.17 1.36
CA CYS A 54 8.40 1.27 1.40
C CYS A 54 8.72 1.68 2.85
N HIS A 55 7.67 1.68 3.67
CA HIS A 55 7.77 2.04 5.08
C HIS A 55 9.11 1.54 5.65
N GLU A 56 9.44 0.30 5.34
CA GLU A 56 10.67 -0.29 5.81
C GLU A 56 11.86 0.62 5.46
N GLU A 57 11.87 1.06 4.21
CA GLU A 57 12.94 1.92 3.73
C GLU A 57 12.60 3.39 4.03
N MET A 58 11.39 3.77 3.65
CA MET A 58 10.93 5.13 3.87
C MET A 58 11.05 5.52 5.34
N LYS A 59 11.13 4.50 6.18
CA LYS A 59 11.24 4.72 7.62
C LYS A 59 10.00 5.44 8.12
N LYS A 60 8.98 5.47 7.26
CA LYS A 60 7.73 6.12 7.61
C LYS A 60 6.56 5.19 7.25
N GLY A 61 5.66 5.03 8.21
CA GLY A 61 4.50 4.19 8.01
C GLY A 61 4.53 2.98 8.94
N PRO A 62 3.41 2.27 9.00
CA PRO A 62 3.22 1.09 9.81
C PRO A 62 3.68 -0.15 9.04
N THR A 63 4.31 -1.07 9.73
CA THR A 63 4.80 -2.29 9.09
C THR A 63 4.16 -3.52 9.75
N LYS A 64 3.57 -3.30 10.90
CA LYS A 64 2.93 -4.38 11.64
C LYS A 64 1.70 -4.86 10.86
N CYS A 65 1.36 -6.12 11.08
CA CYS A 65 0.21 -6.70 10.41
C CYS A 65 -1.05 -6.03 10.92
N GLY A 66 -1.30 -6.22 12.22
CA GLY A 66 -2.47 -5.64 12.85
C GLY A 66 -2.70 -4.20 12.36
N GLU A 67 -1.62 -3.58 11.91
CA GLU A 67 -1.69 -2.22 11.41
C GLU A 67 -2.31 -2.20 10.02
N CYS A 68 -1.85 -3.12 9.19
CA CYS A 68 -2.35 -3.22 7.82
C CYS A 68 -3.62 -4.07 7.84
N HIS A 69 -3.55 -5.18 8.57
CA HIS A 69 -4.66 -6.11 8.70
C HIS A 69 -5.42 -5.83 10.01
N LYS A 70 -6.72 -6.09 9.98
CA LYS A 70 -7.56 -5.87 11.14
C LYS A 70 -8.07 -7.22 11.66
N LYS A 71 -7.70 -7.52 12.90
CA LYS A 71 -8.11 -8.76 13.52
C LYS A 71 -8.79 -8.46 14.86
N ALA A 1 -11.73 5.87 -4.30
CA ALA A 1 -11.76 7.32 -4.26
C ALA A 1 -10.68 7.83 -3.30
N ASP A 2 -10.98 7.69 -2.01
CA ASP A 2 -10.05 8.12 -0.99
C ASP A 2 -9.50 6.90 -0.24
N ASP A 3 -10.43 6.05 0.17
CA ASP A 3 -10.07 4.84 0.89
C ASP A 3 -10.26 3.63 -0.01
N ILE A 4 -9.24 2.78 -0.03
CA ILE A 4 -9.29 1.58 -0.86
C ILE A 4 -9.11 0.34 0.03
N VAL A 5 -10.15 -0.48 0.07
CA VAL A 5 -10.10 -1.69 0.88
C VAL A 5 -9.59 -2.84 0.03
N LEU A 6 -8.56 -3.50 0.54
CA LEU A 6 -7.97 -4.63 -0.15
C LEU A 6 -8.50 -5.94 0.43
N LYS A 7 -9.67 -6.33 -0.06
CA LYS A 7 -10.30 -7.55 0.40
C LYS A 7 -9.24 -8.61 0.66
N ALA A 8 -9.10 -8.97 1.92
CA ALA A 8 -8.11 -9.97 2.31
C ALA A 8 -8.82 -11.16 2.95
N LYS A 9 -8.17 -12.31 2.89
CA LYS A 9 -8.73 -13.52 3.46
C LYS A 9 -8.30 -13.64 4.92
N ASN A 10 -7.47 -12.70 5.34
CA ASN A 10 -6.99 -12.69 6.71
C ASN A 10 -6.90 -11.24 7.21
N GLY A 11 -8.07 -10.63 7.35
CA GLY A 11 -8.14 -9.25 7.81
C GLY A 11 -7.91 -8.27 6.65
N ASP A 12 -8.87 -7.39 6.46
CA ASP A 12 -8.79 -6.40 5.39
C ASP A 12 -7.67 -5.41 5.73
N VAL A 13 -7.35 -4.58 4.74
CA VAL A 13 -6.31 -3.59 4.90
C VAL A 13 -6.86 -2.21 4.54
N LYS A 14 -6.82 -1.31 5.52
CA LYS A 14 -7.31 0.03 5.31
C LYS A 14 -6.20 0.89 4.70
N PHE A 15 -6.27 1.02 3.37
CA PHE A 15 -5.28 1.79 2.65
C PHE A 15 -5.91 3.08 2.09
N PRO A 16 -5.52 4.20 2.68
CA PRO A 16 -5.98 5.52 2.31
C PRO A 16 -5.14 6.05 1.15
N HIS A 17 -5.65 5.90 -0.07
CA HIS A 17 -4.96 6.35 -1.27
C HIS A 17 -4.81 7.88 -1.24
N LYS A 18 -5.94 8.56 -1.14
CA LYS A 18 -5.94 10.01 -1.10
C LYS A 18 -4.89 10.49 -0.09
N ALA A 19 -4.60 9.64 0.88
CA ALA A 19 -3.62 9.96 1.90
C ALA A 19 -2.22 9.76 1.33
N HIS A 20 -2.07 8.69 0.56
CA HIS A 20 -0.81 8.33 -0.08
C HIS A 20 -0.62 9.16 -1.36
N GLN A 21 -1.40 10.22 -1.48
CA GLN A 21 -1.33 11.09 -2.63
C GLN A 21 -0.52 12.36 -2.29
N LYS A 22 -0.29 12.54 -1.01
CA LYS A 22 0.46 13.69 -0.54
C LYS A 22 1.77 13.23 0.09
N ALA A 23 1.75 12.00 0.59
CA ALA A 23 2.93 11.43 1.22
C ALA A 23 4.01 11.19 0.16
N VAL A 24 3.61 11.40 -1.09
CA VAL A 24 4.52 11.21 -2.20
C VAL A 24 4.49 12.44 -3.11
N PRO A 25 5.62 13.13 -3.17
CA PRO A 25 5.81 14.33 -3.97
C PRO A 25 4.95 14.24 -5.22
N ASP A 26 5.32 13.36 -6.14
CA ASP A 26 4.57 13.20 -7.37
C ASP A 26 4.36 11.70 -7.65
N CYS A 27 4.20 10.96 -6.56
CA CYS A 27 3.99 9.52 -6.68
C CYS A 27 4.83 9.00 -7.83
N LYS A 28 4.26 8.04 -8.55
CA LYS A 28 4.95 7.45 -9.68
C LYS A 28 5.95 6.40 -9.19
N LYS A 29 6.13 6.38 -7.88
CA LYS A 29 7.05 5.44 -7.26
C LYS A 29 6.44 4.03 -7.31
N CYS A 30 5.12 3.99 -7.14
CA CYS A 30 4.42 2.72 -7.16
C CYS A 30 3.90 2.49 -8.58
N HIS A 31 3.47 3.58 -9.22
CA HIS A 31 2.95 3.56 -10.58
C HIS A 31 4.07 3.89 -11.58
N GLU A 32 5.18 3.17 -11.44
CA GLU A 32 6.32 3.38 -12.32
C GLU A 32 5.85 3.59 -13.76
N LYS A 33 5.11 2.61 -14.26
CA LYS A 33 4.58 2.67 -15.61
C LYS A 33 3.53 3.78 -15.71
N GLY A 34 2.53 3.65 -14.85
CA GLY A 34 1.45 4.64 -14.82
C GLY A 34 0.30 4.16 -13.93
N PRO A 35 -0.71 5.03 -13.79
CA PRO A 35 -1.89 4.79 -13.00
C PRO A 35 -2.60 3.53 -13.50
N GLY A 36 -3.88 3.42 -13.22
CA GLY A 36 -4.64 2.26 -13.65
C GLY A 36 -4.47 1.09 -12.67
N LYS A 37 -4.72 -0.10 -13.18
CA LYS A 37 -4.59 -1.30 -12.37
C LYS A 37 -3.14 -1.78 -12.40
N ILE A 38 -2.60 -2.00 -11.20
CA ILE A 38 -1.22 -2.46 -11.08
C ILE A 38 -1.12 -3.90 -11.58
N GLU A 39 -0.10 -4.15 -12.38
CA GLU A 39 0.12 -5.47 -12.93
C GLU A 39 -0.32 -6.54 -11.92
N GLY A 40 -1.56 -6.98 -12.08
CA GLY A 40 -2.10 -8.00 -11.20
C GLY A 40 -1.41 -7.98 -9.84
N PHE A 41 -1.90 -7.13 -8.96
CA PHE A 41 -1.33 -7.00 -7.63
C PHE A 41 -1.26 -8.38 -6.94
N GLY A 42 -0.26 -8.51 -6.08
CA GLY A 42 -0.06 -9.76 -5.36
C GLY A 42 0.27 -9.48 -3.88
N LYS A 43 0.03 -10.50 -3.06
CA LYS A 43 0.30 -10.38 -1.64
C LYS A 43 1.81 -10.29 -1.41
N GLU A 44 2.52 -11.28 -1.94
CA GLU A 44 3.96 -11.31 -1.81
C GLU A 44 4.56 -9.94 -2.05
N MET A 45 3.96 -9.23 -2.99
CA MET A 45 4.42 -7.89 -3.34
C MET A 45 4.12 -6.90 -2.22
N ALA A 46 2.94 -7.05 -1.64
CA ALA A 46 2.52 -6.18 -0.56
C ALA A 46 3.65 -6.06 0.46
N HIS A 47 3.95 -7.18 1.11
CA HIS A 47 5.01 -7.25 2.11
C HIS A 47 6.37 -6.97 1.46
N GLY A 48 6.37 -6.97 0.13
CA GLY A 48 7.61 -6.72 -0.61
C GLY A 48 8.00 -5.25 -0.51
N LYS A 49 8.18 -4.64 -1.68
CA LYS A 49 8.56 -3.23 -1.74
C LYS A 49 7.45 -2.44 -2.43
N GLY A 50 6.23 -2.68 -1.98
CA GLY A 50 5.07 -2.00 -2.54
C GLY A 50 3.95 -1.88 -1.52
N CYS A 51 4.34 -1.87 -0.25
CA CYS A 51 3.38 -1.76 0.83
C CYS A 51 4.16 -1.56 2.14
N LYS A 52 4.85 -2.61 2.55
CA LYS A 52 5.63 -2.56 3.77
C LYS A 52 7.06 -2.10 3.44
N GLY A 53 7.69 -2.85 2.56
CA GLY A 53 9.05 -2.54 2.16
C GLY A 53 9.29 -1.02 2.16
N CYS A 54 8.37 -0.30 1.53
CA CYS A 54 8.48 1.14 1.46
C CYS A 54 8.74 1.67 2.87
N HIS A 55 7.71 1.56 3.72
CA HIS A 55 7.78 2.01 5.11
C HIS A 55 9.15 1.65 5.70
N GLU A 56 9.55 0.41 5.49
CA GLU A 56 10.83 -0.07 6.00
C GLU A 56 11.97 0.77 5.43
N GLU A 57 11.83 1.13 4.16
CA GLU A 57 12.83 1.93 3.50
C GLU A 57 12.45 3.41 3.53
N MET A 58 11.38 3.70 4.25
CA MET A 58 10.89 5.06 4.38
C MET A 58 10.77 5.46 5.85
N LYS A 59 11.17 4.55 6.71
CA LYS A 59 11.11 4.79 8.15
C LYS A 59 9.82 5.54 8.47
N LYS A 60 8.81 5.30 7.66
CA LYS A 60 7.52 5.95 7.85
C LYS A 60 6.40 4.94 7.59
N GLY A 61 5.34 5.06 8.37
CA GLY A 61 4.20 4.17 8.22
C GLY A 61 4.26 3.02 9.22
N PRO A 62 3.23 2.19 9.19
CA PRO A 62 3.09 1.03 10.05
C PRO A 62 3.65 -0.20 9.36
N THR A 63 4.30 -1.07 10.12
CA THR A 63 4.89 -2.27 9.55
C THR A 63 4.23 -3.51 10.15
N LYS A 64 3.70 -3.34 11.36
CA LYS A 64 3.06 -4.44 12.04
C LYS A 64 1.85 -4.90 11.22
N CYS A 65 1.45 -6.15 11.46
CA CYS A 65 0.31 -6.72 10.75
C CYS A 65 -0.96 -6.04 11.27
N GLY A 66 -1.24 -6.27 12.54
CA GLY A 66 -2.42 -5.69 13.16
C GLY A 66 -2.65 -4.26 12.68
N GLU A 67 -1.55 -3.62 12.29
CA GLU A 67 -1.62 -2.25 11.82
C GLU A 67 -2.22 -2.21 10.40
N CYS A 68 -1.78 -3.15 9.59
CA CYS A 68 -2.27 -3.23 8.22
C CYS A 68 -3.54 -4.08 8.21
N HIS A 69 -3.44 -5.25 8.87
CA HIS A 69 -4.54 -6.19 8.97
C HIS A 69 -5.35 -5.91 10.25
N LYS A 70 -6.62 -6.26 10.19
CA LYS A 70 -7.51 -6.06 11.33
C LYS A 70 -8.26 -7.35 11.62
N LYS A 71 -8.05 -7.87 12.82
CA LYS A 71 -8.71 -9.10 13.24
C LYS A 71 -8.75 -9.16 14.76
N ALA A 1 -10.66 7.01 -5.09
CA ALA A 1 -11.84 7.46 -4.37
C ALA A 1 -11.40 8.11 -3.05
N ASP A 2 -10.84 7.27 -2.18
CA ASP A 2 -10.38 7.74 -0.88
C ASP A 2 -9.86 6.56 -0.08
N ASP A 3 -10.72 5.56 0.09
CA ASP A 3 -10.36 4.37 0.84
C ASP A 3 -10.37 3.16 -0.11
N ILE A 4 -9.26 2.44 -0.11
CA ILE A 4 -9.13 1.26 -0.95
C ILE A 4 -8.96 0.03 -0.07
N VAL A 5 -10.02 -0.77 0.00
CA VAL A 5 -10.00 -1.99 0.80
C VAL A 5 -9.41 -3.13 -0.04
N LEU A 6 -8.39 -3.75 0.51
CA LEU A 6 -7.73 -4.85 -0.15
C LEU A 6 -8.20 -6.17 0.46
N LYS A 7 -9.38 -6.59 0.06
CA LYS A 7 -9.96 -7.82 0.57
C LYS A 7 -8.84 -8.85 0.76
N ALA A 8 -8.71 -9.33 1.98
CA ALA A 8 -7.70 -10.31 2.32
C ALA A 8 -8.37 -11.55 2.92
N LYS A 9 -7.64 -12.65 2.90
CA LYS A 9 -8.14 -13.90 3.43
C LYS A 9 -7.87 -13.95 4.94
N ASN A 10 -6.88 -13.18 5.35
CA ASN A 10 -6.50 -13.12 6.76
C ASN A 10 -6.54 -11.67 7.23
N GLY A 11 -7.75 -11.12 7.26
CA GLY A 11 -7.94 -9.75 7.70
C GLY A 11 -7.77 -8.77 6.53
N ASP A 12 -8.68 -7.82 6.45
CA ASP A 12 -8.64 -6.83 5.39
C ASP A 12 -7.56 -5.79 5.70
N VAL A 13 -7.32 -4.92 4.74
CA VAL A 13 -6.32 -3.88 4.90
C VAL A 13 -6.96 -2.52 4.64
N LYS A 14 -6.73 -1.60 5.56
CA LYS A 14 -7.27 -0.26 5.44
C LYS A 14 -6.21 0.67 4.86
N PHE A 15 -6.25 0.81 3.54
CA PHE A 15 -5.30 1.67 2.86
C PHE A 15 -5.98 2.94 2.35
N PRO A 16 -5.62 4.06 2.99
CA PRO A 16 -6.13 5.37 2.68
C PRO A 16 -5.38 5.95 1.49
N HIS A 17 -5.91 5.71 0.28
CA HIS A 17 -5.30 6.20 -0.95
C HIS A 17 -5.20 7.74 -0.91
N LYS A 18 -6.35 8.37 -0.75
CA LYS A 18 -6.41 9.83 -0.71
C LYS A 18 -5.29 10.34 0.19
N ALA A 19 -5.00 9.57 1.23
CA ALA A 19 -3.96 9.94 2.17
C ALA A 19 -2.59 9.78 1.50
N HIS A 20 -2.45 8.67 0.77
CA HIS A 20 -1.22 8.34 0.06
C HIS A 20 -1.20 9.07 -1.31
N GLN A 21 -2.02 10.10 -1.41
CA GLN A 21 -2.09 10.88 -2.64
C GLN A 21 -1.41 12.24 -2.45
N LYS A 22 -0.79 12.40 -1.29
CA LYS A 22 -0.10 13.64 -0.98
C LYS A 22 0.91 13.39 0.14
N ALA A 23 1.59 12.25 0.04
CA ALA A 23 2.58 11.89 1.05
C ALA A 23 3.87 11.47 0.34
N VAL A 24 3.72 10.57 -0.62
CA VAL A 24 4.86 10.08 -1.37
C VAL A 24 5.20 11.08 -2.49
N PRO A 25 6.38 11.68 -2.37
CA PRO A 25 6.90 12.65 -3.31
C PRO A 25 6.65 12.17 -4.73
N ASP A 26 7.25 11.04 -5.09
CA ASP A 26 7.09 10.49 -6.42
C ASP A 26 6.06 9.37 -6.38
N CYS A 27 4.81 9.75 -6.16
CA CYS A 27 3.73 8.78 -6.10
C CYS A 27 3.95 7.74 -7.20
N LYS A 28 4.58 8.19 -8.27
CA LYS A 28 4.85 7.31 -9.39
C LYS A 28 5.55 6.04 -8.89
N LYS A 29 6.14 6.15 -7.71
CA LYS A 29 6.82 5.03 -7.10
C LYS A 29 6.02 3.75 -7.33
N CYS A 30 4.76 3.81 -6.92
CA CYS A 30 3.87 2.66 -7.07
C CYS A 30 3.39 2.62 -8.53
N HIS A 31 3.05 3.80 -9.04
CA HIS A 31 2.57 3.96 -10.40
C HIS A 31 3.73 4.41 -11.32
N GLU A 32 4.78 3.58 -11.35
CA GLU A 32 5.93 3.88 -12.17
C GLU A 32 5.52 4.06 -13.63
N LYS A 33 4.73 3.10 -14.11
CA LYS A 33 4.26 3.15 -15.48
C LYS A 33 3.14 4.18 -15.60
N GLY A 34 2.09 3.97 -14.84
CA GLY A 34 0.95 4.88 -14.85
C GLY A 34 -0.12 4.43 -13.85
N PRO A 35 -1.19 5.23 -13.77
CA PRO A 35 -2.32 5.00 -12.90
C PRO A 35 -3.27 4.01 -13.53
N GLY A 36 -3.76 3.07 -12.75
CA GLY A 36 -4.68 2.07 -13.26
C GLY A 36 -4.55 0.75 -12.48
N LYS A 37 -4.98 -0.32 -13.11
CA LYS A 37 -4.92 -1.64 -12.50
C LYS A 37 -3.48 -2.12 -12.48
N ILE A 38 -2.83 -1.95 -11.33
CA ILE A 38 -1.45 -2.36 -11.17
C ILE A 38 -1.30 -3.81 -11.64
N GLU A 39 -0.28 -4.04 -12.44
CA GLU A 39 -0.01 -5.37 -12.96
C GLU A 39 -0.33 -6.42 -11.90
N GLY A 40 -1.55 -6.96 -11.98
CA GLY A 40 -1.99 -7.96 -11.03
C GLY A 40 -1.24 -7.84 -9.70
N PHE A 41 -1.77 -6.97 -8.85
CA PHE A 41 -1.17 -6.74 -7.55
C PHE A 41 -1.21 -8.01 -6.70
N GLY A 42 -0.04 -8.65 -6.59
CA GLY A 42 0.08 -9.88 -5.82
C GLY A 42 0.23 -9.57 -4.33
N LYS A 43 0.31 -10.63 -3.54
CA LYS A 43 0.45 -10.49 -2.10
C LYS A 43 1.90 -10.14 -1.77
N GLU A 44 2.80 -11.03 -2.14
CA GLU A 44 4.22 -10.83 -1.89
C GLU A 44 4.59 -9.35 -2.12
N MET A 45 4.06 -8.81 -3.22
CA MET A 45 4.33 -7.43 -3.56
C MET A 45 4.05 -6.51 -2.39
N ALA A 46 2.93 -6.77 -1.71
CA ALA A 46 2.54 -5.97 -0.57
C ALA A 46 3.72 -5.86 0.41
N HIS A 47 4.06 -7.01 1.00
CA HIS A 47 5.16 -7.11 1.96
C HIS A 47 6.49 -6.76 1.26
N GLY A 48 6.44 -6.68 -0.06
CA GLY A 48 7.62 -6.37 -0.84
C GLY A 48 7.94 -4.86 -0.77
N LYS A 49 8.24 -4.29 -1.93
CA LYS A 49 8.56 -2.88 -2.01
C LYS A 49 7.39 -2.14 -2.64
N GLY A 50 6.20 -2.42 -2.14
CA GLY A 50 5.00 -1.79 -2.65
C GLY A 50 3.90 -1.75 -1.58
N CYS A 51 4.34 -1.58 -0.34
CA CYS A 51 3.41 -1.53 0.77
C CYS A 51 4.21 -1.37 2.07
N LYS A 52 4.83 -2.47 2.47
CA LYS A 52 5.64 -2.46 3.68
C LYS A 52 7.05 -1.97 3.35
N GLY A 53 7.64 -2.59 2.35
CA GLY A 53 8.98 -2.23 1.93
C GLY A 53 9.21 -0.72 2.07
N CYS A 54 8.38 0.04 1.38
CA CYS A 54 8.49 1.49 1.42
C CYS A 54 8.70 1.91 2.87
N HIS A 55 7.67 1.68 3.69
CA HIS A 55 7.68 2.02 5.11
C HIS A 55 9.05 1.64 5.72
N GLU A 56 9.50 0.43 5.39
CA GLU A 56 10.77 -0.05 5.89
C GLU A 56 11.91 0.85 5.41
N GLU A 57 11.76 1.32 4.18
CA GLU A 57 12.78 2.19 3.60
C GLU A 57 12.58 3.62 4.07
N MET A 58 11.39 4.14 3.81
CA MET A 58 11.06 5.51 4.21
C MET A 58 11.06 5.65 5.73
N LYS A 59 11.09 4.51 6.40
CA LYS A 59 11.09 4.49 7.85
C LYS A 59 9.84 5.20 8.37
N LYS A 60 8.88 5.35 7.47
CA LYS A 60 7.63 6.00 7.82
C LYS A 60 6.46 5.05 7.59
N GLY A 61 5.46 5.16 8.45
CA GLY A 61 4.29 4.31 8.35
C GLY A 61 4.40 3.11 9.31
N PRO A 62 3.32 2.33 9.37
CA PRO A 62 3.21 1.16 10.20
C PRO A 62 3.87 -0.03 9.51
N THR A 63 4.46 -0.92 10.29
CA THR A 63 5.14 -2.07 9.73
C THR A 63 4.59 -3.37 10.36
N LYS A 64 3.69 -3.18 11.31
CA LYS A 64 3.08 -4.31 12.00
C LYS A 64 1.90 -4.83 11.17
N CYS A 65 1.54 -6.07 11.43
CA CYS A 65 0.43 -6.69 10.73
C CYS A 65 -0.87 -6.00 11.17
N GLY A 66 -1.19 -6.16 12.45
CA GLY A 66 -2.39 -5.56 13.01
C GLY A 66 -2.57 -4.13 12.50
N GLU A 67 -1.45 -3.52 12.13
CA GLU A 67 -1.47 -2.15 11.63
C GLU A 67 -2.07 -2.11 10.22
N CYS A 68 -1.67 -3.09 9.42
CA CYS A 68 -2.15 -3.17 8.05
C CYS A 68 -3.40 -4.05 8.03
N HIS A 69 -3.29 -5.20 8.71
CA HIS A 69 -4.38 -6.17 8.81
C HIS A 69 -5.18 -5.92 10.09
N LYS A 70 -6.34 -6.55 10.17
CA LYS A 70 -7.20 -6.42 11.34
C LYS A 70 -7.78 -5.00 11.35
N LYS A 71 -9.06 -4.92 10.99
CA LYS A 71 -9.75 -3.64 10.96
C LYS A 71 -10.19 -3.27 12.38
N ALA A 1 -11.19 6.43 -5.13
CA ALA A 1 -12.04 7.46 -4.56
C ALA A 1 -11.32 8.12 -3.38
N ASP A 2 -10.92 7.28 -2.45
CA ASP A 2 -10.21 7.76 -1.26
C ASP A 2 -9.67 6.58 -0.47
N ASP A 3 -10.59 5.77 0.05
CA ASP A 3 -10.22 4.61 0.83
C ASP A 3 -10.27 3.37 -0.07
N ILE A 4 -9.15 2.65 -0.11
CA ILE A 4 -9.05 1.46 -0.92
C ILE A 4 -9.01 0.23 0.00
N VAL A 5 -10.10 -0.52 -0.02
CA VAL A 5 -10.19 -1.72 0.81
C VAL A 5 -9.67 -2.92 0.01
N LEU A 6 -8.59 -3.50 0.53
CA LEU A 6 -7.98 -4.65 -0.12
C LEU A 6 -8.47 -5.93 0.56
N LYS A 7 -9.68 -6.33 0.22
CA LYS A 7 -10.26 -7.53 0.79
C LYS A 7 -9.21 -8.64 0.83
N ALA A 8 -8.99 -9.16 2.04
CA ALA A 8 -8.02 -10.22 2.22
C ALA A 8 -8.73 -11.48 2.71
N LYS A 9 -7.95 -12.54 2.87
CA LYS A 9 -8.48 -13.81 3.33
C LYS A 9 -8.20 -13.97 4.82
N ASN A 10 -7.48 -12.99 5.37
CA ASN A 10 -7.14 -13.02 6.77
C ASN A 10 -7.07 -11.59 7.30
N GLY A 11 -8.16 -10.87 7.11
CA GLY A 11 -8.23 -9.49 7.56
C GLY A 11 -8.04 -8.52 6.40
N ASP A 12 -8.96 -7.56 6.31
CA ASP A 12 -8.90 -6.56 5.25
C ASP A 12 -7.78 -5.57 5.55
N VAL A 13 -7.60 -4.64 4.63
CA VAL A 13 -6.57 -3.63 4.77
C VAL A 13 -7.16 -2.25 4.45
N LYS A 14 -7.15 -1.39 5.45
CA LYS A 14 -7.69 -0.05 5.29
C LYS A 14 -6.57 0.88 4.79
N PHE A 15 -6.46 0.96 3.48
CA PHE A 15 -5.43 1.80 2.87
C PHE A 15 -6.04 3.12 2.37
N PRO A 16 -5.59 4.21 2.99
CA PRO A 16 -6.02 5.56 2.68
C PRO A 16 -5.20 6.10 1.52
N HIS A 17 -5.69 5.88 0.30
CA HIS A 17 -5.01 6.35 -0.91
C HIS A 17 -4.94 7.89 -0.91
N LYS A 18 -6.10 8.51 -0.94
CA LYS A 18 -6.18 9.97 -0.94
C LYS A 18 -5.05 10.52 -0.07
N ALA A 19 -4.75 9.81 1.00
CA ALA A 19 -3.71 10.22 1.91
C ALA A 19 -2.34 10.03 1.24
N HIS A 20 -2.17 8.85 0.64
CA HIS A 20 -0.94 8.49 -0.06
C HIS A 20 -0.86 9.24 -1.40
N GLN A 21 -1.81 10.14 -1.61
CA GLN A 21 -1.84 10.92 -2.83
C GLN A 21 -1.03 12.20 -2.67
N LYS A 22 -0.30 12.26 -1.57
CA LYS A 22 0.53 13.42 -1.27
C LYS A 22 1.49 13.08 -0.13
N ALA A 23 2.16 11.94 -0.28
CA ALA A 23 3.11 11.50 0.72
C ALA A 23 4.16 10.61 0.06
N VAL A 24 4.39 10.88 -1.21
CA VAL A 24 5.38 10.12 -1.98
C VAL A 24 6.02 11.03 -3.04
N PRO A 25 7.24 11.47 -2.75
CA PRO A 25 8.02 12.33 -3.61
C PRO A 25 7.78 11.95 -5.06
N ASP A 26 7.49 10.68 -5.30
CA ASP A 26 7.25 10.22 -6.65
C ASP A 26 5.90 9.50 -6.71
N CYS A 27 4.88 10.25 -7.09
CA CYS A 27 3.53 9.70 -7.19
C CYS A 27 3.60 8.43 -8.03
N LYS A 28 4.63 8.36 -8.86
CA LYS A 28 4.81 7.20 -9.73
C LYS A 28 5.80 6.23 -9.08
N LYS A 29 5.95 6.39 -7.76
CA LYS A 29 6.85 5.53 -7.01
C LYS A 29 6.36 4.09 -7.08
N CYS A 30 5.05 3.93 -6.93
CA CYS A 30 4.44 2.61 -6.97
C CYS A 30 3.95 2.36 -8.39
N HIS A 31 3.09 3.26 -8.87
CA HIS A 31 2.51 3.18 -10.20
C HIS A 31 3.64 3.21 -11.26
N GLU A 32 4.41 4.28 -11.23
CA GLU A 32 5.51 4.43 -12.17
C GLU A 32 4.98 4.49 -13.61
N LYS A 33 4.52 3.35 -14.09
CA LYS A 33 3.98 3.26 -15.43
C LYS A 33 2.76 4.17 -15.55
N GLY A 34 1.69 3.75 -14.90
CA GLY A 34 0.45 4.52 -14.92
C GLY A 34 -0.49 4.06 -13.81
N PRO A 35 -1.70 4.64 -13.81
CA PRO A 35 -2.74 4.37 -12.86
C PRO A 35 -3.56 3.17 -13.33
N GLY A 36 -4.55 2.78 -12.55
CA GLY A 36 -5.40 1.65 -12.90
C GLY A 36 -4.95 0.39 -12.17
N LYS A 37 -5.48 -0.74 -12.62
CA LYS A 37 -5.15 -2.02 -12.02
C LYS A 37 -3.64 -2.26 -12.14
N ILE A 38 -2.92 -1.83 -11.12
CA ILE A 38 -1.47 -1.99 -11.11
C ILE A 38 -1.11 -3.33 -11.75
N GLU A 39 -0.08 -3.28 -12.58
CA GLU A 39 0.38 -4.48 -13.27
C GLU A 39 0.18 -5.71 -12.38
N GLY A 40 -0.96 -6.38 -12.59
CA GLY A 40 -1.28 -7.56 -11.81
C GLY A 40 -0.67 -7.49 -10.41
N PHE A 41 -1.40 -6.82 -9.52
CA PHE A 41 -0.95 -6.67 -8.16
C PHE A 41 -0.77 -8.04 -7.48
N GLY A 42 0.26 -8.11 -6.64
CA GLY A 42 0.54 -9.35 -5.93
C GLY A 42 0.71 -9.10 -4.43
N LYS A 43 0.50 -10.15 -3.66
CA LYS A 43 0.62 -10.05 -2.21
C LYS A 43 2.10 -9.93 -1.84
N GLU A 44 2.87 -10.91 -2.25
CA GLU A 44 4.30 -10.92 -1.97
C GLU A 44 4.87 -9.51 -2.09
N MET A 45 4.41 -8.80 -3.12
CA MET A 45 4.87 -7.45 -3.37
C MET A 45 4.45 -6.52 -2.23
N ALA A 46 3.23 -6.72 -1.76
CA ALA A 46 2.70 -5.91 -0.68
C ALA A 46 3.74 -5.81 0.45
N HIS A 47 4.02 -6.97 1.06
CA HIS A 47 4.98 -7.08 2.14
C HIS A 47 6.38 -6.68 1.64
N GLY A 48 6.50 -6.57 0.32
CA GLY A 48 7.76 -6.21 -0.29
C GLY A 48 7.93 -4.68 -0.34
N LYS A 49 8.39 -4.21 -1.50
CA LYS A 49 8.59 -2.79 -1.69
C LYS A 49 7.38 -2.21 -2.44
N GLY A 50 6.22 -2.43 -1.87
CA GLY A 50 4.98 -1.93 -2.47
C GLY A 50 3.87 -1.85 -1.42
N CYS A 51 4.27 -1.65 -0.18
CA CYS A 51 3.32 -1.55 0.92
C CYS A 51 4.09 -1.37 2.22
N LYS A 52 4.68 -2.45 2.68
CA LYS A 52 5.46 -2.42 3.91
C LYS A 52 6.86 -1.89 3.61
N GLY A 53 7.48 -2.46 2.59
CA GLY A 53 8.80 -2.05 2.19
C GLY A 53 8.99 -0.55 2.38
N CYS A 54 8.26 0.21 1.59
CA CYS A 54 8.34 1.67 1.66
C CYS A 54 8.52 2.06 3.12
N HIS A 55 7.51 1.75 3.94
CA HIS A 55 7.50 2.05 5.36
C HIS A 55 8.86 1.66 5.98
N GLU A 56 9.32 0.47 5.63
CA GLU A 56 10.59 -0.02 6.14
C GLU A 56 11.75 0.72 5.48
N GLU A 57 11.46 1.31 4.32
CA GLU A 57 12.47 2.05 3.58
C GLU A 57 12.49 3.50 4.04
N MET A 58 11.40 4.20 3.76
CA MET A 58 11.30 5.60 4.14
C MET A 58 11.32 5.76 5.65
N LYS A 59 11.03 4.67 6.34
CA LYS A 59 11.02 4.67 7.80
C LYS A 59 9.83 5.50 8.28
N LYS A 60 8.68 5.24 7.68
CA LYS A 60 7.47 5.95 8.05
C LYS A 60 6.25 5.11 7.68
N GLY A 61 5.34 4.98 8.63
CA GLY A 61 4.13 4.20 8.42
C GLY A 61 4.09 3.00 9.35
N PRO A 62 2.97 2.27 9.28
CA PRO A 62 2.71 1.08 10.07
C PRO A 62 3.40 -0.11 9.43
N THR A 63 4.01 -0.95 10.27
CA THR A 63 4.71 -2.12 9.75
C THR A 63 4.05 -3.40 10.29
N LYS A 64 3.57 -3.30 11.52
CA LYS A 64 2.91 -4.44 12.16
C LYS A 64 1.73 -4.89 11.29
N CYS A 65 1.34 -6.14 11.49
CA CYS A 65 0.23 -6.71 10.74
C CYS A 65 -1.06 -6.02 11.19
N GLY A 66 -1.37 -6.18 12.46
CA GLY A 66 -2.56 -5.58 13.03
C GLY A 66 -2.74 -4.14 12.53
N GLU A 67 -1.62 -3.53 12.18
CA GLU A 67 -1.63 -2.17 11.68
C GLU A 67 -2.24 -2.11 10.28
N CYS A 68 -1.87 -3.09 9.48
CA CYS A 68 -2.37 -3.17 8.12
C CYS A 68 -3.64 -4.03 8.11
N HIS A 69 -3.53 -5.20 8.74
CA HIS A 69 -4.61 -6.16 8.85
C HIS A 69 -5.43 -5.89 10.13
N LYS A 70 -6.75 -5.97 10.00
CA LYS A 70 -7.62 -5.73 11.13
C LYS A 70 -7.92 -7.06 11.82
N LYS A 71 -7.21 -7.30 12.92
CA LYS A 71 -7.38 -8.52 13.67
C LYS A 71 -7.67 -8.17 15.14
N ALA A 1 -10.79 6.27 -5.35
CA ALA A 1 -11.47 6.75 -4.16
C ALA A 1 -10.43 7.17 -3.12
N ASP A 2 -10.88 7.30 -1.88
CA ASP A 2 -10.01 7.71 -0.80
C ASP A 2 -9.36 6.46 -0.18
N ASP A 3 -10.18 5.71 0.55
CA ASP A 3 -9.70 4.50 1.19
C ASP A 3 -9.89 3.31 0.24
N ILE A 4 -8.81 2.62 -0.02
CA ILE A 4 -8.84 1.46 -0.90
C ILE A 4 -8.81 0.18 -0.06
N VAL A 5 -9.91 -0.54 -0.08
CA VAL A 5 -10.02 -1.78 0.67
C VAL A 5 -9.38 -2.91 -0.14
N LEU A 6 -8.46 -3.60 0.51
CA LEU A 6 -7.77 -4.71 -0.13
C LEU A 6 -8.25 -6.03 0.48
N LYS A 7 -9.38 -6.50 -0.02
CA LYS A 7 -9.96 -7.74 0.45
C LYS A 7 -8.85 -8.78 0.64
N ALA A 8 -8.72 -9.26 1.86
CA ALA A 8 -7.71 -10.25 2.18
C ALA A 8 -8.38 -11.51 2.72
N LYS A 9 -7.69 -12.62 2.58
CA LYS A 9 -8.20 -13.90 3.05
C LYS A 9 -7.72 -14.14 4.48
N ASN A 10 -7.65 -13.06 5.24
CA ASN A 10 -7.21 -13.14 6.62
C ASN A 10 -7.09 -11.74 7.20
N GLY A 11 -8.17 -10.97 7.05
CA GLY A 11 -8.20 -9.62 7.55
C GLY A 11 -8.08 -8.61 6.41
N ASP A 12 -9.00 -7.65 6.40
CA ASP A 12 -8.99 -6.62 5.38
C ASP A 12 -7.88 -5.62 5.66
N VAL A 13 -7.60 -4.78 4.67
CA VAL A 13 -6.57 -3.78 4.80
C VAL A 13 -7.11 -2.43 4.34
N LYS A 14 -7.31 -1.55 5.32
CA LYS A 14 -7.83 -0.23 5.03
C LYS A 14 -6.67 0.73 4.76
N PHE A 15 -6.57 1.14 3.51
CA PHE A 15 -5.50 2.06 3.11
C PHE A 15 -6.08 3.32 2.45
N PRO A 16 -5.70 4.47 3.01
CA PRO A 16 -6.12 5.77 2.55
C PRO A 16 -5.24 6.21 1.39
N HIS A 17 -5.70 6.00 0.16
CA HIS A 17 -4.97 6.38 -1.04
C HIS A 17 -4.86 7.90 -1.13
N LYS A 18 -6.01 8.55 -1.27
CA LYS A 18 -6.04 10.00 -1.37
C LYS A 18 -5.06 10.60 -0.37
N ALA A 19 -4.84 9.87 0.71
CA ALA A 19 -3.92 10.31 1.75
C ALA A 19 -2.48 10.10 1.27
N HIS A 20 -2.23 8.91 0.73
CA HIS A 20 -0.92 8.53 0.22
C HIS A 20 -0.60 9.33 -1.06
N GLN A 21 -1.58 10.13 -1.48
CA GLN A 21 -1.41 10.95 -2.67
C GLN A 21 -0.80 12.31 -2.30
N LYS A 22 -0.29 12.38 -1.09
CA LYS A 22 0.32 13.60 -0.60
C LYS A 22 1.50 13.25 0.32
N ALA A 23 1.98 12.03 0.18
CA ALA A 23 3.09 11.57 0.99
C ALA A 23 4.22 11.09 0.08
N VAL A 24 3.99 11.24 -1.22
CA VAL A 24 4.98 10.82 -2.20
C VAL A 24 5.31 12.01 -3.11
N PRO A 25 6.20 12.88 -2.61
CA PRO A 25 6.65 14.07 -3.30
C PRO A 25 6.77 13.78 -4.79
N ASP A 26 7.08 12.54 -5.13
CA ASP A 26 7.22 12.16 -6.53
C ASP A 26 6.40 10.90 -6.79
N CYS A 27 5.13 11.11 -7.10
CA CYS A 27 4.23 10.00 -7.38
C CYS A 27 4.83 9.17 -8.51
N LYS A 28 4.30 7.96 -8.67
CA LYS A 28 4.77 7.07 -9.70
C LYS A 28 5.90 6.20 -9.14
N LYS A 29 5.89 6.05 -7.82
CA LYS A 29 6.91 5.26 -7.15
C LYS A 29 6.44 3.81 -7.05
N CYS A 30 5.14 3.65 -6.88
CA CYS A 30 4.55 2.33 -6.76
C CYS A 30 3.99 1.93 -8.14
N HIS A 31 3.10 2.79 -8.64
CA HIS A 31 2.46 2.58 -9.93
C HIS A 31 3.51 2.21 -10.99
N GLU A 32 4.40 3.16 -11.25
CA GLU A 32 5.46 2.96 -12.23
C GLU A 32 4.87 2.47 -13.56
N LYS A 33 4.81 3.39 -14.51
CA LYS A 33 4.27 3.07 -15.82
C LYS A 33 3.00 3.90 -16.07
N GLY A 34 2.15 3.90 -15.06
CA GLY A 34 0.90 4.65 -15.15
C GLY A 34 -0.06 4.24 -14.04
N PRO A 35 -1.26 4.83 -14.08
CA PRO A 35 -2.32 4.59 -13.13
C PRO A 35 -3.13 3.37 -13.54
N GLY A 36 -4.38 3.32 -13.15
CA GLY A 36 -5.23 2.19 -13.49
C GLY A 36 -4.96 1.00 -12.56
N LYS A 37 -5.44 -0.16 -12.99
CA LYS A 37 -5.26 -1.37 -12.20
C LYS A 37 -3.80 -1.82 -12.29
N ILE A 38 -3.13 -1.76 -11.15
CA ILE A 38 -1.73 -2.15 -11.08
C ILE A 38 -1.58 -3.55 -11.65
N GLU A 39 -0.56 -3.70 -12.50
CA GLU A 39 -0.29 -4.99 -13.12
C GLU A 39 -0.55 -6.13 -12.13
N GLY A 40 -1.77 -6.67 -12.21
CA GLY A 40 -2.16 -7.75 -11.33
C GLY A 40 -1.40 -7.69 -10.00
N PHE A 41 -1.98 -6.95 -9.07
CA PHE A 41 -1.38 -6.79 -7.75
C PHE A 41 -1.17 -8.14 -7.08
N GLY A 42 -0.16 -8.21 -6.23
CA GLY A 42 0.15 -9.43 -5.51
C GLY A 42 0.37 -9.16 -4.02
N LYS A 43 0.17 -10.20 -3.23
CA LYS A 43 0.33 -10.09 -1.79
C LYS A 43 1.82 -10.01 -1.46
N GLU A 44 2.54 -11.01 -1.93
CA GLU A 44 3.98 -11.07 -1.70
C GLU A 44 4.62 -9.70 -1.90
N MET A 45 4.13 -9.01 -2.92
CA MET A 45 4.64 -7.68 -3.24
C MET A 45 4.30 -6.69 -2.13
N ALA A 46 3.13 -6.88 -1.54
CA ALA A 46 2.67 -6.02 -0.46
C ALA A 46 3.77 -5.91 0.60
N HIS A 47 4.05 -7.04 1.24
CA HIS A 47 5.07 -7.14 2.28
C HIS A 47 6.46 -6.81 1.69
N GLY A 48 6.52 -6.77 0.36
CA GLY A 48 7.75 -6.47 -0.33
C GLY A 48 8.05 -4.97 -0.30
N LYS A 49 8.30 -4.43 -1.48
CA LYS A 49 8.60 -3.01 -1.61
C LYS A 49 7.45 -2.32 -2.34
N GLY A 50 6.23 -2.61 -1.87
CA GLY A 50 5.05 -2.02 -2.46
C GLY A 50 3.92 -1.91 -1.44
N CYS A 51 4.30 -1.71 -0.19
CA CYS A 51 3.35 -1.59 0.89
C CYS A 51 4.11 -1.40 2.20
N LYS A 52 4.81 -2.44 2.60
CA LYS A 52 5.59 -2.40 3.82
C LYS A 52 7.00 -1.88 3.51
N GLY A 53 7.69 -2.61 2.65
CA GLY A 53 9.04 -2.23 2.26
C GLY A 53 9.21 -0.72 2.27
N CYS A 54 8.33 -0.05 1.52
CA CYS A 54 8.38 1.39 1.44
C CYS A 54 8.66 1.96 2.84
N HIS A 55 7.73 1.66 3.75
CA HIS A 55 7.82 2.10 5.14
C HIS A 55 9.19 1.70 5.72
N GLU A 56 9.59 0.48 5.43
CA GLU A 56 10.87 -0.02 5.92
C GLU A 56 12.01 0.86 5.41
N GLU A 57 11.80 1.44 4.24
CA GLU A 57 12.80 2.30 3.63
C GLU A 57 12.58 3.75 4.06
N MET A 58 11.37 4.23 3.80
CA MET A 58 11.01 5.60 4.15
C MET A 58 11.01 5.79 5.67
N LYS A 59 11.12 4.68 6.37
CA LYS A 59 11.14 4.71 7.83
C LYS A 59 9.87 5.40 8.33
N LYS A 60 8.89 5.49 7.44
CA LYS A 60 7.62 6.10 7.78
C LYS A 60 6.49 5.10 7.55
N GLY A 61 5.48 5.19 8.41
CA GLY A 61 4.34 4.30 8.32
C GLY A 61 4.45 3.14 9.30
N PRO A 62 3.40 2.32 9.34
CA PRO A 62 3.29 1.16 10.20
C PRO A 62 3.72 -0.08 9.43
N THR A 63 4.36 -1.02 10.12
CA THR A 63 4.81 -2.24 9.48
C THR A 63 4.16 -3.46 10.14
N LYS A 64 3.47 -3.21 11.24
CA LYS A 64 2.80 -4.27 11.97
C LYS A 64 1.61 -4.76 11.15
N CYS A 65 1.22 -5.99 11.41
CA CYS A 65 0.09 -6.60 10.71
C CYS A 65 -1.19 -5.89 11.17
N GLY A 66 -1.48 -6.02 12.46
CA GLY A 66 -2.65 -5.40 13.04
C GLY A 66 -2.85 -3.99 12.49
N GLU A 67 -1.76 -3.39 12.05
CA GLU A 67 -1.79 -2.04 11.51
C GLU A 67 -2.39 -2.05 10.10
N CYS A 68 -1.95 -3.02 9.31
CA CYS A 68 -2.43 -3.15 7.94
C CYS A 68 -3.70 -4.02 7.97
N HIS A 69 -3.57 -5.17 8.64
CA HIS A 69 -4.68 -6.12 8.77
C HIS A 69 -5.51 -5.80 10.03
N LYS A 70 -6.74 -6.26 10.03
CA LYS A 70 -7.62 -6.03 11.16
C LYS A 70 -8.28 -7.35 11.56
N LYS A 71 -8.09 -7.71 12.82
CA LYS A 71 -8.66 -8.94 13.34
C LYS A 71 -8.51 -8.96 14.86
N ALA A 1 -11.14 6.35 -4.97
CA ALA A 1 -11.72 6.89 -3.75
C ALA A 1 -10.60 7.28 -2.79
N ASP A 2 -10.96 7.37 -1.51
CA ASP A 2 -9.99 7.73 -0.49
C ASP A 2 -9.38 6.46 0.10
N ASP A 3 -10.18 5.75 0.87
CA ASP A 3 -9.73 4.51 1.48
C ASP A 3 -9.97 3.34 0.52
N ILE A 4 -8.90 2.60 0.26
CA ILE A 4 -8.98 1.46 -0.63
C ILE A 4 -8.86 0.17 0.19
N VAL A 5 -9.96 -0.56 0.24
CA VAL A 5 -10.00 -1.81 0.98
C VAL A 5 -9.45 -2.93 0.09
N LEU A 6 -8.46 -3.64 0.62
CA LEU A 6 -7.84 -4.73 -0.10
C LEU A 6 -8.36 -6.06 0.45
N LYS A 7 -9.56 -6.43 0.01
CA LYS A 7 -10.18 -7.66 0.45
C LYS A 7 -9.10 -8.73 0.60
N ALA A 8 -8.85 -9.10 1.85
CA ALA A 8 -7.85 -10.12 2.14
C ALA A 8 -8.55 -11.40 2.61
N LYS A 9 -7.77 -12.46 2.69
CA LYS A 9 -8.30 -13.74 3.11
C LYS A 9 -8.07 -13.92 4.62
N ASN A 10 -7.26 -13.02 5.16
CA ASN A 10 -6.95 -13.06 6.58
C ASN A 10 -6.92 -11.64 7.14
N GLY A 11 -8.08 -10.99 7.05
CA GLY A 11 -8.21 -9.63 7.54
C GLY A 11 -8.04 -8.62 6.41
N ASP A 12 -8.94 -7.66 6.37
CA ASP A 12 -8.90 -6.63 5.34
C ASP A 12 -7.78 -5.64 5.67
N VAL A 13 -7.53 -4.75 4.71
CA VAL A 13 -6.48 -3.75 4.88
C VAL A 13 -7.07 -2.37 4.59
N LYS A 14 -6.86 -1.47 5.54
CA LYS A 14 -7.35 -0.10 5.39
C LYS A 14 -6.22 0.81 4.93
N PHE A 15 -6.28 1.18 3.66
CA PHE A 15 -5.26 2.04 3.08
C PHE A 15 -5.89 3.30 2.48
N PRO A 16 -5.50 4.45 3.03
CA PRO A 16 -5.97 5.75 2.62
C PRO A 16 -5.16 6.23 1.42
N HIS A 17 -5.63 5.88 0.22
CA HIS A 17 -4.95 6.26 -1.03
C HIS A 17 -4.83 7.79 -1.10
N LYS A 18 -5.97 8.46 -0.98
CA LYS A 18 -5.99 9.91 -1.03
C LYS A 18 -4.90 10.47 -0.12
N ALA A 19 -4.66 9.76 0.97
CA ALA A 19 -3.64 10.17 1.92
C ALA A 19 -2.25 9.91 1.32
N HIS A 20 -2.16 8.84 0.54
CA HIS A 20 -0.92 8.44 -0.12
C HIS A 20 -0.76 9.21 -1.44
N GLN A 21 -1.41 10.36 -1.51
CA GLN A 21 -1.34 11.20 -2.70
C GLN A 21 -0.43 12.40 -2.46
N LYS A 22 0.15 12.44 -1.27
CA LYS A 22 1.04 13.52 -0.91
C LYS A 22 2.01 13.05 0.18
N ALA A 23 2.56 11.86 -0.04
CA ALA A 23 3.49 11.28 0.92
C ALA A 23 4.55 10.47 0.16
N VAL A 24 4.64 10.75 -1.13
CA VAL A 24 5.60 10.06 -1.98
C VAL A 24 5.98 10.97 -3.15
N PRO A 25 7.11 11.66 -2.98
CA PRO A 25 7.66 12.58 -3.97
C PRO A 25 7.40 12.04 -5.36
N ASP A 26 7.40 10.72 -5.50
CA ASP A 26 7.17 10.11 -6.80
C ASP A 26 6.05 9.07 -6.67
N CYS A 27 4.83 9.56 -6.72
CA CYS A 27 3.67 8.67 -6.62
C CYS A 27 3.83 7.54 -7.63
N LYS A 28 4.67 7.78 -8.62
CA LYS A 28 4.93 6.80 -9.65
C LYS A 28 5.87 5.72 -9.11
N LYS A 29 6.16 5.84 -7.82
CA LYS A 29 7.04 4.90 -7.16
C LYS A 29 6.39 3.50 -7.20
N CYS A 30 5.10 3.49 -6.95
CA CYS A 30 4.35 2.24 -6.95
C CYS A 30 3.87 1.96 -8.37
N HIS A 31 3.08 2.89 -8.90
CA HIS A 31 2.53 2.80 -10.24
C HIS A 31 3.67 2.84 -11.28
N GLU A 32 4.31 3.99 -11.36
CA GLU A 32 5.41 4.18 -12.30
C GLU A 32 4.87 4.35 -13.72
N LYS A 33 3.82 5.13 -13.82
CA LYS A 33 3.20 5.39 -15.12
C LYS A 33 2.17 4.29 -15.42
N GLY A 34 0.97 4.49 -14.87
CA GLY A 34 -0.10 3.54 -15.07
C GLY A 34 -1.04 3.52 -13.87
N PRO A 35 -1.74 4.64 -13.68
CA PRO A 35 -2.69 4.84 -12.61
C PRO A 35 -3.64 3.66 -12.53
N GLY A 36 -4.23 3.30 -13.66
CA GLY A 36 -5.15 2.18 -13.70
C GLY A 36 -4.63 1.00 -12.88
N LYS A 37 -5.49 0.02 -12.69
CA LYS A 37 -5.13 -1.16 -11.92
C LYS A 37 -3.65 -1.48 -12.16
N ILE A 38 -2.99 -1.91 -11.10
CA ILE A 38 -1.58 -2.25 -11.18
C ILE A 38 -1.43 -3.63 -11.82
N GLU A 39 -0.44 -3.74 -12.69
CA GLU A 39 -0.18 -5.00 -13.37
C GLU A 39 -0.39 -6.17 -12.42
N GLY A 40 -1.60 -6.71 -12.45
CA GLY A 40 -1.94 -7.84 -11.60
C GLY A 40 -1.17 -7.78 -10.28
N PHE A 41 -1.80 -7.18 -9.29
CA PHE A 41 -1.19 -7.05 -7.98
C PHE A 41 -0.57 -8.37 -7.53
N GLY A 42 0.30 -8.28 -6.53
CA GLY A 42 0.97 -9.45 -6.01
C GLY A 42 1.05 -9.40 -4.48
N LYS A 43 1.11 -10.58 -3.88
CA LYS A 43 1.18 -10.69 -2.43
C LYS A 43 2.55 -10.21 -1.96
N GLU A 44 3.55 -11.05 -2.19
CA GLU A 44 4.91 -10.73 -1.80
C GLU A 44 5.19 -9.24 -2.02
N MET A 45 4.72 -8.75 -3.15
CA MET A 45 4.91 -7.34 -3.49
C MET A 45 4.42 -6.44 -2.36
N ALA A 46 3.30 -6.83 -1.77
CA ALA A 46 2.72 -6.07 -0.68
C ALA A 46 3.77 -5.89 0.43
N HIS A 47 4.10 -7.02 1.07
CA HIS A 47 5.08 -7.05 2.16
C HIS A 47 6.44 -6.55 1.64
N GLY A 48 6.55 -6.47 0.32
CA GLY A 48 7.79 -6.01 -0.29
C GLY A 48 7.81 -4.48 -0.39
N LYS A 49 8.48 -4.00 -1.44
CA LYS A 49 8.58 -2.57 -1.66
C LYS A 49 7.34 -2.08 -2.42
N GLY A 50 6.19 -2.49 -1.91
CA GLY A 50 4.93 -2.10 -2.53
C GLY A 50 3.82 -1.95 -1.47
N CYS A 51 4.27 -1.81 -0.23
CA CYS A 51 3.33 -1.65 0.88
C CYS A 51 4.13 -1.40 2.15
N LYS A 52 4.75 -2.46 2.64
CA LYS A 52 5.55 -2.38 3.86
C LYS A 52 6.97 -1.92 3.49
N GLY A 53 7.58 -2.66 2.57
CA GLY A 53 8.92 -2.34 2.12
C GLY A 53 9.16 -0.83 2.14
N CYS A 54 8.18 -0.10 1.63
CA CYS A 54 8.28 1.36 1.58
C CYS A 54 8.56 1.86 2.99
N HIS A 55 7.51 1.83 3.82
CA HIS A 55 7.57 2.28 5.21
C HIS A 55 8.95 1.90 5.80
N GLU A 56 9.34 0.66 5.58
CA GLU A 56 10.62 0.19 6.08
C GLU A 56 11.74 1.15 5.70
N GLU A 57 11.71 1.57 4.44
CA GLU A 57 12.71 2.48 3.94
C GLU A 57 12.28 3.93 4.17
N MET A 58 11.04 4.21 3.82
CA MET A 58 10.49 5.54 3.99
C MET A 58 10.62 6.01 5.44
N LYS A 59 10.81 5.04 6.32
CA LYS A 59 10.95 5.35 7.73
C LYS A 59 9.67 6.01 8.24
N LYS A 60 8.63 5.92 7.42
CA LYS A 60 7.35 6.51 7.78
C LYS A 60 6.23 5.53 7.43
N GLY A 61 5.35 5.33 8.39
CA GLY A 61 4.23 4.42 8.20
C GLY A 61 4.28 3.26 9.20
N PRO A 62 3.18 2.51 9.26
CA PRO A 62 3.01 1.37 10.13
C PRO A 62 3.51 0.12 9.43
N THR A 63 4.14 -0.78 10.18
CA THR A 63 4.65 -2.01 9.60
C THR A 63 4.00 -3.22 10.27
N LYS A 64 3.43 -2.98 11.44
CA LYS A 64 2.76 -4.04 12.18
C LYS A 64 1.60 -4.58 11.34
N CYS A 65 1.25 -5.83 11.62
CA CYS A 65 0.17 -6.48 10.92
C CYS A 65 -1.15 -5.82 11.34
N GLY A 66 -1.45 -5.96 12.64
CA GLY A 66 -2.66 -5.38 13.18
C GLY A 66 -2.90 -3.97 12.63
N GLU A 67 -1.81 -3.34 12.21
CA GLU A 67 -1.89 -2.00 11.67
C GLU A 67 -2.46 -2.03 10.25
N CYS A 68 -1.99 -3.02 9.48
CA CYS A 68 -2.45 -3.18 8.12
C CYS A 68 -3.68 -4.09 8.11
N HIS A 69 -3.52 -5.24 8.76
CA HIS A 69 -4.58 -6.23 8.88
C HIS A 69 -5.41 -5.98 10.15
N LYS A 70 -6.72 -6.12 10.01
CA LYS A 70 -7.62 -5.90 11.14
C LYS A 70 -8.68 -7.01 11.15
N LYS A 71 -8.89 -7.57 12.33
CA LYS A 71 -9.86 -8.63 12.49
C LYS A 71 -11.01 -8.14 13.38
#